data_8VO2
# 
_entry.id   8VO2 
# 
_audit_conform.dict_name       mmcif_pdbx.dic 
_audit_conform.dict_version    5.397 
_audit_conform.dict_location   http://mmcif.pdb.org/dictionaries/ascii/mmcif_pdbx.dic 
# 
loop_
_database_2.database_id 
_database_2.database_code 
_database_2.pdbx_database_accession 
_database_2.pdbx_DOI 
PDB   8VO2         pdb_00008vo2 10.2210/pdb8vo2/pdb 
WWPDB D_1000278871 ?            ?                   
# 
_pdbx_audit_revision_history.ordinal             1 
_pdbx_audit_revision_history.data_content_type   'Structure model' 
_pdbx_audit_revision_history.major_revision      1 
_pdbx_audit_revision_history.minor_revision      0 
_pdbx_audit_revision_history.revision_date       2024-10-23 
# 
_pdbx_audit_revision_details.ordinal             1 
_pdbx_audit_revision_details.revision_ordinal    1 
_pdbx_audit_revision_details.data_content_type   'Structure model' 
_pdbx_audit_revision_details.provider            repository 
_pdbx_audit_revision_details.type                'Initial release' 
_pdbx_audit_revision_details.description         ? 
_pdbx_audit_revision_details.details             ? 
# 
_pdbx_database_status.status_code                     REL 
_pdbx_database_status.status_code_sf                  REL 
_pdbx_database_status.status_code_mr                  ? 
_pdbx_database_status.entry_id                        8VO2 
_pdbx_database_status.recvd_initial_deposition_date   2024-01-14 
_pdbx_database_status.SG_entry                        N 
_pdbx_database_status.deposit_site                    RCSB 
_pdbx_database_status.process_site                    RCSB 
_pdbx_database_status.status_code_cs                  ? 
_pdbx_database_status.status_code_nmr_data            ? 
_pdbx_database_status.methods_development_category    ? 
_pdbx_database_status.pdb_format_compatible           Y 
# 
_pdbx_contact_author.id                 2 
_pdbx_contact_author.email              Kenneth.ng@uwindsor.ca 
_pdbx_contact_author.name_first         Kenneth 
_pdbx_contact_author.name_last          Ng 
_pdbx_contact_author.name_mi            ? 
_pdbx_contact_author.role               'principal investigator/group leader' 
_pdbx_contact_author.identifier_ORCID   0000-0001-7280-8445 
# 
loop_
_audit_author.name 
_audit_author.pdbx_ordinal 
_audit_author.identifier_ORCID 
'Carr, S.C.'     1 ? 
'Facchini, P.J.' 2 ? 
'Ng, K.K.S.'     3 ? 
# 
_citation.abstract                  ? 
_citation.abstract_id_CAS           ? 
_citation.book_id_ISBN              ? 
_citation.book_publisher            ? 
_citation.book_publisher_city       ? 
_citation.book_title                ? 
_citation.coordinate_linkage        ? 
_citation.country                   ? 
_citation.database_id_Medline       ? 
_citation.details                   ? 
_citation.id                        primary 
_citation.journal_abbrev            'Acta Crystallogr D Struct Biol' 
_citation.journal_id_ASTM           ? 
_citation.journal_id_CSD            ? 
_citation.journal_id_ISSN           2059-7983 
_citation.journal_full              ? 
_citation.journal_issue             ? 
_citation.journal_volume            80 
_citation.language                  ? 
_citation.page_first                675 
_citation.page_last                 685 
_citation.title                     
'Structural analysis of a ligand-triggered intermolecular disulfide switch in a major latex protein from opium poppy.' 
_citation.year                      2024 
_citation.database_id_CSD           ? 
_citation.pdbx_database_id_DOI      10.1107/S2059798324007733 
_citation.pdbx_database_id_PubMed   39207895 
_citation.pdbx_database_id_patent   ? 
_citation.unpublished_flag          ? 
# 
loop_
_citation_author.citation_id 
_citation_author.name 
_citation_author.ordinal 
_citation_author.identifier_ORCID 
primary 'Carr, S.C.'     1 0000-0001-7060-5038 
primary 'Facchini, P.J.' 2 0000-0002-7693-290X 
primary 'Ng, K.K.S.'     3 0000-0001-7280-8445 
# 
loop_
_entity.id 
_entity.type 
_entity.src_method 
_entity.pdbx_description 
_entity.formula_weight 
_entity.pdbx_number_of_molecules 
_entity.pdbx_ec 
_entity.pdbx_mutation 
_entity.pdbx_fragment 
_entity.details 
1 polymer man 'Pathogenesis related 10-10 C59S mutant' 17609.828 1   ? C59S ? ? 
2 water   nat water                                    18.015    137 ? ?    ? ? 
# 
_entity_poly.entity_id                      1 
_entity_poly.type                           'polypeptide(L)' 
_entity_poly.nstd_linkage                   no 
_entity_poly.nstd_monomer                   no 
_entity_poly.pdbx_seq_one_letter_code       
;MAHHGVSGLVGKLVTQLEVNCDADIFYKIVKHHEEVPNVIPHFFTGVQVTKGDGLVSGSIKEWNYVLEGKAMTAVEETTH
ADETRTLTHHITEGDAMKDYKKFDVIVETNPKPNGHGSVVTYSIVYEKINEDSPAPFDYLKFFHQNIVDMSAHICSSA
;
_entity_poly.pdbx_seq_one_letter_code_can   
;MAHHGVSGLVGKLVTQLEVNCDADIFYKIVKHHEEVPNVIPHFFTGVQVTKGDGLVSGSIKEWNYVLEGKAMTAVEETTH
ADETRTLTHHITEGDAMKDYKKFDVIVETNPKPNGHGSVVTYSIVYEKINEDSPAPFDYLKFFHQNIVDMSAHICSSA
;
_entity_poly.pdbx_strand_id                 A 
_entity_poly.pdbx_target_identifier         ? 
# 
_pdbx_entity_nonpoly.entity_id   2 
_pdbx_entity_nonpoly.name        water 
_pdbx_entity_nonpoly.comp_id     HOH 
# 
loop_
_entity_poly_seq.entity_id 
_entity_poly_seq.num 
_entity_poly_seq.mon_id 
_entity_poly_seq.hetero 
1 1   MET n 
1 2   ALA n 
1 3   HIS n 
1 4   HIS n 
1 5   GLY n 
1 6   VAL n 
1 7   SER n 
1 8   GLY n 
1 9   LEU n 
1 10  VAL n 
1 11  GLY n 
1 12  LYS n 
1 13  LEU n 
1 14  VAL n 
1 15  THR n 
1 16  GLN n 
1 17  LEU n 
1 18  GLU n 
1 19  VAL n 
1 20  ASN n 
1 21  CYS n 
1 22  ASP n 
1 23  ALA n 
1 24  ASP n 
1 25  ILE n 
1 26  PHE n 
1 27  TYR n 
1 28  LYS n 
1 29  ILE n 
1 30  VAL n 
1 31  LYS n 
1 32  HIS n 
1 33  HIS n 
1 34  GLU n 
1 35  GLU n 
1 36  VAL n 
1 37  PRO n 
1 38  ASN n 
1 39  VAL n 
1 40  ILE n 
1 41  PRO n 
1 42  HIS n 
1 43  PHE n 
1 44  PHE n 
1 45  THR n 
1 46  GLY n 
1 47  VAL n 
1 48  GLN n 
1 49  VAL n 
1 50  THR n 
1 51  LYS n 
1 52  GLY n 
1 53  ASP n 
1 54  GLY n 
1 55  LEU n 
1 56  VAL n 
1 57  SER n 
1 58  GLY n 
1 59  SER n 
1 60  ILE n 
1 61  LYS n 
1 62  GLU n 
1 63  TRP n 
1 64  ASN n 
1 65  TYR n 
1 66  VAL n 
1 67  LEU n 
1 68  GLU n 
1 69  GLY n 
1 70  LYS n 
1 71  ALA n 
1 72  MET n 
1 73  THR n 
1 74  ALA n 
1 75  VAL n 
1 76  GLU n 
1 77  GLU n 
1 78  THR n 
1 79  THR n 
1 80  HIS n 
1 81  ALA n 
1 82  ASP n 
1 83  GLU n 
1 84  THR n 
1 85  ARG n 
1 86  THR n 
1 87  LEU n 
1 88  THR n 
1 89  HIS n 
1 90  HIS n 
1 91  ILE n 
1 92  THR n 
1 93  GLU n 
1 94  GLY n 
1 95  ASP n 
1 96  ALA n 
1 97  MET n 
1 98  LYS n 
1 99  ASP n 
1 100 TYR n 
1 101 LYS n 
1 102 LYS n 
1 103 PHE n 
1 104 ASP n 
1 105 VAL n 
1 106 ILE n 
1 107 VAL n 
1 108 GLU n 
1 109 THR n 
1 110 ASN n 
1 111 PRO n 
1 112 LYS n 
1 113 PRO n 
1 114 ASN n 
1 115 GLY n 
1 116 HIS n 
1 117 GLY n 
1 118 SER n 
1 119 VAL n 
1 120 VAL n 
1 121 THR n 
1 122 TYR n 
1 123 SER n 
1 124 ILE n 
1 125 VAL n 
1 126 TYR n 
1 127 GLU n 
1 128 LYS n 
1 129 ILE n 
1 130 ASN n 
1 131 GLU n 
1 132 ASP n 
1 133 SER n 
1 134 PRO n 
1 135 ALA n 
1 136 PRO n 
1 137 PHE n 
1 138 ASP n 
1 139 TYR n 
1 140 LEU n 
1 141 LYS n 
1 142 PHE n 
1 143 PHE n 
1 144 HIS n 
1 145 GLN n 
1 146 ASN n 
1 147 ILE n 
1 148 VAL n 
1 149 ASP n 
1 150 MET n 
1 151 SER n 
1 152 ALA n 
1 153 HIS n 
1 154 ILE n 
1 155 CYS n 
1 156 SER n 
1 157 SER n 
1 158 ALA n 
# 
_entity_src_gen.entity_id                          1 
_entity_src_gen.pdbx_src_id                        1 
_entity_src_gen.pdbx_alt_source_flag               sample 
_entity_src_gen.pdbx_seq_type                      'Biological sequence' 
_entity_src_gen.pdbx_beg_seq_num                   1 
_entity_src_gen.pdbx_end_seq_num                   158 
_entity_src_gen.gene_src_common_name               ? 
_entity_src_gen.gene_src_genus                     ? 
_entity_src_gen.pdbx_gene_src_gene                 ? 
_entity_src_gen.gene_src_species                   ? 
_entity_src_gen.gene_src_strain                    ? 
_entity_src_gen.gene_src_tissue                    ? 
_entity_src_gen.gene_src_tissue_fraction           ? 
_entity_src_gen.gene_src_details                   ? 
_entity_src_gen.pdbx_gene_src_fragment             ? 
_entity_src_gen.pdbx_gene_src_scientific_name      'Papaver somniferum' 
_entity_src_gen.pdbx_gene_src_ncbi_taxonomy_id     3469 
_entity_src_gen.pdbx_gene_src_variant              ? 
_entity_src_gen.pdbx_gene_src_cell_line            ? 
_entity_src_gen.pdbx_gene_src_atcc                 ? 
_entity_src_gen.pdbx_gene_src_organ                ? 
_entity_src_gen.pdbx_gene_src_organelle            ? 
_entity_src_gen.pdbx_gene_src_cell                 ? 
_entity_src_gen.pdbx_gene_src_cellular_location    ? 
_entity_src_gen.host_org_common_name               ? 
_entity_src_gen.pdbx_host_org_scientific_name      'Escherichia coli' 
_entity_src_gen.pdbx_host_org_ncbi_taxonomy_id     562 
_entity_src_gen.host_org_genus                     ? 
_entity_src_gen.pdbx_host_org_gene                 ? 
_entity_src_gen.pdbx_host_org_organ                ? 
_entity_src_gen.host_org_species                   ? 
_entity_src_gen.pdbx_host_org_tissue               ? 
_entity_src_gen.pdbx_host_org_tissue_fraction      ? 
_entity_src_gen.pdbx_host_org_strain               ? 
_entity_src_gen.pdbx_host_org_variant              ? 
_entity_src_gen.pdbx_host_org_cell_line            ? 
_entity_src_gen.pdbx_host_org_atcc                 ? 
_entity_src_gen.pdbx_host_org_culture_collection   ? 
_entity_src_gen.pdbx_host_org_cell                 ? 
_entity_src_gen.pdbx_host_org_organelle            ? 
_entity_src_gen.pdbx_host_org_cellular_location    ? 
_entity_src_gen.pdbx_host_org_vector_type          ? 
_entity_src_gen.pdbx_host_org_vector               ? 
_entity_src_gen.host_org_details                   ? 
_entity_src_gen.expression_system_id               ? 
_entity_src_gen.plasmid_name                       ? 
_entity_src_gen.plasmid_details                    ? 
_entity_src_gen.pdbx_description                   ? 
# 
loop_
_chem_comp.id 
_chem_comp.type 
_chem_comp.mon_nstd_flag 
_chem_comp.name 
_chem_comp.pdbx_synonyms 
_chem_comp.formula 
_chem_comp.formula_weight 
ALA 'L-peptide linking' y ALANINE         ? 'C3 H7 N O2'     89.093  
ARG 'L-peptide linking' y ARGININE        ? 'C6 H15 N4 O2 1' 175.209 
ASN 'L-peptide linking' y ASPARAGINE      ? 'C4 H8 N2 O3'    132.118 
ASP 'L-peptide linking' y 'ASPARTIC ACID' ? 'C4 H7 N O4'     133.103 
CYS 'L-peptide linking' y CYSTEINE        ? 'C3 H7 N O2 S'   121.158 
GLN 'L-peptide linking' y GLUTAMINE       ? 'C5 H10 N2 O3'   146.144 
GLU 'L-peptide linking' y 'GLUTAMIC ACID' ? 'C5 H9 N O4'     147.129 
GLY 'peptide linking'   y GLYCINE         ? 'C2 H5 N O2'     75.067  
HIS 'L-peptide linking' y HISTIDINE       ? 'C6 H10 N3 O2 1' 156.162 
HOH non-polymer         . WATER           ? 'H2 O'           18.015  
ILE 'L-peptide linking' y ISOLEUCINE      ? 'C6 H13 N O2'    131.173 
LEU 'L-peptide linking' y LEUCINE         ? 'C6 H13 N O2'    131.173 
LYS 'L-peptide linking' y LYSINE          ? 'C6 H15 N2 O2 1' 147.195 
MET 'L-peptide linking' y METHIONINE      ? 'C5 H11 N O2 S'  149.211 
PHE 'L-peptide linking' y PHENYLALANINE   ? 'C9 H11 N O2'    165.189 
PRO 'L-peptide linking' y PROLINE         ? 'C5 H9 N O2'     115.130 
SER 'L-peptide linking' y SERINE          ? 'C3 H7 N O3'     105.093 
THR 'L-peptide linking' y THREONINE       ? 'C4 H9 N O3'     119.119 
TRP 'L-peptide linking' y TRYPTOPHAN      ? 'C11 H12 N2 O2'  204.225 
TYR 'L-peptide linking' y TYROSINE        ? 'C9 H11 N O3'    181.189 
VAL 'L-peptide linking' y VALINE          ? 'C5 H11 N O2'    117.146 
# 
loop_
_pdbx_poly_seq_scheme.asym_id 
_pdbx_poly_seq_scheme.entity_id 
_pdbx_poly_seq_scheme.seq_id 
_pdbx_poly_seq_scheme.mon_id 
_pdbx_poly_seq_scheme.ndb_seq_num 
_pdbx_poly_seq_scheme.pdb_seq_num 
_pdbx_poly_seq_scheme.auth_seq_num 
_pdbx_poly_seq_scheme.pdb_mon_id 
_pdbx_poly_seq_scheme.auth_mon_id 
_pdbx_poly_seq_scheme.pdb_strand_id 
_pdbx_poly_seq_scheme.pdb_ins_code 
_pdbx_poly_seq_scheme.hetero 
A 1 1   MET 1   1   ?   ?   ?   A . n 
A 1 2   ALA 2   2   ?   ?   ?   A . n 
A 1 3   HIS 3   3   ?   ?   ?   A . n 
A 1 4   HIS 4   4   ?   ?   ?   A . n 
A 1 5   GLY 5   5   ?   ?   ?   A . n 
A 1 6   VAL 6   6   ?   ?   ?   A . n 
A 1 7   SER 7   7   ?   ?   ?   A . n 
A 1 8   GLY 8   8   8   GLY GLY A . n 
A 1 9   LEU 9   9   9   LEU LEU A . n 
A 1 10  VAL 10  10  10  VAL VAL A . n 
A 1 11  GLY 11  11  11  GLY GLY A . n 
A 1 12  LYS 12  12  12  LYS LYS A . n 
A 1 13  LEU 13  13  13  LEU LEU A . n 
A 1 14  VAL 14  14  14  VAL VAL A . n 
A 1 15  THR 15  15  15  THR THR A . n 
A 1 16  GLN 16  16  16  GLN GLN A . n 
A 1 17  LEU 17  17  17  LEU LEU A . n 
A 1 18  GLU 18  18  18  GLU GLU A . n 
A 1 19  VAL 19  19  19  VAL VAL A . n 
A 1 20  ASN 20  20  20  ASN ASN A . n 
A 1 21  CYS 21  21  21  CYS CYS A . n 
A 1 22  ASP 22  22  22  ASP ASP A . n 
A 1 23  ALA 23  23  23  ALA ALA A . n 
A 1 24  ASP 24  24  24  ASP ASP A . n 
A 1 25  ILE 25  25  25  ILE ILE A . n 
A 1 26  PHE 26  26  26  PHE PHE A . n 
A 1 27  TYR 27  27  27  TYR TYR A . n 
A 1 28  LYS 28  28  28  LYS LYS A . n 
A 1 29  ILE 29  29  29  ILE ILE A . n 
A 1 30  VAL 30  30  30  VAL VAL A . n 
A 1 31  LYS 31  31  31  LYS LYS A . n 
A 1 32  HIS 32  32  32  HIS HIS A . n 
A 1 33  HIS 33  33  33  HIS HIS A . n 
A 1 34  GLU 34  34  34  GLU GLU A . n 
A 1 35  GLU 35  35  35  GLU GLU A . n 
A 1 36  VAL 36  36  36  VAL VAL A . n 
A 1 37  PRO 37  37  37  PRO PRO A . n 
A 1 38  ASN 38  38  38  ASN ASN A . n 
A 1 39  VAL 39  39  39  VAL VAL A . n 
A 1 40  ILE 40  40  40  ILE ILE A . n 
A 1 41  PRO 41  41  41  PRO PRO A . n 
A 1 42  HIS 42  42  42  HIS HIS A . n 
A 1 43  PHE 43  43  43  PHE PHE A . n 
A 1 44  PHE 44  44  44  PHE PHE A . n 
A 1 45  THR 45  45  45  THR THR A . n 
A 1 46  GLY 46  46  46  GLY GLY A . n 
A 1 47  VAL 47  47  47  VAL VAL A . n 
A 1 48  GLN 48  48  48  GLN GLN A . n 
A 1 49  VAL 49  49  49  VAL VAL A . n 
A 1 50  THR 50  50  50  THR THR A . n 
A 1 51  LYS 51  51  51  LYS LYS A . n 
A 1 52  GLY 52  52  52  GLY GLY A . n 
A 1 53  ASP 53  53  53  ASP ASP A . n 
A 1 54  GLY 54  54  54  GLY GLY A . n 
A 1 55  LEU 55  55  55  LEU LEU A . n 
A 1 56  VAL 56  56  56  VAL VAL A . n 
A 1 57  SER 57  57  57  SER SER A . n 
A 1 58  GLY 58  58  58  GLY GLY A . n 
A 1 59  SER 59  59  59  SER SER A . n 
A 1 60  ILE 60  60  60  ILE ILE A . n 
A 1 61  LYS 61  61  61  LYS LYS A . n 
A 1 62  GLU 62  62  62  GLU GLU A . n 
A 1 63  TRP 63  63  63  TRP TRP A . n 
A 1 64  ASN 64  64  64  ASN ASN A . n 
A 1 65  TYR 65  65  65  TYR TYR A . n 
A 1 66  VAL 66  66  66  VAL VAL A . n 
A 1 67  LEU 67  67  67  LEU LEU A . n 
A 1 68  GLU 68  68  68  GLU GLU A . n 
A 1 69  GLY 69  69  69  GLY GLY A . n 
A 1 70  LYS 70  70  70  LYS LYS A . n 
A 1 71  ALA 71  71  71  ALA ALA A . n 
A 1 72  MET 72  72  72  MET MET A . n 
A 1 73  THR 73  73  73  THR THR A . n 
A 1 74  ALA 74  74  74  ALA ALA A . n 
A 1 75  VAL 75  75  75  VAL VAL A . n 
A 1 76  GLU 76  76  76  GLU GLU A . n 
A 1 77  GLU 77  77  77  GLU GLU A . n 
A 1 78  THR 78  78  78  THR THR A . n 
A 1 79  THR 79  79  79  THR THR A . n 
A 1 80  HIS 80  80  80  HIS HIS A . n 
A 1 81  ALA 81  81  81  ALA ALA A . n 
A 1 82  ASP 82  82  82  ASP ASP A . n 
A 1 83  GLU 83  83  83  GLU GLU A . n 
A 1 84  THR 84  84  84  THR THR A . n 
A 1 85  ARG 85  85  85  ARG ARG A . n 
A 1 86  THR 86  86  86  THR THR A . n 
A 1 87  LEU 87  87  87  LEU LEU A . n 
A 1 88  THR 88  88  88  THR THR A . n 
A 1 89  HIS 89  89  89  HIS HIS A . n 
A 1 90  HIS 90  90  90  HIS HIS A . n 
A 1 91  ILE 91  91  91  ILE ILE A . n 
A 1 92  THR 92  92  92  THR THR A . n 
A 1 93  GLU 93  93  93  GLU GLU A . n 
A 1 94  GLY 94  94  94  GLY GLY A . n 
A 1 95  ASP 95  95  95  ASP ASP A . n 
A 1 96  ALA 96  96  96  ALA ALA A . n 
A 1 97  MET 97  97  97  MET MET A . n 
A 1 98  LYS 98  98  98  LYS LYS A . n 
A 1 99  ASP 99  99  99  ASP ASP A . n 
A 1 100 TYR 100 100 100 TYR TYR A . n 
A 1 101 LYS 101 101 101 LYS LYS A . n 
A 1 102 LYS 102 102 102 LYS LYS A . n 
A 1 103 PHE 103 103 103 PHE PHE A . n 
A 1 104 ASP 104 104 104 ASP ASP A . n 
A 1 105 VAL 105 105 105 VAL VAL A . n 
A 1 106 ILE 106 106 106 ILE ILE A . n 
A 1 107 VAL 107 107 107 VAL VAL A . n 
A 1 108 GLU 108 108 108 GLU GLU A . n 
A 1 109 THR 109 109 109 THR THR A . n 
A 1 110 ASN 110 110 110 ASN ASN A . n 
A 1 111 PRO 111 111 111 PRO PRO A . n 
A 1 112 LYS 112 112 112 LYS LYS A . n 
A 1 113 PRO 113 113 113 PRO PRO A . n 
A 1 114 ASN 114 114 114 ASN ASN A . n 
A 1 115 GLY 115 115 ?   ?   ?   A . n 
A 1 116 HIS 116 116 ?   ?   ?   A . n 
A 1 117 GLY 117 117 117 GLY GLY A . n 
A 1 118 SER 118 118 118 SER SER A . n 
A 1 119 VAL 119 119 119 VAL VAL A . n 
A 1 120 VAL 120 120 120 VAL VAL A . n 
A 1 121 THR 121 121 121 THR THR A . n 
A 1 122 TYR 122 122 122 TYR TYR A . n 
A 1 123 SER 123 123 123 SER SER A . n 
A 1 124 ILE 124 124 124 ILE ILE A . n 
A 1 125 VAL 125 125 125 VAL VAL A . n 
A 1 126 TYR 126 126 126 TYR TYR A . n 
A 1 127 GLU 127 127 127 GLU GLU A . n 
A 1 128 LYS 128 128 128 LYS LYS A . n 
A 1 129 ILE 129 129 129 ILE ILE A . n 
A 1 130 ASN 130 130 130 ASN ASN A . n 
A 1 131 GLU 131 131 131 GLU GLU A . n 
A 1 132 ASP 132 132 132 ASP ASP A . n 
A 1 133 SER 133 133 133 SER SER A . n 
A 1 134 PRO 134 134 134 PRO PRO A . n 
A 1 135 ALA 135 135 135 ALA ALA A . n 
A 1 136 PRO 136 136 136 PRO PRO A . n 
A 1 137 PHE 137 137 137 PHE PHE A . n 
A 1 138 ASP 138 138 138 ASP ASP A . n 
A 1 139 TYR 139 139 139 TYR TYR A . n 
A 1 140 LEU 140 140 140 LEU LEU A . n 
A 1 141 LYS 141 141 141 LYS LYS A . n 
A 1 142 PHE 142 142 142 PHE PHE A . n 
A 1 143 PHE 143 143 143 PHE PHE A . n 
A 1 144 HIS 144 144 144 HIS HIS A . n 
A 1 145 GLN 145 145 145 GLN GLN A . n 
A 1 146 ASN 146 146 146 ASN ASN A . n 
A 1 147 ILE 147 147 147 ILE ILE A . n 
A 1 148 VAL 148 148 148 VAL VAL A . n 
A 1 149 ASP 149 149 149 ASP ASP A . n 
A 1 150 MET 150 150 150 MET MET A . n 
A 1 151 SER 151 151 151 SER SER A . n 
A 1 152 ALA 152 152 152 ALA ALA A . n 
A 1 153 HIS 153 153 153 HIS HIS A . n 
A 1 154 ILE 154 154 154 ILE ILE A . n 
A 1 155 CYS 155 155 155 CYS CYS A . n 
A 1 156 SER 156 156 156 SER SER A . n 
A 1 157 SER 157 157 157 SER SER A . n 
A 1 158 ALA 158 158 ?   ?   ?   A . n 
# 
loop_
_pdbx_nonpoly_scheme.asym_id 
_pdbx_nonpoly_scheme.entity_id 
_pdbx_nonpoly_scheme.mon_id 
_pdbx_nonpoly_scheme.ndb_seq_num 
_pdbx_nonpoly_scheme.pdb_seq_num 
_pdbx_nonpoly_scheme.auth_seq_num 
_pdbx_nonpoly_scheme.pdb_mon_id 
_pdbx_nonpoly_scheme.auth_mon_id 
_pdbx_nonpoly_scheme.pdb_strand_id 
_pdbx_nonpoly_scheme.pdb_ins_code 
B 2 HOH 1   201 88  HOH HOH A . 
B 2 HOH 2   202 65  HOH HOH A . 
B 2 HOH 3   203 143 HOH HOH A . 
B 2 HOH 4   204 74  HOH HOH A . 
B 2 HOH 5   205 123 HOH HOH A . 
B 2 HOH 6   206 90  HOH HOH A . 
B 2 HOH 7   207 56  HOH HOH A . 
B 2 HOH 8   208 8   HOH HOH A . 
B 2 HOH 9   209 40  HOH HOH A . 
B 2 HOH 10  210 49  HOH HOH A . 
B 2 HOH 11  211 45  HOH HOH A . 
B 2 HOH 12  212 22  HOH HOH A . 
B 2 HOH 13  213 14  HOH HOH A . 
B 2 HOH 14  214 70  HOH HOH A . 
B 2 HOH 15  215 69  HOH HOH A . 
B 2 HOH 16  216 63  HOH HOH A . 
B 2 HOH 17  217 91  HOH HOH A . 
B 2 HOH 18  218 54  HOH HOH A . 
B 2 HOH 19  219 109 HOH HOH A . 
B 2 HOH 20  220 15  HOH HOH A . 
B 2 HOH 21  221 106 HOH HOH A . 
B 2 HOH 22  222 9   HOH HOH A . 
B 2 HOH 23  223 110 HOH HOH A . 
B 2 HOH 24  224 117 HOH HOH A . 
B 2 HOH 25  225 1   HOH HOH A . 
B 2 HOH 26  226 2   HOH HOH A . 
B 2 HOH 27  227 48  HOH HOH A . 
B 2 HOH 28  228 33  HOH HOH A . 
B 2 HOH 29  229 31  HOH HOH A . 
B 2 HOH 30  230 17  HOH HOH A . 
B 2 HOH 31  231 3   HOH HOH A . 
B 2 HOH 32  232 83  HOH HOH A . 
B 2 HOH 33  233 115 HOH HOH A . 
B 2 HOH 34  234 20  HOH HOH A . 
B 2 HOH 35  235 6   HOH HOH A . 
B 2 HOH 36  236 51  HOH HOH A . 
B 2 HOH 37  237 50  HOH HOH A . 
B 2 HOH 38  238 11  HOH HOH A . 
B 2 HOH 39  239 112 HOH HOH A . 
B 2 HOH 40  240 52  HOH HOH A . 
B 2 HOH 41  241 16  HOH HOH A . 
B 2 HOH 42  242 10  HOH HOH A . 
B 2 HOH 43  243 43  HOH HOH A . 
B 2 HOH 44  244 26  HOH HOH A . 
B 2 HOH 45  245 4   HOH HOH A . 
B 2 HOH 46  246 18  HOH HOH A . 
B 2 HOH 47  247 122 HOH HOH A . 
B 2 HOH 48  248 79  HOH HOH A . 
B 2 HOH 49  249 5   HOH HOH A . 
B 2 HOH 50  250 100 HOH HOH A . 
B 2 HOH 51  251 7   HOH HOH A . 
B 2 HOH 52  252 60  HOH HOH A . 
B 2 HOH 53  253 39  HOH HOH A . 
B 2 HOH 54  254 96  HOH HOH A . 
B 2 HOH 55  255 114 HOH HOH A . 
B 2 HOH 56  256 29  HOH HOH A . 
B 2 HOH 57  257 55  HOH HOH A . 
B 2 HOH 58  258 66  HOH HOH A . 
B 2 HOH 59  259 81  HOH HOH A . 
B 2 HOH 60  260 36  HOH HOH A . 
B 2 HOH 61  261 37  HOH HOH A . 
B 2 HOH 62  262 80  HOH HOH A . 
B 2 HOH 63  263 23  HOH HOH A . 
B 2 HOH 64  264 61  HOH HOH A . 
B 2 HOH 65  265 76  HOH HOH A . 
B 2 HOH 66  266 38  HOH HOH A . 
B 2 HOH 67  267 13  HOH HOH A . 
B 2 HOH 68  268 25  HOH HOH A . 
B 2 HOH 69  269 139 HOH HOH A . 
B 2 HOH 70  270 103 HOH HOH A . 
B 2 HOH 71  271 32  HOH HOH A . 
B 2 HOH 72  272 89  HOH HOH A . 
B 2 HOH 73  273 92  HOH HOH A . 
B 2 HOH 74  274 64  HOH HOH A . 
B 2 HOH 75  275 42  HOH HOH A . 
B 2 HOH 76  276 82  HOH HOH A . 
B 2 HOH 77  277 41  HOH HOH A . 
B 2 HOH 78  278 28  HOH HOH A . 
B 2 HOH 79  279 71  HOH HOH A . 
B 2 HOH 80  280 78  HOH HOH A . 
B 2 HOH 81  281 19  HOH HOH A . 
B 2 HOH 82  282 35  HOH HOH A . 
B 2 HOH 83  283 21  HOH HOH A . 
B 2 HOH 84  284 140 HOH HOH A . 
B 2 HOH 85  285 34  HOH HOH A . 
B 2 HOH 86  286 12  HOH HOH A . 
B 2 HOH 87  287 62  HOH HOH A . 
B 2 HOH 88  288 84  HOH HOH A . 
B 2 HOH 89  289 147 HOH HOH A . 
B 2 HOH 90  290 30  HOH HOH A . 
B 2 HOH 91  291 144 HOH HOH A . 
B 2 HOH 92  292 72  HOH HOH A . 
B 2 HOH 93  293 142 HOH HOH A . 
B 2 HOH 94  294 57  HOH HOH A . 
B 2 HOH 95  295 108 HOH HOH A . 
B 2 HOH 96  296 24  HOH HOH A . 
B 2 HOH 97  297 67  HOH HOH A . 
B 2 HOH 98  298 102 HOH HOH A . 
B 2 HOH 99  299 27  HOH HOH A . 
B 2 HOH 100 300 73  HOH HOH A . 
B 2 HOH 101 301 119 HOH HOH A . 
B 2 HOH 102 302 93  HOH HOH A . 
B 2 HOH 103 303 47  HOH HOH A . 
B 2 HOH 104 304 53  HOH HOH A . 
B 2 HOH 105 305 127 HOH HOH A . 
B 2 HOH 106 306 97  HOH HOH A . 
B 2 HOH 107 307 94  HOH HOH A . 
B 2 HOH 108 308 75  HOH HOH A . 
B 2 HOH 109 309 58  HOH HOH A . 
B 2 HOH 110 310 138 HOH HOH A . 
B 2 HOH 111 311 95  HOH HOH A . 
B 2 HOH 112 312 68  HOH HOH A . 
B 2 HOH 113 313 98  HOH HOH A . 
B 2 HOH 114 314 134 HOH HOH A . 
B 2 HOH 115 315 105 HOH HOH A . 
B 2 HOH 116 316 99  HOH HOH A . 
B 2 HOH 117 317 149 HOH HOH A . 
B 2 HOH 118 318 59  HOH HOH A . 
B 2 HOH 119 319 118 HOH HOH A . 
B 2 HOH 120 320 44  HOH HOH A . 
B 2 HOH 121 321 135 HOH HOH A . 
B 2 HOH 122 322 129 HOH HOH A . 
B 2 HOH 123 323 133 HOH HOH A . 
B 2 HOH 124 324 150 HOH HOH A . 
B 2 HOH 125 325 87  HOH HOH A . 
B 2 HOH 126 326 101 HOH HOH A . 
B 2 HOH 127 327 86  HOH HOH A . 
B 2 HOH 128 328 113 HOH HOH A . 
B 2 HOH 129 329 111 HOH HOH A . 
B 2 HOH 130 330 107 HOH HOH A . 
B 2 HOH 131 331 120 HOH HOH A . 
B 2 HOH 132 332 77  HOH HOH A . 
B 2 HOH 133 333 148 HOH HOH A . 
B 2 HOH 134 334 141 HOH HOH A . 
B 2 HOH 135 335 121 HOH HOH A . 
B 2 HOH 136 336 85  HOH HOH A . 
B 2 HOH 137 337 116 HOH HOH A . 
# 
loop_
_software.citation_id 
_software.classification 
_software.compiler_name 
_software.compiler_version 
_software.contact_author 
_software.contact_author_email 
_software.date 
_software.description 
_software.dependencies 
_software.hardware 
_software.language 
_software.location 
_software.mods 
_software.name 
_software.os 
_software.os_version 
_software.type 
_software.version 
_software.pdbx_ordinal 
? 'data collection' ? ? ? ? ? ? ? ? ? ? ? Blu-Ice ? ? ? .           1 
? refinement        ? ? ? ? ? ? ? ? ? ? ? PHENIX  ? ? ? 1.18.2-3874 2 
? 'data reduction'  ? ? ? ? ? ? ? ? ? ? ? XDS     ? ? ? .           3 
? 'data scaling'    ? ? ? ? ? ? ? ? ? ? ? XSCALE  ? ? ? .           4 
? phasing           ? ? ? ? ? ? ? ? ? ? ? PHASER  ? ? ? .           5 
# 
_cell.angle_alpha                  90.000 
_cell.angle_alpha_esd              ? 
_cell.angle_beta                   90.000 
_cell.angle_beta_esd               ? 
_cell.angle_gamma                  90.000 
_cell.angle_gamma_esd              ? 
_cell.entry_id                     8VO2 
_cell.details                      ? 
_cell.formula_units_Z              ? 
_cell.length_a                     48.870 
_cell.length_a_esd                 ? 
_cell.length_b                     71.087 
_cell.length_b_esd                 ? 
_cell.length_c                     91.858 
_cell.length_c_esd                 ? 
_cell.volume                       319116.072 
_cell.volume_esd                   ? 
_cell.Z_PDB                        8 
_cell.reciprocal_angle_alpha       ? 
_cell.reciprocal_angle_beta        ? 
_cell.reciprocal_angle_gamma       ? 
_cell.reciprocal_angle_alpha_esd   ? 
_cell.reciprocal_angle_beta_esd    ? 
_cell.reciprocal_angle_gamma_esd   ? 
_cell.reciprocal_length_a          ? 
_cell.reciprocal_length_b          ? 
_cell.reciprocal_length_c          ? 
_cell.reciprocal_length_a_esd      ? 
_cell.reciprocal_length_b_esd      ? 
_cell.reciprocal_length_c_esd      ? 
_cell.pdbx_unique_axis             ? 
_cell.pdbx_esd_method              ? 
# 
_symmetry.entry_id                         8VO2 
_symmetry.cell_setting                     ? 
_symmetry.Int_Tables_number                20 
_symmetry.space_group_name_Hall            'C 2c 2' 
_symmetry.space_group_name_H-M             'C 2 2 21' 
_symmetry.pdbx_full_space_group_name_H-M   ? 
# 
_exptl.absorpt_coefficient_mu     ? 
_exptl.absorpt_correction_T_max   ? 
_exptl.absorpt_correction_T_min   ? 
_exptl.absorpt_correction_type    ? 
_exptl.absorpt_process_details    ? 
_exptl.entry_id                   8VO2 
_exptl.crystals_number            1 
_exptl.details                    ? 
_exptl.method                     'X-RAY DIFFRACTION' 
_exptl.method_details             ? 
# 
_exptl_crystal.colour                       ? 
_exptl_crystal.density_diffrn               ? 
_exptl_crystal.density_Matthews             2.27 
_exptl_crystal.density_method               ? 
_exptl_crystal.density_percent_sol          45.70 
_exptl_crystal.description                  ? 
_exptl_crystal.F_000                        ? 
_exptl_crystal.id                           1 
_exptl_crystal.preparation                  ? 
_exptl_crystal.size_max                     ? 
_exptl_crystal.size_mid                     ? 
_exptl_crystal.size_min                     ? 
_exptl_crystal.size_rad                     ? 
_exptl_crystal.colour_lustre                ? 
_exptl_crystal.colour_modifier              ? 
_exptl_crystal.colour_primary               ? 
_exptl_crystal.density_meas                 ? 
_exptl_crystal.density_meas_esd             ? 
_exptl_crystal.density_meas_gt              ? 
_exptl_crystal.density_meas_lt              ? 
_exptl_crystal.density_meas_temp            ? 
_exptl_crystal.density_meas_temp_esd        ? 
_exptl_crystal.density_meas_temp_gt         ? 
_exptl_crystal.density_meas_temp_lt         ? 
_exptl_crystal.pdbx_crystal_image_url       ? 
_exptl_crystal.pdbx_crystal_image_format    ? 
_exptl_crystal.pdbx_mosaicity               ? 
_exptl_crystal.pdbx_mosaicity_esd           ? 
_exptl_crystal.pdbx_mosaic_method           ? 
_exptl_crystal.pdbx_mosaic_block_size       ? 
_exptl_crystal.pdbx_mosaic_block_size_esd   ? 
# 
_exptl_crystal_grow.apparatus       ? 
_exptl_crystal_grow.atmosphere      ? 
_exptl_crystal_grow.crystal_id      1 
_exptl_crystal_grow.details         ? 
_exptl_crystal_grow.method          'VAPOR DIFFUSION, HANGING DROP' 
_exptl_crystal_grow.method_ref      ? 
_exptl_crystal_grow.pH              ? 
_exptl_crystal_grow.pressure        ? 
_exptl_crystal_grow.pressure_esd    ? 
_exptl_crystal_grow.seeding         ? 
_exptl_crystal_grow.seeding_ref     ? 
_exptl_crystal_grow.temp_details    ? 
_exptl_crystal_grow.temp_esd        ? 
_exptl_crystal_grow.time            ? 
_exptl_crystal_grow.pdbx_details    '18% polyethylene glycol 3350, 0.1M Bis-Tris pH 5.5, 0.2M sodium chloride' 
_exptl_crystal_grow.pdbx_pH_range   5.5 
_exptl_crystal_grow.temp            297 
# 
_diffrn.ambient_environment              ? 
_diffrn.ambient_temp                     100 
_diffrn.ambient_temp_details             ? 
_diffrn.ambient_temp_esd                 ? 
_diffrn.crystal_id                       1 
_diffrn.crystal_support                  ? 
_diffrn.crystal_treatment                ? 
_diffrn.details                          ? 
_diffrn.id                               1 
_diffrn.ambient_pressure                 ? 
_diffrn.ambient_pressure_esd             ? 
_diffrn.ambient_pressure_gt              ? 
_diffrn.ambient_pressure_lt              ? 
_diffrn.ambient_temp_gt                  ? 
_diffrn.ambient_temp_lt                  ? 
_diffrn.pdbx_serial_crystal_experiment   N 
# 
_diffrn_detector.details                      ? 
_diffrn_detector.detector                     PIXEL 
_diffrn_detector.diffrn_id                    1 
_diffrn_detector.type                         'DECTRIS PILATUS 6M' 
_diffrn_detector.area_resol_mean              ? 
_diffrn_detector.dtime                        ? 
_diffrn_detector.pdbx_frames_total            ? 
_diffrn_detector.pdbx_collection_time_total   ? 
_diffrn_detector.pdbx_collection_date         2022-04-19 
_diffrn_detector.pdbx_frequency               ? 
_diffrn_detector.id                           ? 
_diffrn_detector.number_of_axes               ? 
# 
_diffrn_radiation.collimation                      ? 
_diffrn_radiation.diffrn_id                        1 
_diffrn_radiation.filter_edge                      ? 
_diffrn_radiation.inhomogeneity                    ? 
_diffrn_radiation.monochromator                    ? 
_diffrn_radiation.polarisn_norm                    ? 
_diffrn_radiation.polarisn_ratio                   ? 
_diffrn_radiation.probe                            ? 
_diffrn_radiation.type                             ? 
_diffrn_radiation.xray_symbol                      ? 
_diffrn_radiation.wavelength_id                    1 
_diffrn_radiation.pdbx_monochromatic_or_laue_m_l   M 
_diffrn_radiation.pdbx_wavelength_list             ? 
_diffrn_radiation.pdbx_wavelength                  ? 
_diffrn_radiation.pdbx_diffrn_protocol             'SINGLE WAVELENGTH' 
_diffrn_radiation.pdbx_analyzer                    ? 
_diffrn_radiation.pdbx_scattering_type             x-ray 
# 
_diffrn_radiation_wavelength.id           1 
_diffrn_radiation_wavelength.wavelength   0.98 
_diffrn_radiation_wavelength.wt           1.0 
# 
_diffrn_source.current                     ? 
_diffrn_source.details                     ? 
_diffrn_source.diffrn_id                   1 
_diffrn_source.power                       ? 
_diffrn_source.size                        ? 
_diffrn_source.source                      SYNCHROTRON 
_diffrn_source.target                      ? 
_diffrn_source.type                        'SSRL BEAMLINE BL12-2' 
_diffrn_source.voltage                     ? 
_diffrn_source.take-off_angle              ? 
_diffrn_source.pdbx_wavelength_list        0.98 
_diffrn_source.pdbx_wavelength             ? 
_diffrn_source.pdbx_synchrotron_beamline   BL12-2 
_diffrn_source.pdbx_synchrotron_site       SSRL 
# 
_reflns.B_iso_Wilson_estimate                          21.80 
_reflns.entry_id                                       8VO2 
_reflns.data_reduction_details                         ? 
_reflns.data_reduction_method                          ? 
_reflns.d_resolution_high                              1.5 
_reflns.d_resolution_low                               36.88 
_reflns.details                                        ? 
_reflns.limit_h_max                                    ? 
_reflns.limit_h_min                                    ? 
_reflns.limit_k_max                                    ? 
_reflns.limit_k_min                                    ? 
_reflns.limit_l_max                                    ? 
_reflns.limit_l_min                                    ? 
_reflns.number_all                                     ? 
_reflns.number_obs                                     25883 
_reflns.observed_criterion                             ? 
_reflns.observed_criterion_F_max                       ? 
_reflns.observed_criterion_F_min                       ? 
_reflns.observed_criterion_I_max                       ? 
_reflns.observed_criterion_I_min                       ? 
_reflns.observed_criterion_sigma_F                     ? 
_reflns.observed_criterion_sigma_I                     ? 
_reflns.percent_possible_obs                           99.2 
_reflns.R_free_details                                 ? 
_reflns.Rmerge_F_all                                   ? 
_reflns.Rmerge_F_obs                                   ? 
_reflns.Friedel_coverage                               ? 
_reflns.number_gt                                      ? 
_reflns.threshold_expression                           ? 
_reflns.pdbx_redundancy                                10.3 
_reflns.pdbx_netI_over_av_sigmaI                       ? 
_reflns.pdbx_netI_over_sigmaI                          25.32 
_reflns.pdbx_res_netI_over_av_sigmaI_2                 ? 
_reflns.pdbx_res_netI_over_sigmaI_2                    ? 
_reflns.pdbx_chi_squared                               ? 
_reflns.pdbx_scaling_rejects                           ? 
_reflns.pdbx_d_res_high_opt                            ? 
_reflns.pdbx_d_res_low_opt                             ? 
_reflns.pdbx_d_res_opt_method                          ? 
_reflns.phase_calculation_details                      ? 
_reflns.pdbx_Rrim_I_all                                ? 
_reflns.pdbx_Rpim_I_all                                ? 
_reflns.pdbx_d_opt                                     ? 
_reflns.pdbx_number_measured_all                       ? 
_reflns.pdbx_diffrn_id                                 1 
_reflns.pdbx_ordinal                                   1 
_reflns.pdbx_CC_half                                   0.998 
_reflns.pdbx_CC_star                                   ? 
_reflns.pdbx_R_split                                   ? 
_reflns.pdbx_Rmerge_I_obs                              0.046 
_reflns.pdbx_Rmerge_I_all                              ? 
_reflns.pdbx_Rsym_value                                ? 
_reflns.pdbx_CC_split_method                           ? 
_reflns.pdbx_aniso_diffraction_limit_axis_1_ortho[1]   ? 
_reflns.pdbx_aniso_diffraction_limit_axis_1_ortho[2]   ? 
_reflns.pdbx_aniso_diffraction_limit_axis_1_ortho[3]   ? 
_reflns.pdbx_aniso_diffraction_limit_axis_2_ortho[1]   ? 
_reflns.pdbx_aniso_diffraction_limit_axis_2_ortho[2]   ? 
_reflns.pdbx_aniso_diffraction_limit_axis_2_ortho[3]   ? 
_reflns.pdbx_aniso_diffraction_limit_axis_3_ortho[1]   ? 
_reflns.pdbx_aniso_diffraction_limit_axis_3_ortho[2]   ? 
_reflns.pdbx_aniso_diffraction_limit_axis_3_ortho[3]   ? 
_reflns.pdbx_aniso_diffraction_limit_1                 ? 
_reflns.pdbx_aniso_diffraction_limit_2                 ? 
_reflns.pdbx_aniso_diffraction_limit_3                 ? 
_reflns.pdbx_aniso_B_tensor_eigenvector_1_ortho[1]     ? 
_reflns.pdbx_aniso_B_tensor_eigenvector_1_ortho[2]     ? 
_reflns.pdbx_aniso_B_tensor_eigenvector_1_ortho[3]     ? 
_reflns.pdbx_aniso_B_tensor_eigenvector_2_ortho[1]     ? 
_reflns.pdbx_aniso_B_tensor_eigenvector_2_ortho[2]     ? 
_reflns.pdbx_aniso_B_tensor_eigenvector_2_ortho[3]     ? 
_reflns.pdbx_aniso_B_tensor_eigenvector_3_ortho[1]     ? 
_reflns.pdbx_aniso_B_tensor_eigenvector_3_ortho[2]     ? 
_reflns.pdbx_aniso_B_tensor_eigenvector_3_ortho[3]     ? 
_reflns.pdbx_aniso_B_tensor_eigenvalue_1               ? 
_reflns.pdbx_aniso_B_tensor_eigenvalue_2               ? 
_reflns.pdbx_aniso_B_tensor_eigenvalue_3               ? 
_reflns.pdbx_orthogonalization_convention              ? 
_reflns.pdbx_percent_possible_ellipsoidal              ? 
_reflns.pdbx_percent_possible_spherical                ? 
_reflns.pdbx_percent_possible_ellipsoidal_anomalous    ? 
_reflns.pdbx_percent_possible_spherical_anomalous      ? 
_reflns.pdbx_redundancy_anomalous                      ? 
_reflns.pdbx_CC_half_anomalous                         ? 
_reflns.pdbx_absDiff_over_sigma_anomalous              ? 
_reflns.pdbx_percent_possible_anomalous                ? 
_reflns.pdbx_observed_signal_threshold                 ? 
_reflns.pdbx_signal_type                               ? 
_reflns.pdbx_signal_details                            ? 
_reflns.pdbx_signal_software_id                        ? 
# 
_reflns_shell.d_res_high                                    1.50 
_reflns_shell.d_res_low                                     1.54 
_reflns_shell.meanI_over_sigI_all                           ? 
_reflns_shell.meanI_over_sigI_obs                           1.76 
_reflns_shell.number_measured_all                           ? 
_reflns_shell.number_measured_obs                           ? 
_reflns_shell.number_possible                               ? 
_reflns_shell.number_unique_all                             ? 
_reflns_shell.number_unique_obs                             1804 
_reflns_shell.percent_possible_obs                          ? 
_reflns_shell.Rmerge_F_all                                  ? 
_reflns_shell.Rmerge_F_obs                                  ? 
_reflns_shell.meanI_over_sigI_gt                            ? 
_reflns_shell.meanI_over_uI_all                             ? 
_reflns_shell.meanI_over_uI_gt                              ? 
_reflns_shell.number_measured_gt                            ? 
_reflns_shell.number_unique_gt                              ? 
_reflns_shell.percent_possible_gt                           ? 
_reflns_shell.Rmerge_F_gt                                   ? 
_reflns_shell.Rmerge_I_gt                                   ? 
_reflns_shell.pdbx_redundancy                               ? 
_reflns_shell.pdbx_chi_squared                              ? 
_reflns_shell.pdbx_netI_over_sigmaI_all                     ? 
_reflns_shell.pdbx_netI_over_sigmaI_obs                     ? 
_reflns_shell.pdbx_Rrim_I_all                               ? 
_reflns_shell.pdbx_Rpim_I_all                               ? 
_reflns_shell.pdbx_rejects                                  ? 
_reflns_shell.pdbx_ordinal                                  1 
_reflns_shell.pdbx_diffrn_id                                1 
_reflns_shell.pdbx_CC_half                                  0.773 
_reflns_shell.pdbx_CC_star                                  ? 
_reflns_shell.pdbx_R_split                                  ? 
_reflns_shell.percent_possible_all                          ? 
_reflns_shell.Rmerge_I_all                                  ? 
_reflns_shell.Rmerge_I_obs                                  ? 
_reflns_shell.pdbx_Rsym_value                               1.101 
_reflns_shell.pdbx_percent_possible_ellipsoidal             ? 
_reflns_shell.pdbx_percent_possible_spherical               ? 
_reflns_shell.pdbx_percent_possible_ellipsoidal_anomalous   ? 
_reflns_shell.pdbx_percent_possible_spherical_anomalous     ? 
_reflns_shell.pdbx_redundancy_anomalous                     ? 
_reflns_shell.pdbx_CC_half_anomalous                        ? 
_reflns_shell.pdbx_absDiff_over_sigma_anomalous             ? 
_reflns_shell.pdbx_percent_possible_anomalous               ? 
# 
_refine.aniso_B[1][1]                            ? 
_refine.aniso_B[1][2]                            ? 
_refine.aniso_B[1][3]                            ? 
_refine.aniso_B[2][2]                            ? 
_refine.aniso_B[2][3]                            ? 
_refine.aniso_B[3][3]                            ? 
_refine.B_iso_max                                ? 
_refine.B_iso_mean                               30.39 
_refine.B_iso_min                                ? 
_refine.correlation_coeff_Fo_to_Fc               ? 
_refine.correlation_coeff_Fo_to_Fc_free          ? 
_refine.details                                  ? 
_refine.diff_density_max                         ? 
_refine.diff_density_max_esd                     ? 
_refine.diff_density_min                         ? 
_refine.diff_density_min_esd                     ? 
_refine.diff_density_rms                         ? 
_refine.diff_density_rms_esd                     ? 
_refine.entry_id                                 8VO2 
_refine.pdbx_refine_id                           'X-RAY DIFFRACTION' 
_refine.ls_abs_structure_details                 ? 
_refine.ls_abs_structure_Flack                   ? 
_refine.ls_abs_structure_Flack_esd               ? 
_refine.ls_abs_structure_Rogers                  ? 
_refine.ls_abs_structure_Rogers_esd              ? 
_refine.ls_d_res_high                            1.50 
_refine.ls_d_res_low                             36.88 
_refine.ls_extinction_coef                       ? 
_refine.ls_extinction_coef_esd                   ? 
_refine.ls_extinction_expression                 ? 
_refine.ls_extinction_method                     ? 
_refine.ls_goodness_of_fit_all                   ? 
_refine.ls_goodness_of_fit_all_esd               ? 
_refine.ls_goodness_of_fit_obs                   ? 
_refine.ls_goodness_of_fit_obs_esd               ? 
_refine.ls_hydrogen_treatment                    ? 
_refine.ls_matrix_type                           ? 
_refine.ls_number_constraints                    ? 
_refine.ls_number_parameters                     ? 
_refine.ls_number_reflns_all                     ? 
_refine.ls_number_reflns_obs                     25848 
_refine.ls_number_reflns_R_free                  1999 
_refine.ls_number_reflns_R_work                  23849 
_refine.ls_number_restraints                     ? 
_refine.ls_percent_reflns_obs                    99.21 
_refine.ls_percent_reflns_R_free                 7.73 
_refine.ls_R_factor_all                          ? 
_refine.ls_R_factor_obs                          0.2056 
_refine.ls_R_factor_R_free                       0.2377 
_refine.ls_R_factor_R_free_error                 ? 
_refine.ls_R_factor_R_free_error_details         ? 
_refine.ls_R_factor_R_work                       0.2030 
_refine.ls_R_Fsqd_factor_obs                     ? 
_refine.ls_R_I_factor_obs                        ? 
_refine.ls_redundancy_reflns_all                 ? 
_refine.ls_redundancy_reflns_obs                 ? 
_refine.ls_restrained_S_all                      ? 
_refine.ls_restrained_S_obs                      ? 
_refine.ls_shift_over_esd_max                    ? 
_refine.ls_shift_over_esd_mean                   ? 
_refine.ls_structure_factor_coef                 ? 
_refine.ls_weighting_details                     ? 
_refine.ls_weighting_scheme                      ? 
_refine.ls_wR_factor_all                         ? 
_refine.ls_wR_factor_obs                         ? 
_refine.ls_wR_factor_R_free                      ? 
_refine.ls_wR_factor_R_work                      ? 
_refine.occupancy_max                            ? 
_refine.occupancy_min                            ? 
_refine.solvent_model_details                    'FLAT BULK SOLVENT MODEL' 
_refine.solvent_model_param_bsol                 ? 
_refine.solvent_model_param_ksol                 ? 
_refine.pdbx_R_complete                          ? 
_refine.ls_R_factor_gt                           ? 
_refine.ls_goodness_of_fit_gt                    ? 
_refine.ls_goodness_of_fit_ref                   ? 
_refine.ls_shift_over_su_max                     ? 
_refine.ls_shift_over_su_max_lt                  ? 
_refine.ls_shift_over_su_mean                    ? 
_refine.ls_shift_over_su_mean_lt                 ? 
_refine.pdbx_ls_sigma_I                          ? 
_refine.pdbx_ls_sigma_F                          1.34 
_refine.pdbx_ls_sigma_Fsqd                       ? 
_refine.pdbx_data_cutoff_high_absF               ? 
_refine.pdbx_data_cutoff_high_rms_absF           ? 
_refine.pdbx_data_cutoff_low_absF                ? 
_refine.pdbx_isotropic_thermal_model             ? 
_refine.pdbx_ls_cross_valid_method               'FREE R-VALUE' 
_refine.pdbx_method_to_determine_struct          'MOLECULAR REPLACEMENT' 
_refine.pdbx_starting_model                      ? 
_refine.pdbx_stereochemistry_target_values       'GeoStd + Monomer Library + CDL v1.2' 
_refine.pdbx_R_Free_selection_details            ? 
_refine.pdbx_stereochem_target_val_spec_case     ? 
_refine.pdbx_overall_ESU_R                       ? 
_refine.pdbx_overall_ESU_R_Free                  ? 
_refine.pdbx_solvent_vdw_probe_radii             1.1100 
_refine.pdbx_solvent_ion_probe_radii             ? 
_refine.pdbx_solvent_shrinkage_radii             0.9000 
_refine.pdbx_real_space_R                        ? 
_refine.pdbx_density_correlation                 ? 
_refine.pdbx_pd_number_of_powder_patterns        ? 
_refine.pdbx_pd_number_of_points                 ? 
_refine.pdbx_pd_meas_number_of_points            ? 
_refine.pdbx_pd_proc_ls_prof_R_factor            ? 
_refine.pdbx_pd_proc_ls_prof_wR_factor           ? 
_refine.pdbx_pd_Marquardt_correlation_coeff      ? 
_refine.pdbx_pd_Fsqrd_R_factor                   ? 
_refine.pdbx_pd_ls_matrix_band_width             ? 
_refine.pdbx_overall_phase_error                 24.5008 
_refine.pdbx_overall_SU_R_free_Cruickshank_DPI   ? 
_refine.pdbx_overall_SU_R_free_Blow_DPI          ? 
_refine.pdbx_overall_SU_R_Blow_DPI               ? 
_refine.pdbx_TLS_residual_ADP_flag               ? 
_refine.pdbx_diffrn_id                           1 
_refine.overall_SU_B                             ? 
_refine.overall_SU_ML                            0.1938 
_refine.overall_SU_R_Cruickshank_DPI             ? 
_refine.overall_SU_R_free                        ? 
_refine.overall_FOM_free_R_set                   ? 
_refine.overall_FOM_work_R_set                   ? 
_refine.pdbx_average_fsc_overall                 ? 
_refine.pdbx_average_fsc_work                    ? 
_refine.pdbx_average_fsc_free                    ? 
# 
_refine_hist.pdbx_refine_id                   'X-RAY DIFFRACTION' 
_refine_hist.cycle_id                         LAST 
_refine_hist.details                          ? 
_refine_hist.d_res_high                       1.50 
_refine_hist.d_res_low                        36.88 
_refine_hist.number_atoms_solvent             137 
_refine_hist.number_atoms_total               1306 
_refine_hist.number_reflns_all                ? 
_refine_hist.number_reflns_obs                ? 
_refine_hist.number_reflns_R_free             ? 
_refine_hist.number_reflns_R_work             ? 
_refine_hist.R_factor_all                     ? 
_refine_hist.R_factor_obs                     ? 
_refine_hist.R_factor_R_free                  ? 
_refine_hist.R_factor_R_work                  ? 
_refine_hist.pdbx_number_residues_total       ? 
_refine_hist.pdbx_B_iso_mean_ligand           ? 
_refine_hist.pdbx_B_iso_mean_solvent          ? 
_refine_hist.pdbx_number_atoms_protein        1169 
_refine_hist.pdbx_number_atoms_nucleic_acid   0 
_refine_hist.pdbx_number_atoms_ligand         0 
_refine_hist.pdbx_number_atoms_lipid          ? 
_refine_hist.pdbx_number_atoms_carb           ? 
_refine_hist.pdbx_pseudo_atom_details         ? 
# 
loop_
_refine_ls_restr.pdbx_refine_id 
_refine_ls_restr.criterion 
_refine_ls_restr.dev_ideal 
_refine_ls_restr.dev_ideal_target 
_refine_ls_restr.number 
_refine_ls_restr.rejects 
_refine_ls_restr.type 
_refine_ls_restr.weight 
_refine_ls_restr.pdbx_restraint_function 
'X-RAY DIFFRACTION' ? 0.0061  ? 1211 ? f_bond_d           ? ? 
'X-RAY DIFFRACTION' ? 0.8570  ? 1647 ? f_angle_d          ? ? 
'X-RAY DIFFRACTION' ? 0.0798  ? 187  ? f_chiral_restr     ? ? 
'X-RAY DIFFRACTION' ? 0.0058  ? 211  ? f_plane_restr      ? ? 
'X-RAY DIFFRACTION' ? 13.7418 ? 436  ? f_dihedral_angle_d ? ? 
# 
loop_
_refine_ls_shell.pdbx_refine_id 
_refine_ls_shell.d_res_high 
_refine_ls_shell.d_res_low 
_refine_ls_shell.number_reflns_all 
_refine_ls_shell.number_reflns_obs 
_refine_ls_shell.number_reflns_R_free 
_refine_ls_shell.number_reflns_R_work 
_refine_ls_shell.percent_reflns_obs 
_refine_ls_shell.percent_reflns_R_free 
_refine_ls_shell.R_factor_all 
_refine_ls_shell.R_factor_obs 
_refine_ls_shell.R_factor_R_free_error 
_refine_ls_shell.R_factor_R_work 
_refine_ls_shell.redundancy_reflns_all 
_refine_ls_shell.redundancy_reflns_obs 
_refine_ls_shell.wR_factor_all 
_refine_ls_shell.wR_factor_obs 
_refine_ls_shell.wR_factor_R_free 
_refine_ls_shell.wR_factor_R_work 
_refine_ls_shell.pdbx_R_complete 
_refine_ls_shell.pdbx_total_number_of_bins_used 
_refine_ls_shell.pdbx_phase_error 
_refine_ls_shell.pdbx_fsc_work 
_refine_ls_shell.pdbx_fsc_free 
_refine_ls_shell.R_factor_R_free 
'X-RAY DIFFRACTION' 1.50 1.54  . . 134 1608 93.61 . . . . 0.2973 . . . . . . . . . . . 0.2935 
'X-RAY DIFFRACTION' 1.54 1.58  . . 137 1627 98.49 . . . . 0.2591 . . . . . . . . . . . 0.2802 
'X-RAY DIFFRACTION' 1.58 1.62  . . 143 1705 99.95 . . . . 0.2550 . . . . . . . . . . . 0.2980 
'X-RAY DIFFRACTION' 1.62 1.68  . . 141 1695 99.89 . . . . 0.2310 . . . . . . . . . . . 0.2904 
'X-RAY DIFFRACTION' 1.68 1.74  . . 143 1700 99.84 . . . . 0.2269 . . . . . . . . . . . 0.2898 
'X-RAY DIFFRACTION' 1.74 1.81  . . 143 1702 99.78 . . . . 0.2250 . . . . . . . . . . . 0.2541 
'X-RAY DIFFRACTION' 1.81 1.89  . . 142 1696 99.73 . . . . 0.2207 . . . . . . . . . . . 0.2465 
'X-RAY DIFFRACTION' 1.89 1.99  . . 142 1693 99.73 . . . . 0.2379 . . . . . . . . . . . 0.2629 
'X-RAY DIFFRACTION' 1.99 2.11  . . 143 1699 99.73 . . . . 0.2039 . . . . . . . . . . . 0.2704 
'X-RAY DIFFRACTION' 2.11 2.28  . . 143 1717 99.41 . . . . 0.1968 . . . . . . . . . . . 0.2446 
'X-RAY DIFFRACTION' 2.28 2.51  . . 143 1697 99.84 . . . . 0.2053 . . . . . . . . . . . 0.2444 
'X-RAY DIFFRACTION' 2.51 2.87  . . 146 1745 99.68 . . . . 0.2136 . . . . . . . . . . . 0.2302 
'X-RAY DIFFRACTION' 2.87 3.61  . . 146 1752 99.79 . . . . 0.1908 . . . . . . . . . . . 0.2280 
'X-RAY DIFFRACTION' 3.61 36.88 . . 153 1813 99.49 . . . . 0.1812 . . . . . . . . . . . 0.2088 
# 
_struct.entry_id                     8VO2 
_struct.title                        'Pathogenesis related 10-10 C59S mutant' 
_struct.pdbx_model_details           ? 
_struct.pdbx_formula_weight          ? 
_struct.pdbx_formula_weight_method   ? 
_struct.pdbx_model_type_details      ? 
_struct.pdbx_CASP_flag               N 
# 
_struct_keywords.entry_id        8VO2 
_struct_keywords.text            
;Opium poppy, papaver somniferum, benzylisoquinoline alkaloid, binding protein, latex, pathogenesis related protein, major latex protein, PLANT PROTEIN
;
_struct_keywords.pdbx_keywords   'PLANT PROTEIN' 
# 
loop_
_struct_asym.id 
_struct_asym.pdbx_blank_PDB_chainid_flag 
_struct_asym.pdbx_modified 
_struct_asym.entity_id 
_struct_asym.details 
A N N 1 ? 
B N N 2 ? 
# 
_struct_ref.id                         1 
_struct_ref.db_name                    PDB 
_struct_ref.db_code                    8VO2 
_struct_ref.pdbx_db_accession          8VO2 
_struct_ref.pdbx_db_isoform            ? 
_struct_ref.entity_id                  1 
_struct_ref.pdbx_seq_one_letter_code   ? 
_struct_ref.pdbx_align_begin           1 
# 
_struct_ref_seq.align_id                      1 
_struct_ref_seq.ref_id                        1 
_struct_ref_seq.pdbx_PDB_id_code              8VO2 
_struct_ref_seq.pdbx_strand_id                A 
_struct_ref_seq.seq_align_beg                 1 
_struct_ref_seq.pdbx_seq_align_beg_ins_code   ? 
_struct_ref_seq.seq_align_end                 158 
_struct_ref_seq.pdbx_seq_align_end_ins_code   ? 
_struct_ref_seq.pdbx_db_accession             8VO2 
_struct_ref_seq.db_align_beg                  1 
_struct_ref_seq.pdbx_db_align_beg_ins_code    ? 
_struct_ref_seq.db_align_end                  158 
_struct_ref_seq.pdbx_db_align_end_ins_code    ? 
_struct_ref_seq.pdbx_auth_seq_align_beg       1 
_struct_ref_seq.pdbx_auth_seq_align_end       158 
# 
_pdbx_struct_assembly.id                   1 
_pdbx_struct_assembly.details              author_and_software_defined_assembly 
_pdbx_struct_assembly.method_details       PISA 
_pdbx_struct_assembly.oligomeric_details   dimeric 
_pdbx_struct_assembly.oligomeric_count     2 
# 
loop_
_pdbx_struct_assembly_prop.biol_id 
_pdbx_struct_assembly_prop.type 
_pdbx_struct_assembly_prop.value 
_pdbx_struct_assembly_prop.details 
1 'ABSA (A^2)' 1530  ? 
1 MORE         -7    ? 
1 'SSA (A^2)'  16250 ? 
# 
_pdbx_struct_assembly_gen.assembly_id       1 
_pdbx_struct_assembly_gen.oper_expression   1,2 
_pdbx_struct_assembly_gen.asym_id_list      A,B 
# 
loop_
_pdbx_struct_oper_list.id 
_pdbx_struct_oper_list.type 
_pdbx_struct_oper_list.name 
_pdbx_struct_oper_list.symmetry_operation 
_pdbx_struct_oper_list.matrix[1][1] 
_pdbx_struct_oper_list.matrix[1][2] 
_pdbx_struct_oper_list.matrix[1][3] 
_pdbx_struct_oper_list.vector[1] 
_pdbx_struct_oper_list.matrix[2][1] 
_pdbx_struct_oper_list.matrix[2][2] 
_pdbx_struct_oper_list.matrix[2][3] 
_pdbx_struct_oper_list.vector[2] 
_pdbx_struct_oper_list.matrix[3][1] 
_pdbx_struct_oper_list.matrix[3][2] 
_pdbx_struct_oper_list.matrix[3][3] 
_pdbx_struct_oper_list.vector[3] 
1 'identity operation'         1_555 x,y,z       1.0000000000 0.0000000000  0.0000000000 0.0000000000  0.0000000000  1.0000000000  0.0000000000  0.0000000000  0.0000000000 0.0000000000  1.0000000000  0.0000000000   
2 'crystal symmetry operation' 3_555 -x,y,-z+1/2 0.2112607782 -0.1713031239 0.9623014722 16.5120948617 -0.1713031239 -0.9757733753 -0.1360939372 -3.3777883429 0.9623014722 -0.1360939372 -0.2354874029 -21.3852718329 
# 
loop_
_struct_conf.conf_type_id 
_struct_conf.id 
_struct_conf.pdbx_PDB_helix_id 
_struct_conf.beg_label_comp_id 
_struct_conf.beg_label_asym_id 
_struct_conf.beg_label_seq_id 
_struct_conf.pdbx_beg_PDB_ins_code 
_struct_conf.end_label_comp_id 
_struct_conf.end_label_asym_id 
_struct_conf.end_label_seq_id 
_struct_conf.pdbx_end_PDB_ins_code 
_struct_conf.beg_auth_comp_id 
_struct_conf.beg_auth_asym_id 
_struct_conf.beg_auth_seq_id 
_struct_conf.end_auth_comp_id 
_struct_conf.end_auth_asym_id 
_struct_conf.end_auth_seq_id 
_struct_conf.pdbx_PDB_helix_class 
_struct_conf.details 
_struct_conf.pdbx_PDB_helix_length 
HELX_P HELX_P1 AA1 ASP A 22  ? HIS A 32  ? ASP A 22  HIS A 32  1 ? 11 
HELX_P HELX_P2 AA2 ASP A 82  ? THR A 84  ? ASP A 82  THR A 84  5 ? 3  
HELX_P HELX_P3 AA3 ALA A 96  ? LYS A 98  ? ALA A 96  LYS A 98  5 ? 3  
HELX_P HELX_P4 AA4 PRO A 136 ? HIS A 153 ? PRO A 136 HIS A 153 1 ? 18 
# 
_struct_conf_type.id          HELX_P 
_struct_conf_type.criteria    ? 
_struct_conf_type.reference   ? 
# 
_struct_sheet.id               AA1 
_struct_sheet.type             ? 
_struct_sheet.number_strands   7 
_struct_sheet.details          ? 
# 
loop_
_struct_sheet_order.sheet_id 
_struct_sheet_order.range_id_1 
_struct_sheet_order.range_id_2 
_struct_sheet_order.offset 
_struct_sheet_order.sense 
AA1 1 2 ? anti-parallel 
AA1 2 3 ? anti-parallel 
AA1 3 4 ? anti-parallel 
AA1 4 5 ? anti-parallel 
AA1 5 6 ? anti-parallel 
AA1 6 7 ? anti-parallel 
# 
loop_
_struct_sheet_range.sheet_id 
_struct_sheet_range.id 
_struct_sheet_range.beg_label_comp_id 
_struct_sheet_range.beg_label_asym_id 
_struct_sheet_range.beg_label_seq_id 
_struct_sheet_range.pdbx_beg_PDB_ins_code 
_struct_sheet_range.end_label_comp_id 
_struct_sheet_range.end_label_asym_id 
_struct_sheet_range.end_label_seq_id 
_struct_sheet_range.pdbx_end_PDB_ins_code 
_struct_sheet_range.beg_auth_comp_id 
_struct_sheet_range.beg_auth_asym_id 
_struct_sheet_range.beg_auth_seq_id 
_struct_sheet_range.end_auth_comp_id 
_struct_sheet_range.end_auth_asym_id 
_struct_sheet_range.end_auth_seq_id 
AA1 1 VAL A 10  ? VAL A 19  ? VAL A 10  VAL A 19  
AA1 2 SER A 118 ? LYS A 128 ? SER A 118 LYS A 128 
AA1 3 TYR A 100 ? PRO A 111 ? TYR A 100 PRO A 111 
AA1 4 THR A 86  ? GLY A 94  ? THR A 86  GLY A 94  
AA1 5 LYS A 70  ? ALA A 81  ? LYS A 70  ALA A 81  
AA1 6 VAL A 56  ? LEU A 67  ? VAL A 56  LEU A 67  
AA1 7 HIS A 42  ? THR A 50  ? HIS A 42  THR A 50  
# 
loop_
_pdbx_struct_sheet_hbond.sheet_id 
_pdbx_struct_sheet_hbond.range_id_1 
_pdbx_struct_sheet_hbond.range_id_2 
_pdbx_struct_sheet_hbond.range_1_label_atom_id 
_pdbx_struct_sheet_hbond.range_1_label_comp_id 
_pdbx_struct_sheet_hbond.range_1_label_asym_id 
_pdbx_struct_sheet_hbond.range_1_label_seq_id 
_pdbx_struct_sheet_hbond.range_1_PDB_ins_code 
_pdbx_struct_sheet_hbond.range_1_auth_atom_id 
_pdbx_struct_sheet_hbond.range_1_auth_comp_id 
_pdbx_struct_sheet_hbond.range_1_auth_asym_id 
_pdbx_struct_sheet_hbond.range_1_auth_seq_id 
_pdbx_struct_sheet_hbond.range_2_label_atom_id 
_pdbx_struct_sheet_hbond.range_2_label_comp_id 
_pdbx_struct_sheet_hbond.range_2_label_asym_id 
_pdbx_struct_sheet_hbond.range_2_label_seq_id 
_pdbx_struct_sheet_hbond.range_2_PDB_ins_code 
_pdbx_struct_sheet_hbond.range_2_auth_atom_id 
_pdbx_struct_sheet_hbond.range_2_auth_comp_id 
_pdbx_struct_sheet_hbond.range_2_auth_asym_id 
_pdbx_struct_sheet_hbond.range_2_auth_seq_id 
AA1 1 2 N VAL A 19  ? N VAL A 19  O SER A 118 ? O SER A 118 
AA1 2 3 O VAL A 119 ? O VAL A 119 N ASN A 110 ? N ASN A 110 
AA1 3 4 O VAL A 107 ? O VAL A 107 N LEU A 87  ? N LEU A 87  
AA1 4 5 O HIS A 90  ? O HIS A 90  N GLU A 77  ? N GLU A 77  
AA1 5 6 O MET A 72  ? O MET A 72  N TYR A 65  ? N TYR A 65  
AA1 6 7 O GLU A 62  ? O GLU A 62  N THR A 45  ? N THR A 45  
# 
_pdbx_entry_details.entry_id                   8VO2 
_pdbx_entry_details.compound_details           ? 
_pdbx_entry_details.source_details             ? 
_pdbx_entry_details.nonpolymer_details         ? 
_pdbx_entry_details.sequence_details           ? 
_pdbx_entry_details.has_ligand_of_interest     ? 
_pdbx_entry_details.has_protein_modification   N 
# 
_pdbx_validate_torsion.id              1 
_pdbx_validate_torsion.PDB_model_num   1 
_pdbx_validate_torsion.auth_comp_id    GLU 
_pdbx_validate_torsion.auth_asym_id    A 
_pdbx_validate_torsion.auth_seq_id     35 
_pdbx_validate_torsion.PDB_ins_code    ? 
_pdbx_validate_torsion.label_alt_id    ? 
_pdbx_validate_torsion.phi             -65.22 
_pdbx_validate_torsion.psi             6.52 
# 
loop_
_space_group_symop.id 
_space_group_symop.operation_xyz 
1 x,y,z               
2 x,-y,-z             
3 -x,y,-z+1/2         
4 -x,-y,z+1/2         
5 x+1/2,y+1/2,z       
6 x+1/2,-y+1/2,-z     
7 -x+1/2,y+1/2,-z+1/2 
8 -x+1/2,-y+1/2,z+1/2 
# 
_pdbx_distant_solvent_atoms.id                                1 
_pdbx_distant_solvent_atoms.PDB_model_num                     1 
_pdbx_distant_solvent_atoms.auth_atom_id                      O 
_pdbx_distant_solvent_atoms.label_alt_id                      ? 
_pdbx_distant_solvent_atoms.auth_asym_id                      A 
_pdbx_distant_solvent_atoms.auth_comp_id                      HOH 
_pdbx_distant_solvent_atoms.auth_seq_id                       337 
_pdbx_distant_solvent_atoms.PDB_ins_code                      ? 
_pdbx_distant_solvent_atoms.neighbor_macromolecule_distance   6.50 
_pdbx_distant_solvent_atoms.neighbor_ligand_distance          . 
# 
loop_
_pdbx_unobs_or_zero_occ_residues.id 
_pdbx_unobs_or_zero_occ_residues.PDB_model_num 
_pdbx_unobs_or_zero_occ_residues.polymer_flag 
_pdbx_unobs_or_zero_occ_residues.occupancy_flag 
_pdbx_unobs_or_zero_occ_residues.auth_asym_id 
_pdbx_unobs_or_zero_occ_residues.auth_comp_id 
_pdbx_unobs_or_zero_occ_residues.auth_seq_id 
_pdbx_unobs_or_zero_occ_residues.PDB_ins_code 
_pdbx_unobs_or_zero_occ_residues.label_asym_id 
_pdbx_unobs_or_zero_occ_residues.label_comp_id 
_pdbx_unobs_or_zero_occ_residues.label_seq_id 
1  1 Y 1 A MET 1   ? A MET 1   
2  1 Y 1 A ALA 2   ? A ALA 2   
3  1 Y 1 A HIS 3   ? A HIS 3   
4  1 Y 1 A HIS 4   ? A HIS 4   
5  1 Y 1 A GLY 5   ? A GLY 5   
6  1 Y 1 A VAL 6   ? A VAL 6   
7  1 Y 1 A SER 7   ? A SER 7   
8  1 Y 1 A GLY 115 ? A GLY 115 
9  1 Y 1 A HIS 116 ? A HIS 116 
10 1 Y 1 A ALA 158 ? A ALA 158 
# 
loop_
_chem_comp_atom.comp_id 
_chem_comp_atom.atom_id 
_chem_comp_atom.type_symbol 
_chem_comp_atom.pdbx_aromatic_flag 
_chem_comp_atom.pdbx_stereo_config 
_chem_comp_atom.pdbx_ordinal 
ALA N    N N N 1   
ALA CA   C N S 2   
ALA C    C N N 3   
ALA O    O N N 4   
ALA CB   C N N 5   
ALA OXT  O N N 6   
ALA H    H N N 7   
ALA H2   H N N 8   
ALA HA   H N N 9   
ALA HB1  H N N 10  
ALA HB2  H N N 11  
ALA HB3  H N N 12  
ALA HXT  H N N 13  
ARG N    N N N 14  
ARG CA   C N S 15  
ARG C    C N N 16  
ARG O    O N N 17  
ARG CB   C N N 18  
ARG CG   C N N 19  
ARG CD   C N N 20  
ARG NE   N N N 21  
ARG CZ   C N N 22  
ARG NH1  N N N 23  
ARG NH2  N N N 24  
ARG OXT  O N N 25  
ARG H    H N N 26  
ARG H2   H N N 27  
ARG HA   H N N 28  
ARG HB2  H N N 29  
ARG HB3  H N N 30  
ARG HG2  H N N 31  
ARG HG3  H N N 32  
ARG HD2  H N N 33  
ARG HD3  H N N 34  
ARG HE   H N N 35  
ARG HH11 H N N 36  
ARG HH12 H N N 37  
ARG HH21 H N N 38  
ARG HH22 H N N 39  
ARG HXT  H N N 40  
ASN N    N N N 41  
ASN CA   C N S 42  
ASN C    C N N 43  
ASN O    O N N 44  
ASN CB   C N N 45  
ASN CG   C N N 46  
ASN OD1  O N N 47  
ASN ND2  N N N 48  
ASN OXT  O N N 49  
ASN H    H N N 50  
ASN H2   H N N 51  
ASN HA   H N N 52  
ASN HB2  H N N 53  
ASN HB3  H N N 54  
ASN HD21 H N N 55  
ASN HD22 H N N 56  
ASN HXT  H N N 57  
ASP N    N N N 58  
ASP CA   C N S 59  
ASP C    C N N 60  
ASP O    O N N 61  
ASP CB   C N N 62  
ASP CG   C N N 63  
ASP OD1  O N N 64  
ASP OD2  O N N 65  
ASP OXT  O N N 66  
ASP H    H N N 67  
ASP H2   H N N 68  
ASP HA   H N N 69  
ASP HB2  H N N 70  
ASP HB3  H N N 71  
ASP HD2  H N N 72  
ASP HXT  H N N 73  
CYS N    N N N 74  
CYS CA   C N R 75  
CYS C    C N N 76  
CYS O    O N N 77  
CYS CB   C N N 78  
CYS SG   S N N 79  
CYS OXT  O N N 80  
CYS H    H N N 81  
CYS H2   H N N 82  
CYS HA   H N N 83  
CYS HB2  H N N 84  
CYS HB3  H N N 85  
CYS HG   H N N 86  
CYS HXT  H N N 87  
GLN N    N N N 88  
GLN CA   C N S 89  
GLN C    C N N 90  
GLN O    O N N 91  
GLN CB   C N N 92  
GLN CG   C N N 93  
GLN CD   C N N 94  
GLN OE1  O N N 95  
GLN NE2  N N N 96  
GLN OXT  O N N 97  
GLN H    H N N 98  
GLN H2   H N N 99  
GLN HA   H N N 100 
GLN HB2  H N N 101 
GLN HB3  H N N 102 
GLN HG2  H N N 103 
GLN HG3  H N N 104 
GLN HE21 H N N 105 
GLN HE22 H N N 106 
GLN HXT  H N N 107 
GLU N    N N N 108 
GLU CA   C N S 109 
GLU C    C N N 110 
GLU O    O N N 111 
GLU CB   C N N 112 
GLU CG   C N N 113 
GLU CD   C N N 114 
GLU OE1  O N N 115 
GLU OE2  O N N 116 
GLU OXT  O N N 117 
GLU H    H N N 118 
GLU H2   H N N 119 
GLU HA   H N N 120 
GLU HB2  H N N 121 
GLU HB3  H N N 122 
GLU HG2  H N N 123 
GLU HG3  H N N 124 
GLU HE2  H N N 125 
GLU HXT  H N N 126 
GLY N    N N N 127 
GLY CA   C N N 128 
GLY C    C N N 129 
GLY O    O N N 130 
GLY OXT  O N N 131 
GLY H    H N N 132 
GLY H2   H N N 133 
GLY HA2  H N N 134 
GLY HA3  H N N 135 
GLY HXT  H N N 136 
HIS N    N N N 137 
HIS CA   C N S 138 
HIS C    C N N 139 
HIS O    O N N 140 
HIS CB   C N N 141 
HIS CG   C Y N 142 
HIS ND1  N Y N 143 
HIS CD2  C Y N 144 
HIS CE1  C Y N 145 
HIS NE2  N Y N 146 
HIS OXT  O N N 147 
HIS H    H N N 148 
HIS H2   H N N 149 
HIS HA   H N N 150 
HIS HB2  H N N 151 
HIS HB3  H N N 152 
HIS HD1  H N N 153 
HIS HD2  H N N 154 
HIS HE1  H N N 155 
HIS HE2  H N N 156 
HIS HXT  H N N 157 
HOH O    O N N 158 
HOH H1   H N N 159 
HOH H2   H N N 160 
ILE N    N N N 161 
ILE CA   C N S 162 
ILE C    C N N 163 
ILE O    O N N 164 
ILE CB   C N S 165 
ILE CG1  C N N 166 
ILE CG2  C N N 167 
ILE CD1  C N N 168 
ILE OXT  O N N 169 
ILE H    H N N 170 
ILE H2   H N N 171 
ILE HA   H N N 172 
ILE HB   H N N 173 
ILE HG12 H N N 174 
ILE HG13 H N N 175 
ILE HG21 H N N 176 
ILE HG22 H N N 177 
ILE HG23 H N N 178 
ILE HD11 H N N 179 
ILE HD12 H N N 180 
ILE HD13 H N N 181 
ILE HXT  H N N 182 
LEU N    N N N 183 
LEU CA   C N S 184 
LEU C    C N N 185 
LEU O    O N N 186 
LEU CB   C N N 187 
LEU CG   C N N 188 
LEU CD1  C N N 189 
LEU CD2  C N N 190 
LEU OXT  O N N 191 
LEU H    H N N 192 
LEU H2   H N N 193 
LEU HA   H N N 194 
LEU HB2  H N N 195 
LEU HB3  H N N 196 
LEU HG   H N N 197 
LEU HD11 H N N 198 
LEU HD12 H N N 199 
LEU HD13 H N N 200 
LEU HD21 H N N 201 
LEU HD22 H N N 202 
LEU HD23 H N N 203 
LEU HXT  H N N 204 
LYS N    N N N 205 
LYS CA   C N S 206 
LYS C    C N N 207 
LYS O    O N N 208 
LYS CB   C N N 209 
LYS CG   C N N 210 
LYS CD   C N N 211 
LYS CE   C N N 212 
LYS NZ   N N N 213 
LYS OXT  O N N 214 
LYS H    H N N 215 
LYS H2   H N N 216 
LYS HA   H N N 217 
LYS HB2  H N N 218 
LYS HB3  H N N 219 
LYS HG2  H N N 220 
LYS HG3  H N N 221 
LYS HD2  H N N 222 
LYS HD3  H N N 223 
LYS HE2  H N N 224 
LYS HE3  H N N 225 
LYS HZ1  H N N 226 
LYS HZ2  H N N 227 
LYS HZ3  H N N 228 
LYS HXT  H N N 229 
MET N    N N N 230 
MET CA   C N S 231 
MET C    C N N 232 
MET O    O N N 233 
MET CB   C N N 234 
MET CG   C N N 235 
MET SD   S N N 236 
MET CE   C N N 237 
MET OXT  O N N 238 
MET H    H N N 239 
MET H2   H N N 240 
MET HA   H N N 241 
MET HB2  H N N 242 
MET HB3  H N N 243 
MET HG2  H N N 244 
MET HG3  H N N 245 
MET HE1  H N N 246 
MET HE2  H N N 247 
MET HE3  H N N 248 
MET HXT  H N N 249 
PHE N    N N N 250 
PHE CA   C N S 251 
PHE C    C N N 252 
PHE O    O N N 253 
PHE CB   C N N 254 
PHE CG   C Y N 255 
PHE CD1  C Y N 256 
PHE CD2  C Y N 257 
PHE CE1  C Y N 258 
PHE CE2  C Y N 259 
PHE CZ   C Y N 260 
PHE OXT  O N N 261 
PHE H    H N N 262 
PHE H2   H N N 263 
PHE HA   H N N 264 
PHE HB2  H N N 265 
PHE HB3  H N N 266 
PHE HD1  H N N 267 
PHE HD2  H N N 268 
PHE HE1  H N N 269 
PHE HE2  H N N 270 
PHE HZ   H N N 271 
PHE HXT  H N N 272 
PRO N    N N N 273 
PRO CA   C N S 274 
PRO C    C N N 275 
PRO O    O N N 276 
PRO CB   C N N 277 
PRO CG   C N N 278 
PRO CD   C N N 279 
PRO OXT  O N N 280 
PRO H    H N N 281 
PRO HA   H N N 282 
PRO HB2  H N N 283 
PRO HB3  H N N 284 
PRO HG2  H N N 285 
PRO HG3  H N N 286 
PRO HD2  H N N 287 
PRO HD3  H N N 288 
PRO HXT  H N N 289 
SER N    N N N 290 
SER CA   C N S 291 
SER C    C N N 292 
SER O    O N N 293 
SER CB   C N N 294 
SER OG   O N N 295 
SER OXT  O N N 296 
SER H    H N N 297 
SER H2   H N N 298 
SER HA   H N N 299 
SER HB2  H N N 300 
SER HB3  H N N 301 
SER HG   H N N 302 
SER HXT  H N N 303 
THR N    N N N 304 
THR CA   C N S 305 
THR C    C N N 306 
THR O    O N N 307 
THR CB   C N R 308 
THR OG1  O N N 309 
THR CG2  C N N 310 
THR OXT  O N N 311 
THR H    H N N 312 
THR H2   H N N 313 
THR HA   H N N 314 
THR HB   H N N 315 
THR HG1  H N N 316 
THR HG21 H N N 317 
THR HG22 H N N 318 
THR HG23 H N N 319 
THR HXT  H N N 320 
TRP N    N N N 321 
TRP CA   C N S 322 
TRP C    C N N 323 
TRP O    O N N 324 
TRP CB   C N N 325 
TRP CG   C Y N 326 
TRP CD1  C Y N 327 
TRP CD2  C Y N 328 
TRP NE1  N Y N 329 
TRP CE2  C Y N 330 
TRP CE3  C Y N 331 
TRP CZ2  C Y N 332 
TRP CZ3  C Y N 333 
TRP CH2  C Y N 334 
TRP OXT  O N N 335 
TRP H    H N N 336 
TRP H2   H N N 337 
TRP HA   H N N 338 
TRP HB2  H N N 339 
TRP HB3  H N N 340 
TRP HD1  H N N 341 
TRP HE1  H N N 342 
TRP HE3  H N N 343 
TRP HZ2  H N N 344 
TRP HZ3  H N N 345 
TRP HH2  H N N 346 
TRP HXT  H N N 347 
TYR N    N N N 348 
TYR CA   C N S 349 
TYR C    C N N 350 
TYR O    O N N 351 
TYR CB   C N N 352 
TYR CG   C Y N 353 
TYR CD1  C Y N 354 
TYR CD2  C Y N 355 
TYR CE1  C Y N 356 
TYR CE2  C Y N 357 
TYR CZ   C Y N 358 
TYR OH   O N N 359 
TYR OXT  O N N 360 
TYR H    H N N 361 
TYR H2   H N N 362 
TYR HA   H N N 363 
TYR HB2  H N N 364 
TYR HB3  H N N 365 
TYR HD1  H N N 366 
TYR HD2  H N N 367 
TYR HE1  H N N 368 
TYR HE2  H N N 369 
TYR HH   H N N 370 
TYR HXT  H N N 371 
VAL N    N N N 372 
VAL CA   C N S 373 
VAL C    C N N 374 
VAL O    O N N 375 
VAL CB   C N N 376 
VAL CG1  C N N 377 
VAL CG2  C N N 378 
VAL OXT  O N N 379 
VAL H    H N N 380 
VAL H2   H N N 381 
VAL HA   H N N 382 
VAL HB   H N N 383 
VAL HG11 H N N 384 
VAL HG12 H N N 385 
VAL HG13 H N N 386 
VAL HG21 H N N 387 
VAL HG22 H N N 388 
VAL HG23 H N N 389 
VAL HXT  H N N 390 
# 
loop_
_chem_comp_bond.comp_id 
_chem_comp_bond.atom_id_1 
_chem_comp_bond.atom_id_2 
_chem_comp_bond.value_order 
_chem_comp_bond.pdbx_aromatic_flag 
_chem_comp_bond.pdbx_stereo_config 
_chem_comp_bond.pdbx_ordinal 
ALA N   CA   sing N N 1   
ALA N   H    sing N N 2   
ALA N   H2   sing N N 3   
ALA CA  C    sing N N 4   
ALA CA  CB   sing N N 5   
ALA CA  HA   sing N N 6   
ALA C   O    doub N N 7   
ALA C   OXT  sing N N 8   
ALA CB  HB1  sing N N 9   
ALA CB  HB2  sing N N 10  
ALA CB  HB3  sing N N 11  
ALA OXT HXT  sing N N 12  
ARG N   CA   sing N N 13  
ARG N   H    sing N N 14  
ARG N   H2   sing N N 15  
ARG CA  C    sing N N 16  
ARG CA  CB   sing N N 17  
ARG CA  HA   sing N N 18  
ARG C   O    doub N N 19  
ARG C   OXT  sing N N 20  
ARG CB  CG   sing N N 21  
ARG CB  HB2  sing N N 22  
ARG CB  HB3  sing N N 23  
ARG CG  CD   sing N N 24  
ARG CG  HG2  sing N N 25  
ARG CG  HG3  sing N N 26  
ARG CD  NE   sing N N 27  
ARG CD  HD2  sing N N 28  
ARG CD  HD3  sing N N 29  
ARG NE  CZ   sing N N 30  
ARG NE  HE   sing N N 31  
ARG CZ  NH1  sing N N 32  
ARG CZ  NH2  doub N N 33  
ARG NH1 HH11 sing N N 34  
ARG NH1 HH12 sing N N 35  
ARG NH2 HH21 sing N N 36  
ARG NH2 HH22 sing N N 37  
ARG OXT HXT  sing N N 38  
ASN N   CA   sing N N 39  
ASN N   H    sing N N 40  
ASN N   H2   sing N N 41  
ASN CA  C    sing N N 42  
ASN CA  CB   sing N N 43  
ASN CA  HA   sing N N 44  
ASN C   O    doub N N 45  
ASN C   OXT  sing N N 46  
ASN CB  CG   sing N N 47  
ASN CB  HB2  sing N N 48  
ASN CB  HB3  sing N N 49  
ASN CG  OD1  doub N N 50  
ASN CG  ND2  sing N N 51  
ASN ND2 HD21 sing N N 52  
ASN ND2 HD22 sing N N 53  
ASN OXT HXT  sing N N 54  
ASP N   CA   sing N N 55  
ASP N   H    sing N N 56  
ASP N   H2   sing N N 57  
ASP CA  C    sing N N 58  
ASP CA  CB   sing N N 59  
ASP CA  HA   sing N N 60  
ASP C   O    doub N N 61  
ASP C   OXT  sing N N 62  
ASP CB  CG   sing N N 63  
ASP CB  HB2  sing N N 64  
ASP CB  HB3  sing N N 65  
ASP CG  OD1  doub N N 66  
ASP CG  OD2  sing N N 67  
ASP OD2 HD2  sing N N 68  
ASP OXT HXT  sing N N 69  
CYS N   CA   sing N N 70  
CYS N   H    sing N N 71  
CYS N   H2   sing N N 72  
CYS CA  C    sing N N 73  
CYS CA  CB   sing N N 74  
CYS CA  HA   sing N N 75  
CYS C   O    doub N N 76  
CYS C   OXT  sing N N 77  
CYS CB  SG   sing N N 78  
CYS CB  HB2  sing N N 79  
CYS CB  HB3  sing N N 80  
CYS SG  HG   sing N N 81  
CYS OXT HXT  sing N N 82  
GLN N   CA   sing N N 83  
GLN N   H    sing N N 84  
GLN N   H2   sing N N 85  
GLN CA  C    sing N N 86  
GLN CA  CB   sing N N 87  
GLN CA  HA   sing N N 88  
GLN C   O    doub N N 89  
GLN C   OXT  sing N N 90  
GLN CB  CG   sing N N 91  
GLN CB  HB2  sing N N 92  
GLN CB  HB3  sing N N 93  
GLN CG  CD   sing N N 94  
GLN CG  HG2  sing N N 95  
GLN CG  HG3  sing N N 96  
GLN CD  OE1  doub N N 97  
GLN CD  NE2  sing N N 98  
GLN NE2 HE21 sing N N 99  
GLN NE2 HE22 sing N N 100 
GLN OXT HXT  sing N N 101 
GLU N   CA   sing N N 102 
GLU N   H    sing N N 103 
GLU N   H2   sing N N 104 
GLU CA  C    sing N N 105 
GLU CA  CB   sing N N 106 
GLU CA  HA   sing N N 107 
GLU C   O    doub N N 108 
GLU C   OXT  sing N N 109 
GLU CB  CG   sing N N 110 
GLU CB  HB2  sing N N 111 
GLU CB  HB3  sing N N 112 
GLU CG  CD   sing N N 113 
GLU CG  HG2  sing N N 114 
GLU CG  HG3  sing N N 115 
GLU CD  OE1  doub N N 116 
GLU CD  OE2  sing N N 117 
GLU OE2 HE2  sing N N 118 
GLU OXT HXT  sing N N 119 
GLY N   CA   sing N N 120 
GLY N   H    sing N N 121 
GLY N   H2   sing N N 122 
GLY CA  C    sing N N 123 
GLY CA  HA2  sing N N 124 
GLY CA  HA3  sing N N 125 
GLY C   O    doub N N 126 
GLY C   OXT  sing N N 127 
GLY OXT HXT  sing N N 128 
HIS N   CA   sing N N 129 
HIS N   H    sing N N 130 
HIS N   H2   sing N N 131 
HIS CA  C    sing N N 132 
HIS CA  CB   sing N N 133 
HIS CA  HA   sing N N 134 
HIS C   O    doub N N 135 
HIS C   OXT  sing N N 136 
HIS CB  CG   sing N N 137 
HIS CB  HB2  sing N N 138 
HIS CB  HB3  sing N N 139 
HIS CG  ND1  sing Y N 140 
HIS CG  CD2  doub Y N 141 
HIS ND1 CE1  doub Y N 142 
HIS ND1 HD1  sing N N 143 
HIS CD2 NE2  sing Y N 144 
HIS CD2 HD2  sing N N 145 
HIS CE1 NE2  sing Y N 146 
HIS CE1 HE1  sing N N 147 
HIS NE2 HE2  sing N N 148 
HIS OXT HXT  sing N N 149 
HOH O   H1   sing N N 150 
HOH O   H2   sing N N 151 
ILE N   CA   sing N N 152 
ILE N   H    sing N N 153 
ILE N   H2   sing N N 154 
ILE CA  C    sing N N 155 
ILE CA  CB   sing N N 156 
ILE CA  HA   sing N N 157 
ILE C   O    doub N N 158 
ILE C   OXT  sing N N 159 
ILE CB  CG1  sing N N 160 
ILE CB  CG2  sing N N 161 
ILE CB  HB   sing N N 162 
ILE CG1 CD1  sing N N 163 
ILE CG1 HG12 sing N N 164 
ILE CG1 HG13 sing N N 165 
ILE CG2 HG21 sing N N 166 
ILE CG2 HG22 sing N N 167 
ILE CG2 HG23 sing N N 168 
ILE CD1 HD11 sing N N 169 
ILE CD1 HD12 sing N N 170 
ILE CD1 HD13 sing N N 171 
ILE OXT HXT  sing N N 172 
LEU N   CA   sing N N 173 
LEU N   H    sing N N 174 
LEU N   H2   sing N N 175 
LEU CA  C    sing N N 176 
LEU CA  CB   sing N N 177 
LEU CA  HA   sing N N 178 
LEU C   O    doub N N 179 
LEU C   OXT  sing N N 180 
LEU CB  CG   sing N N 181 
LEU CB  HB2  sing N N 182 
LEU CB  HB3  sing N N 183 
LEU CG  CD1  sing N N 184 
LEU CG  CD2  sing N N 185 
LEU CG  HG   sing N N 186 
LEU CD1 HD11 sing N N 187 
LEU CD1 HD12 sing N N 188 
LEU CD1 HD13 sing N N 189 
LEU CD2 HD21 sing N N 190 
LEU CD2 HD22 sing N N 191 
LEU CD2 HD23 sing N N 192 
LEU OXT HXT  sing N N 193 
LYS N   CA   sing N N 194 
LYS N   H    sing N N 195 
LYS N   H2   sing N N 196 
LYS CA  C    sing N N 197 
LYS CA  CB   sing N N 198 
LYS CA  HA   sing N N 199 
LYS C   O    doub N N 200 
LYS C   OXT  sing N N 201 
LYS CB  CG   sing N N 202 
LYS CB  HB2  sing N N 203 
LYS CB  HB3  sing N N 204 
LYS CG  CD   sing N N 205 
LYS CG  HG2  sing N N 206 
LYS CG  HG3  sing N N 207 
LYS CD  CE   sing N N 208 
LYS CD  HD2  sing N N 209 
LYS CD  HD3  sing N N 210 
LYS CE  NZ   sing N N 211 
LYS CE  HE2  sing N N 212 
LYS CE  HE3  sing N N 213 
LYS NZ  HZ1  sing N N 214 
LYS NZ  HZ2  sing N N 215 
LYS NZ  HZ3  sing N N 216 
LYS OXT HXT  sing N N 217 
MET N   CA   sing N N 218 
MET N   H    sing N N 219 
MET N   H2   sing N N 220 
MET CA  C    sing N N 221 
MET CA  CB   sing N N 222 
MET CA  HA   sing N N 223 
MET C   O    doub N N 224 
MET C   OXT  sing N N 225 
MET CB  CG   sing N N 226 
MET CB  HB2  sing N N 227 
MET CB  HB3  sing N N 228 
MET CG  SD   sing N N 229 
MET CG  HG2  sing N N 230 
MET CG  HG3  sing N N 231 
MET SD  CE   sing N N 232 
MET CE  HE1  sing N N 233 
MET CE  HE2  sing N N 234 
MET CE  HE3  sing N N 235 
MET OXT HXT  sing N N 236 
PHE N   CA   sing N N 237 
PHE N   H    sing N N 238 
PHE N   H2   sing N N 239 
PHE CA  C    sing N N 240 
PHE CA  CB   sing N N 241 
PHE CA  HA   sing N N 242 
PHE C   O    doub N N 243 
PHE C   OXT  sing N N 244 
PHE CB  CG   sing N N 245 
PHE CB  HB2  sing N N 246 
PHE CB  HB3  sing N N 247 
PHE CG  CD1  doub Y N 248 
PHE CG  CD2  sing Y N 249 
PHE CD1 CE1  sing Y N 250 
PHE CD1 HD1  sing N N 251 
PHE CD2 CE2  doub Y N 252 
PHE CD2 HD2  sing N N 253 
PHE CE1 CZ   doub Y N 254 
PHE CE1 HE1  sing N N 255 
PHE CE2 CZ   sing Y N 256 
PHE CE2 HE2  sing N N 257 
PHE CZ  HZ   sing N N 258 
PHE OXT HXT  sing N N 259 
PRO N   CA   sing N N 260 
PRO N   CD   sing N N 261 
PRO N   H    sing N N 262 
PRO CA  C    sing N N 263 
PRO CA  CB   sing N N 264 
PRO CA  HA   sing N N 265 
PRO C   O    doub N N 266 
PRO C   OXT  sing N N 267 
PRO CB  CG   sing N N 268 
PRO CB  HB2  sing N N 269 
PRO CB  HB3  sing N N 270 
PRO CG  CD   sing N N 271 
PRO CG  HG2  sing N N 272 
PRO CG  HG3  sing N N 273 
PRO CD  HD2  sing N N 274 
PRO CD  HD3  sing N N 275 
PRO OXT HXT  sing N N 276 
SER N   CA   sing N N 277 
SER N   H    sing N N 278 
SER N   H2   sing N N 279 
SER CA  C    sing N N 280 
SER CA  CB   sing N N 281 
SER CA  HA   sing N N 282 
SER C   O    doub N N 283 
SER C   OXT  sing N N 284 
SER CB  OG   sing N N 285 
SER CB  HB2  sing N N 286 
SER CB  HB3  sing N N 287 
SER OG  HG   sing N N 288 
SER OXT HXT  sing N N 289 
THR N   CA   sing N N 290 
THR N   H    sing N N 291 
THR N   H2   sing N N 292 
THR CA  C    sing N N 293 
THR CA  CB   sing N N 294 
THR CA  HA   sing N N 295 
THR C   O    doub N N 296 
THR C   OXT  sing N N 297 
THR CB  OG1  sing N N 298 
THR CB  CG2  sing N N 299 
THR CB  HB   sing N N 300 
THR OG1 HG1  sing N N 301 
THR CG2 HG21 sing N N 302 
THR CG2 HG22 sing N N 303 
THR CG2 HG23 sing N N 304 
THR OXT HXT  sing N N 305 
TRP N   CA   sing N N 306 
TRP N   H    sing N N 307 
TRP N   H2   sing N N 308 
TRP CA  C    sing N N 309 
TRP CA  CB   sing N N 310 
TRP CA  HA   sing N N 311 
TRP C   O    doub N N 312 
TRP C   OXT  sing N N 313 
TRP CB  CG   sing N N 314 
TRP CB  HB2  sing N N 315 
TRP CB  HB3  sing N N 316 
TRP CG  CD1  doub Y N 317 
TRP CG  CD2  sing Y N 318 
TRP CD1 NE1  sing Y N 319 
TRP CD1 HD1  sing N N 320 
TRP CD2 CE2  doub Y N 321 
TRP CD2 CE3  sing Y N 322 
TRP NE1 CE2  sing Y N 323 
TRP NE1 HE1  sing N N 324 
TRP CE2 CZ2  sing Y N 325 
TRP CE3 CZ3  doub Y N 326 
TRP CE3 HE3  sing N N 327 
TRP CZ2 CH2  doub Y N 328 
TRP CZ2 HZ2  sing N N 329 
TRP CZ3 CH2  sing Y N 330 
TRP CZ3 HZ3  sing N N 331 
TRP CH2 HH2  sing N N 332 
TRP OXT HXT  sing N N 333 
TYR N   CA   sing N N 334 
TYR N   H    sing N N 335 
TYR N   H2   sing N N 336 
TYR CA  C    sing N N 337 
TYR CA  CB   sing N N 338 
TYR CA  HA   sing N N 339 
TYR C   O    doub N N 340 
TYR C   OXT  sing N N 341 
TYR CB  CG   sing N N 342 
TYR CB  HB2  sing N N 343 
TYR CB  HB3  sing N N 344 
TYR CG  CD1  doub Y N 345 
TYR CG  CD2  sing Y N 346 
TYR CD1 CE1  sing Y N 347 
TYR CD1 HD1  sing N N 348 
TYR CD2 CE2  doub Y N 349 
TYR CD2 HD2  sing N N 350 
TYR CE1 CZ   doub Y N 351 
TYR CE1 HE1  sing N N 352 
TYR CE2 CZ   sing Y N 353 
TYR CE2 HE2  sing N N 354 
TYR CZ  OH   sing N N 355 
TYR OH  HH   sing N N 356 
TYR OXT HXT  sing N N 357 
VAL N   CA   sing N N 358 
VAL N   H    sing N N 359 
VAL N   H2   sing N N 360 
VAL CA  C    sing N N 361 
VAL CA  CB   sing N N 362 
VAL CA  HA   sing N N 363 
VAL C   O    doub N N 364 
VAL C   OXT  sing N N 365 
VAL CB  CG1  sing N N 366 
VAL CB  CG2  sing N N 367 
VAL CB  HB   sing N N 368 
VAL CG1 HG11 sing N N 369 
VAL CG1 HG12 sing N N 370 
VAL CG1 HG13 sing N N 371 
VAL CG2 HG21 sing N N 372 
VAL CG2 HG22 sing N N 373 
VAL CG2 HG23 sing N N 374 
VAL OXT HXT  sing N N 375 
# 
_pdbx_audit_support.funding_organization   'Natural Sciences and Engineering Research Council (NSERC, Canada)' 
_pdbx_audit_support.country                Canada 
_pdbx_audit_support.grant_number           05728 
_pdbx_audit_support.ordinal                1 
# 
_pdbx_initial_refinement_model.id               1 
_pdbx_initial_refinement_model.entity_id_list   ? 
_pdbx_initial_refinement_model.type             'experimental model' 
_pdbx_initial_refinement_model.source_name      PDB 
_pdbx_initial_refinement_model.accession_code   7UQM 
_pdbx_initial_refinement_model.details          ? 
# 
_space_group.name_H-M_alt     'C 2 2 21' 
_space_group.name_Hall        'C 2c 2' 
_space_group.IT_number        20 
_space_group.crystal_system   orthorhombic 
_space_group.id               1 
# 
_atom_sites.entry_id                    8VO2 
_atom_sites.Cartn_transf_matrix[1][1]   ? 
_atom_sites.Cartn_transf_matrix[1][2]   ? 
_atom_sites.Cartn_transf_matrix[1][3]   ? 
_atom_sites.Cartn_transf_matrix[2][1]   ? 
_atom_sites.Cartn_transf_matrix[2][2]   ? 
_atom_sites.Cartn_transf_matrix[2][3]   ? 
_atom_sites.Cartn_transf_matrix[3][1]   ? 
_atom_sites.Cartn_transf_matrix[3][2]   ? 
_atom_sites.Cartn_transf_matrix[3][3]   ? 
_atom_sites.Cartn_transf_vector[1]      ? 
_atom_sites.Cartn_transf_vector[2]      ? 
_atom_sites.Cartn_transf_vector[3]      ? 
_atom_sites.Cartn_transform_axes        ? 
_atom_sites.fract_transf_matrix[1][1]   -0.00144718 
_atom_sites.fract_transf_matrix[1][2]   -0.02033144 
_atom_sites.fract_transf_matrix[1][3]   -0.00179770 
_atom_sites.fract_transf_matrix[2][1]   -0.01094726 
_atom_sites.fract_transf_matrix[2][2]   0.00154822 
_atom_sites.fract_transf_matrix[2][3]   -0.00869719 
_atom_sites.fract_transf_matrix[3][1]   0.00679279 
_atom_sites.fract_transf_matrix[3][2]   0.00026827 
_atom_sites.fract_transf_matrix[3][3]   -0.00850241 
_atom_sites.fract_transf_vector[1]      -0.041612 
_atom_sites.fract_transf_vector[2]      -0.216504 
_atom_sites.fract_transf_vector[3]      0.103450 
_atom_sites.solution_primary            ? 
_atom_sites.solution_secondary          ? 
_atom_sites.solution_hydrogens          ? 
_atom_sites.special_details             ? 
# 
loop_
_atom_type.symbol 
_atom_type.scat_dispersion_real 
_atom_type.scat_dispersion_imag 
_atom_type.scat_Cromer_Mann_a1 
_atom_type.scat_Cromer_Mann_a2 
_atom_type.scat_Cromer_Mann_a3 
_atom_type.scat_Cromer_Mann_a4 
_atom_type.scat_Cromer_Mann_b1 
_atom_type.scat_Cromer_Mann_b2 
_atom_type.scat_Cromer_Mann_b3 
_atom_type.scat_Cromer_Mann_b4 
_atom_type.scat_Cromer_Mann_c 
_atom_type.scat_source 
_atom_type.scat_dispersion_source 
C ? ? 3.54356 2.42580 ? ? 25.62398 1.50364  ? ? 0.0 
;2-Gaussian fit: Grosse-Kunstleve RW, Sauter NK, Adams PD: Newsletter of the IUCr Commission on Crystallographic Computing 2004, 3, 22-31.
;
? 
N ? ? 4.01032 2.96436 ? ? 19.97189 1.75589  ? ? 0.0 
;2-Gaussian fit: Grosse-Kunstleve RW, Sauter NK, Adams PD: Newsletter of the IUCr Commission on Crystallographic Computing 2004, 3, 22-31.
;
? 
O ? ? 4.49882 3.47563 ? ? 15.80542 1.70748  ? ? 0.0 
;2-Gaussian fit: Grosse-Kunstleve RW, Sauter NK, Adams PD: Newsletter of the IUCr Commission on Crystallographic Computing 2004, 3, 22-31.
;
? 
S ? ? 9.55732 6.39887 ? ? 1.23737  29.19336 ? ? 0.0 
;2-Gaussian fit: Grosse-Kunstleve RW, Sauter NK, Adams PD: Newsletter of the IUCr Commission on Crystallographic Computing 2004, 3, 22-31.
;
? 
# 
loop_
_atom_site.group_PDB 
_atom_site.id 
_atom_site.type_symbol 
_atom_site.label_atom_id 
_atom_site.label_alt_id 
_atom_site.label_comp_id 
_atom_site.label_asym_id 
_atom_site.label_entity_id 
_atom_site.label_seq_id 
_atom_site.pdbx_PDB_ins_code 
_atom_site.Cartn_x 
_atom_site.Cartn_y 
_atom_site.Cartn_z 
_atom_site.occupancy 
_atom_site.B_iso_or_equiv 
_atom_site.pdbx_formal_charge 
_atom_site.auth_seq_id 
_atom_site.auth_comp_id 
_atom_site.auth_asym_id 
_atom_site.auth_atom_id 
_atom_site.pdbx_PDB_model_num 
ATOM   1    N N   . GLY A 1 8   ? 8.74386   -16.10154 -14.13335 1.000 55.95875 ? 8   GLY A N   1 
ATOM   2    C CA  . GLY A 1 8   ? 7.38927   -15.75775 -14.52284 1.000 49.51674 ? 8   GLY A CA  1 
ATOM   3    C C   . GLY A 1 8   ? 6.34637   -15.89476 -13.42639 1.000 50.63648 ? 8   GLY A C   1 
ATOM   4    O O   . GLY A 1 8   ? 5.39012   -15.11726 -13.39219 1.000 52.95173 ? 8   GLY A O   1 
ATOM   5    N N   . LEU A 1 9   ? 6.53070   -16.86843 -12.52663 1.000 40.20909 ? 9   LEU A N   1 
ATOM   6    C CA  . LEU A 1 9   ? 5.54226   -17.17026 -11.48848 1.000 33.43000 ? 9   LEU A CA  1 
ATOM   7    C C   . LEU A 1 9   ? 5.70265   -16.32892 -10.22264 1.000 27.91012 ? 9   LEU A C   1 
ATOM   8    O O   . LEU A 1 9   ? 4.70667   -15.88395 -9.64968  1.000 24.88230 ? 9   LEU A O   1 
ATOM   9    C CB  . LEU A 1 9   ? 5.58262   -18.65606 -11.12426 1.000 47.83562 ? 9   LEU A CB  1 
ATOM   10   C CG  . LEU A 1 9   ? 5.10048   -19.64572 -12.18961 1.000 50.05246 ? 9   LEU A CG  1 
ATOM   11   C CD1 . LEU A 1 9   ? 5.25742   -21.07247 -11.69311 1.000 53.27267 ? 9   LEU A CD1 1 
ATOM   12   C CD2 . LEU A 1 9   ? 3.66150   -19.37026 -12.58731 1.000 36.62527 ? 9   LEU A CD2 1 
ATOM   13   N N   . VAL A 1 10  ? 6.93005   -16.12831 -9.75474  1.000 27.95983 ? 10  VAL A N   1 
ATOM   14   C CA  . VAL A 1 10  ? 7.21326   -15.35255 -8.55073  1.000 24.87118 ? 10  VAL A CA  1 
ATOM   15   C C   . VAL A 1 10  ? 7.95002   -14.08928 -8.95817  1.000 19.86803 ? 10  VAL A C   1 
ATOM   16   O O   . VAL A 1 10  ? 8.94163   -14.15243 -9.69959  1.000 23.61542 ? 10  VAL A O   1 
ATOM   17   C CB  . VAL A 1 10  ? 8.07097   -16.15597 -7.56256  1.000 23.28739 ? 10  VAL A CB  1 
ATOM   18   C CG1 . VAL A 1 10  ? 8.50490   -15.28840 -6.40165  1.000 26.10836 ? 10  VAL A CG1 1 
ATOM   19   C CG2 . VAL A 1 10  ? 7.29675   -17.37246 -7.06088  1.000 34.27019 ? 10  VAL A CG2 1 
ATOM   20   N N   . GLY A 1 11  ? 7.49326   -12.94432 -8.45839  1.000 18.58985 ? 11  GLY A N   1 
ATOM   21   C CA  . GLY A 1 11  ? 8.18899   -11.72562 -8.80661  1.000 17.78143 ? 11  GLY A CA  1 
ATOM   22   C C   . GLY A 1 11  ? 7.85894   -10.59541 -7.86483  1.000 17.93548 ? 11  GLY A C   1 
ATOM   23   O O   . GLY A 1 11  ? 7.17938   -10.77465 -6.85143  1.000 19.02700 ? 11  GLY A O   1 
ATOM   24   N N   . LYS A 1 12  ? 8.34571   -9.41331  -8.23298  1.000 16.24094 ? 12  LYS A N   1 
ATOM   25   C CA  . LYS A 1 12  ? 8.08787   -8.19522  -7.47761  1.000 15.79898 ? 12  LYS A CA  1 
ATOM   26   C C   . LYS A 1 12  ? 8.02737   -7.03399  -8.46082  1.000 15.60121 ? 12  LYS A C   1 
ATOM   27   O O   . LYS A 1 12  ? 8.91145   -6.90302  -9.30865  1.000 15.78656 ? 12  LYS A O   1 
ATOM   28   C CB  . LYS A 1 12  ? 9.21983   -7.97312  -6.47025  1.000 17.91891 ? 12  LYS A CB  1 
ATOM   29   C CG  . LYS A 1 12  ? 9.10689   -6.68250  -5.67111  1.000 24.47720 ? 12  LYS A CG  1 
ATOM   30   C CD  . LYS A 1 12  ? 10.23110  -6.54045  -4.66755  1.000 23.59459 ? 12  LYS A CD  1 
ATOM   31   C CE  . LYS A 1 12  ? 11.59119  -6.34299  -5.32820  1.000 28.91273 ? 12  LYS A CE  1 
ATOM   32   N NZ  . LYS A 1 12  ? 12.60736  -5.94832  -4.29246  1.000 30.28585 ? 12  LYS A NZ  1 
ATOM   33   N N   . LEU A 1 13  ? 7.00433   -6.19119  -8.35516  1.000 15.30854 ? 13  LEU A N   1 
ATOM   34   C CA  . LEU A 1 13  ? 6.95248   -4.91486  -9.06668  1.000 14.96095 ? 13  LEU A CA  1 
ATOM   35   C C   . LEU A 1 13  ? 7.21345   -3.78440  -8.07962  1.000 15.54196 ? 13  LEU A C   1 
ATOM   36   O O   . LEU A 1 13  ? 6.78849   -3.85320  -6.92003  1.000 18.14628 ? 13  LEU A O   1 
ATOM   37   C CB  . LEU A 1 13  ? 5.59506   -4.68569  -9.73726  1.000 15.11832 ? 13  LEU A CB  1 
ATOM   38   C CG  . LEU A 1 13  ? 5.12728   -5.73082  -10.74772 1.000 15.48762 ? 13  LEU A CG  1 
ATOM   39   C CD1 . LEU A 1 13  ? 3.82637   -5.31461  -11.41521 1.000 18.13192 ? 13  LEU A CD1 1 
ATOM   40   C CD2 . LEU A 1 13  ? 6.20851   -5.88948  -11.80633 1.000 15.94027 ? 13  LEU A CD2 1 
ATOM   41   N N   . VAL A 1 14  ? 7.91686   -2.74434  -8.51258  1.000 15.27423 ? 14  VAL A N   1 
ATOM   42   C CA  . VAL A 1 14  ? 8.26344   -1.64219  -7.62040  1.000 15.73560 ? 14  VAL A CA  1 
ATOM   43   C C   . VAL A 1 14  ? 8.01398   -0.32516  -8.33057  1.000 14.85012 ? 14  VAL A C   1 
ATOM   44   O O   . VAL A 1 14  ? 8.36913   -0.16082  -9.50131  1.000 15.45791 ? 14  VAL A O   1 
ATOM   45   C CB  . VAL A 1 14  ? 9.74745   -1.70408  -7.19222  1.000 17.82682 ? 14  VAL A CB  1 
ATOM   46   C CG1 . VAL A 1 14  ? 10.01612  -0.64614  -6.13579  1.000 21.48179 ? 14  VAL A CG1 1 
ATOM   47   C CG2 . VAL A 1 14  ? 10.13854  -3.10156  -6.68668  1.000 17.37462 ? 14  VAL A CG2 1 
ATOM   48   N N   . THR A 1 15  ? 7.44984   0.63750   -7.60932  1.000 14.31573 ? 15  THR A N   1 
ATOM   49   C CA  . THR A 1 15  ? 7.53234   2.03599   -7.99332  1.000 15.46916 ? 15  THR A CA  1 
ATOM   50   C C   . THR A 1 15  ? 8.21090   2.81888   -6.87706  1.000 16.06190 ? 15  THR A C   1 
ATOM   51   O O   . THR A 1 15  ? 7.80100   2.73609   -5.71120  1.000 17.13425 ? 15  THR A O   1 
ATOM   52   C CB  . THR A 1 15  ? 6.18764   2.64745   -8.38735  1.000 13.83165 ? 15  THR A CB  1 
ATOM   53   O OG1 . THR A 1 15  ? 6.39019   4.03139   -8.69795  1.000 16.46094 ? 15  THR A OG1 1 
ATOM   54   C CG2 . THR A 1 15  ? 5.17187   2.55113   -7.24836  1.000 14.88039 ? 15  THR A CG2 1 
ATOM   55   N N   . GLN A 1 16  ? 9.25709   3.55572   -7.22534  1.000 16.36982 ? 16  GLN A N   1 
ATOM   56   C CA  . GLN A 1 16  ? 10.01983  4.33304   -6.26635  1.000 17.59552 ? 16  GLN A CA  1 
ATOM   57   C C   . GLN A 1 16  ? 9.95652   5.79451   -6.68313  1.000 17.32603 ? 16  GLN A C   1 
ATOM   58   O O   . GLN A 1 16  ? 10.13619  6.11364   -7.86673  1.000 18.00731 ? 16  GLN A O   1 
ATOM   59   C CB  . GLN A 1 16  ? 11.45465  3.83045   -6.22718  1.000 21.05216 ? 16  GLN A CB  1 
ATOM   60   C CG  . GLN A 1 16  ? 12.35725  4.62841   -5.34094  1.000 21.49866 ? 16  GLN A CG  1 
ATOM   61   C CD  . GLN A 1 16  ? 13.69482  3.95544   -5.16602  1.000 26.54579 ? 16  GLN A CD  1 
ATOM   62   O OE1 . GLN A 1 16  ? 13.84184  3.04733   -4.34956  1.000 39.23084 ? 16  GLN A OE1 1 
ATOM   63   N NE2 . GLN A 1 16  ? 14.67437  4.37449   -5.95318  1.000 26.28873 ? 16  GLN A NE2 1 
ATOM   64   N N   . LEU A 1 17  ? 9.69549   6.68070   -5.72050  1.000 19.57557 ? 17  LEU A N   1 
ATOM   65   C CA  . LEU A 1 17  ? 9.52493   8.09803   -6.00566  1.000 22.32130 ? 17  LEU A CA  1 
ATOM   66   C C   . LEU A 1 17  ? 10.33426  8.90890   -5.01238  1.000 21.39825 ? 17  LEU A C   1 
ATOM   67   O O   . LEU A 1 17  ? 10.47106  8.52265   -3.84960  1.000 21.88183 ? 17  LEU A O   1 
ATOM   68   C CB  . LEU A 1 17  ? 8.06228   8.52558   -5.85299  1.000 26.79520 ? 17  LEU A CB  1 
ATOM   69   C CG  . LEU A 1 17  ? 6.95067   7.70053   -6.48920  1.000 37.22612 ? 17  LEU A CG  1 
ATOM   70   C CD1 . LEU A 1 17  ? 6.52342   6.55096   -5.58846  1.000 35.98223 ? 17  LEU A CD1 1 
ATOM   71   C CD2 . LEU A 1 17  ? 5.78051   8.60266   -6.77121  1.000 38.82279 ? 17  LEU A CD2 1 
ATOM   72   N N   . GLU A 1 18  ? 10.89264  10.02175  -5.47944  1.000 23.46319 ? 18  GLU A N   1 
ATOM   73   C CA  . GLU A 1 18  ? 11.52826  10.97877  -4.58340  1.000 25.86485 ? 18  GLU A CA  1 
ATOM   74   C C   . GLU A 1 18  ? 10.49065  11.98690  -4.11149  1.000 23.69669 ? 18  GLU A C   1 
ATOM   75   O O   . GLU A 1 18  ? 9.67518   12.46628  -4.90329  1.000 29.29122 ? 18  GLU A O   1 
ATOM   76   C CB  . GLU A 1 18  ? 12.69424  11.67699  -5.29397  1.000 23.88711 ? 18  GLU A CB  1 
ATOM   77   C CG  . GLU A 1 18  ? 13.94405  10.80175  -5.43189  1.000 32.30529 ? 18  GLU A CG  1 
ATOM   78   C CD  . GLU A 1 18  ? 15.13230  11.53485  -6.04382  1.000 29.19961 ? 18  GLU A CD  1 
ATOM   79   O OE1 . GLU A 1 18  ? 15.02752  12.74905  -6.30064  1.000 33.97587 ? 18  GLU A OE1 1 
ATOM   80   O OE2 . GLU A 1 18  ? 16.16601  10.88167  -6.27504  1.000 40.87933 ? 18  GLU A OE2 1 
ATOM   81   N N   . VAL A 1 19  ? 10.49690  12.27652  -2.81006  1.000 23.27143 ? 19  VAL A N   1 
ATOM   82   C CA  . VAL A 1 19  ? 9.59919   13.26685  -2.22675  1.000 25.60880 ? 19  VAL A CA  1 
ATOM   83   C C   . VAL A 1 19  ? 10.42569  14.26873  -1.43636  1.000 27.82818 ? 19  VAL A C   1 
ATOM   84   O O   . VAL A 1 19  ? 11.42612  13.90909  -0.80363  1.000 29.71301 ? 19  VAL A O   1 
ATOM   85   C CB  . VAL A 1 19  ? 8.47982   12.65067  -1.35472  1.000 32.92851 ? 19  VAL A CB  1 
ATOM   86   C CG1 . VAL A 1 19  ? 7.60934   11.69879  -2.17515  1.000 32.36587 ? 19  VAL A CG1 1 
ATOM   87   C CG2 . VAL A 1 19  ? 9.05722   11.96356  -0.12455  1.000 36.43924 ? 19  VAL A CG2 1 
ATOM   88   N N   . ASN A 1 20  ? 10.01076  15.53474  -1.48410  1.000 31.60267 ? 20  ASN A N   1 
ATOM   89   C CA  . ASN A 1 20  ? 10.71304  16.59228  -0.76254  1.000 31.02738 ? 20  ASN A CA  1 
ATOM   90   C C   . ASN A 1 20  ? 10.09209  16.71776  0.62462   1.000 29.62719 ? 20  ASN A C   1 
ATOM   91   O O   . ASN A 1 20  ? 9.33631   17.64487  0.92351   1.000 36.34343 ? 20  ASN A O   1 
ATOM   92   C CB  . ASN A 1 20  ? 10.65533  17.90484  -1.53190  1.000 41.93337 ? 20  ASN A CB  1 
ATOM   93   C CG  . ASN A 1 20  ? 11.45576  18.99493  -0.86085  1.000 48.83938 ? 20  ASN A CG  1 
ATOM   94   O OD1 . ASN A 1 20  ? 12.49204  18.72674  -0.24852  1.000 46.94272 ? 20  ASN A OD1 1 
ATOM   95   N ND2 . ASN A 1 20  ? 10.97599  20.23175  -0.95632  1.000 54.32747 ? 20  ASN A ND2 1 
ATOM   96   N N   . CYS A 1 21  ? 10.42692  15.75082  1.48085   1.000 28.60472 ? 21  CYS A N   1 
ATOM   97   C CA  . CYS A 1 21  ? 9.89759   15.66464  2.83477   1.000 26.60359 ? 21  CYS A CA  1 
ATOM   98   C C   . CYS A 1 21  ? 10.82244  14.78703  3.67520   1.000 25.56322 ? 21  CYS A C   1 
ATOM   99   O O   . CYS A 1 21  ? 11.40287  13.81666  3.17520   1.000 27.49164 ? 21  CYS A O   1 
ATOM   100  C CB  . CYS A 1 21  ? 8.46769   15.10383  2.82765   1.000 26.68534 ? 21  CYS A CB  1 
ATOM   101  S SG  . CYS A 1 21  ? 7.62484   15.18876  4.42076   1.000 29.85954 ? 21  CYS A SG  1 
ATOM   102  N N   . ASP A 1 22  ? 10.95663  15.13894  4.95781   1.000 25.89622 ? 22  ASP A N   1 
ATOM   103  C CA  . ASP A 1 22  ? 11.68722  14.29539  5.90075   1.000 23.09808 ? 22  ASP A CA  1 
ATOM   104  C C   . ASP A 1 22  ? 11.08620  12.89176  5.93045   1.000 20.72372 ? 22  ASP A C   1 
ATOM   105  O O   . ASP A 1 22  ? 9.86411   12.72723  5.98425   1.000 21.71132 ? 22  ASP A O   1 
ATOM   106  C CB  . ASP A 1 22  ? 11.58781  14.88512  7.31785   1.000 25.37820 ? 22  ASP A CB  1 
ATOM   107  C CG  . ASP A 1 22  ? 12.25305  13.99570  8.37750   1.000 28.05246 ? 22  ASP A CG  1 
ATOM   108  O OD1 . ASP A 1 22  ? 13.49931  14.00704  8.47527   1.000 30.66334 ? 22  ASP A OD1 1 
ATOM   109  O OD2 . ASP A 1 22  ? 11.53878  13.27113  9.11198   1.000 29.83532 ? 22  ASP A OD2 1 
ATOM   110  N N   . ALA A 1 23  ? 11.95555  11.88154  5.96627   1.000 22.29194 ? 23  ALA A N   1 
ATOM   111  C CA  . ALA A 1 23  ? 11.48865  10.49395  5.86560   1.000 21.16029 ? 23  ALA A CA  1 
ATOM   112  C C   . ALA A 1 23  ? 10.56525  10.10455  7.01737   1.000 23.16002 ? 23  ALA A C   1 
ATOM   113  O O   . ALA A 1 23  ? 9.54641   9.44007   6.80319   1.000 24.18475 ? 23  ALA A O   1 
ATOM   114  C CB  . ALA A 1 23  ? 12.67547  9.53765   5.78643   1.000 22.94994 ? 23  ALA A CB  1 
ATOM   115  N N   . ASP A 1 24  ? 10.91770  10.47207  8.25794   1.000 25.08480 ? 24  ASP A N   1 
ATOM   116  C CA  A ASP A 1 24  ? 10.08498  10.07262  9.39080   0.630 23.52652 ? 24  ASP A CA  1 
ATOM   117  C CA  B ASP A 1 24  ? 10.08671  10.07902  9.39535   0.370 23.53623 ? 24  ASP A CA  1 
ATOM   118  C C   . ASP A 1 24  ? 8.73837   10.78438  9.35660   1.000 24.42821 ? 24  ASP A C   1 
ATOM   119  O O   . ASP A 1 24  ? 7.69367   10.17022  9.61566   1.000 21.58827 ? 24  ASP A O   1 
ATOM   120  C CB  A ASP A 1 24  ? 10.82707  10.32473  10.70793  0.630 26.24268 ? 24  ASP A CB  1 
ATOM   121  C CB  B ASP A 1 24  ? 10.81500  10.37149  10.70905  0.370 26.30473 ? 24  ASP A CB  1 
ATOM   122  C CG  A ASP A 1 24  ? 12.02981  9.39420   10.89992  0.630 32.52392 ? 24  ASP A CG  1 
ATOM   123  C CG  B ASP A 1 24  ? 10.15960  9.69955   11.90318  0.370 31.25792 ? 24  ASP A CG  1 
ATOM   124  O OD1 A ASP A 1 24  ? 11.83907  8.15823   10.95203  0.630 32.54904 ? 24  ASP A OD1 1 
ATOM   125  O OD1 B ASP A 1 24  ? 9.98107   8.46524   11.86770  0.370 26.89589 ? 24  ASP A OD1 1 
ATOM   126  O OD2 A ASP A 1 24  ? 13.17211  9.89595   10.99583  0.630 36.28700 ? 24  ASP A OD2 1 
ATOM   127  O OD2 B ASP A 1 24  ? 9.83381   10.39818  12.88619  0.370 34.08041 ? 24  ASP A OD2 1 
ATOM   128  N N   . ILE A 1 25  ? 8.74229   12.07145  9.02762   1.000 25.01616 ? 25  ILE A N   1 
ATOM   129  C CA  . ILE A 1 25  ? 7.50197   12.82066  8.87758   1.000 20.41660 ? 25  ILE A CA  1 
ATOM   130  C C   . ILE A 1 25  ? 6.64224   12.22192  7.76530   1.000 23.29256 ? 25  ILE A C   1 
ATOM   131  O O   . ILE A 1 25  ? 5.42603   12.04381  7.91218   1.000 22.61770 ? 25  ILE A O   1 
ATOM   132  C CB  . ILE A 1 25  ? 7.82663   14.30112  8.61522   1.000 28.46436 ? 25  ILE A CB  1 
ATOM   133  C CG1 . ILE A 1 25  ? 8.50789   14.93486  9.84217   1.000 26.55291 ? 25  ILE A CG1 1 
ATOM   134  C CG2 . ILE A 1 25  ? 6.60096   15.03663  8.13211   1.000 25.69789 ? 25  ILE A CG2 1 
ATOM   135  C CD1 . ILE A 1 25  ? 7.68357   14.88278  11.12013  1.000 27.91287 ? 25  ILE A CD1 1 
ATOM   136  N N   . PHE A 1 26  ? 7.25694   11.90396  6.62417   1.000 19.64002 ? 26  PHE A N   1 
ATOM   137  C CA  . PHE A 1 26  ? 6.45636   11.39958  5.51364   1.000 23.05462 ? 26  PHE A CA  1 
ATOM   138  C C   . PHE A 1 26  ? 5.87439   10.03103  5.83982   1.000 19.46924 ? 26  PHE A C   1 
ATOM   139  O O   . PHE A 1 26  ? 4.72304   9.73862   5.49253   1.000 20.43408 ? 26  PHE A O   1 
ATOM   140  C CB  . PHE A 1 26  ? 7.28749   11.33728  4.22819   1.000 24.26583 ? 26  PHE A CB  1 
ATOM   141  C CG  . PHE A 1 26  ? 6.45624   11.10167  2.98389   1.000 23.03495 ? 26  PHE A CG  1 
ATOM   142  C CD1 . PHE A 1 26  ? 5.75519   12.14006  2.39706   1.000 24.87380 ? 26  PHE A CD1 1 
ATOM   143  C CD2 . PHE A 1 26  ? 6.34689   9.83967   2.43263   1.000 24.72191 ? 26  PHE A CD2 1 
ATOM   144  C CE1 . PHE A 1 26  ? 4.98397   11.93205  1.27424   1.000 32.95911 ? 26  PHE A CE1 1 
ATOM   145  C CE2 . PHE A 1 26  ? 5.57287   9.63059   1.30174   1.000 26.20954 ? 26  PHE A CE2 1 
ATOM   146  C CZ  . PHE A 1 26  ? 4.89975   10.67541  0.72616   1.000 28.82782 ? 26  PHE A CZ  1 
ATOM   147  N N   . TYR A 1 27  ? 6.65688   9.19194   6.51449   1.000 19.88010 ? 27  TYR A N   1 
ATOM   148  C CA  . TYR A 1 27  ? 6.15152   7.89424   6.94644   1.000 19.12260 ? 27  TYR A CA  1 
ATOM   149  C C   . TYR A 1 27  ? 4.92413   8.04757   7.83738   1.000 21.49648 ? 27  TYR A C   1 
ATOM   150  O O   . TYR A 1 27  ? 3.93491   7.33357   7.65796   1.000 22.11712 ? 27  TYR A O   1 
ATOM   151  C CB  . TYR A 1 27  ? 7.26063   7.11652   7.66006   1.000 18.94077 ? 27  TYR A CB  1 
ATOM   152  C CG  . TYR A 1 27  ? 6.76217   5.93864   8.43987   1.000 22.20865 ? 27  TYR A CG  1 
ATOM   153  C CD1 . TYR A 1 27  ? 6.24413   4.82561   7.79221   1.000 21.29977 ? 27  TYR A CD1 1 
ATOM   154  C CD2 . TYR A 1 27  ? 6.82236   5.93457   9.83060   1.000 21.73422 ? 27  TYR A CD2 1 
ATOM   155  C CE1 . TYR A 1 27  ? 5.78247   3.74137   8.50841   1.000 19.98159 ? 27  TYR A CE1 1 
ATOM   156  C CE2 . TYR A 1 27  ? 6.36065   4.85599   10.55868  1.000 24.50947 ? 27  TYR A CE2 1 
ATOM   157  C CZ  . TYR A 1 27  ? 5.85125   3.76421   9.88988   1.000 24.27103 ? 27  TYR A CZ  1 
ATOM   158  O OH  . TYR A 1 27  ? 5.39695   2.68654   10.60194  1.000 29.45455 ? 27  TYR A OH  1 
ATOM   159  N N   . LYS A 1 28  ? 4.95469   9.00148   8.77728   1.000 20.43635 ? 28  LYS A N   1 
ATOM   160  C CA  . LYS A 1 28  ? 3.80305   9.21609   9.64985   1.000 20.95068 ? 28  LYS A CA  1 
ATOM   161  C C   . LYS A 1 28  ? 2.58590   9.71884   8.87723   1.000 21.11291 ? 28  LYS A C   1 
ATOM   162  O O   . LYS A 1 28  ? 1.44475   9.44782   9.27426   1.000 24.49708 ? 28  LYS A O   1 
ATOM   163  C CB  . LYS A 1 28  ? 4.17713   10.19911  10.76032  1.000 21.89244 ? 28  LYS A CB  1 
ATOM   164  C CG  . LYS A 1 28  ? 5.14645   9.62129   11.77782  1.000 25.03799 ? 28  LYS A CG  1 
ATOM   165  C CD  . LYS A 1 28  ? 5.65049   10.72418  12.70317  1.000 32.21779 ? 28  LYS A CD  1 
ATOM   166  C CE  . LYS A 1 28  ? 6.27106   10.15866  13.96549  1.000 37.42791 ? 28  LYS A CE  1 
ATOM   167  N NZ  . LYS A 1 28  ? 7.61124   9.57940   13.74283  1.000 39.71238 ? 28  LYS A NZ  1 
ATOM   168  N N   . ILE A 1 29  ? 2.80792   10.45895  7.79230   1.000 21.37418 ? 29  ILE A N   1 
ATOM   169  C CA  . ILE A 1 29  ? 1.70876   10.90275  6.94255   1.000 21.04798 ? 29  ILE A CA  1 
ATOM   170  C C   . ILE A 1 29  ? 1.09973   9.71721   6.20191   1.000 23.26346 ? 29  ILE A C   1 
ATOM   171  O O   . ILE A 1 29  ? -0.12147  9.53468   6.19171   1.000 26.78240 ? 29  ILE A O   1 
ATOM   172  C CB  . ILE A 1 29  ? 2.19666   11.99974  5.97857   1.000 23.05736 ? 29  ILE A CB  1 
ATOM   173  C CG1 . ILE A 1 29  ? 2.55617   13.27600  6.76601   1.000 24.45655 ? 29  ILE A CG1 1 
ATOM   174  C CG2 . ILE A 1 29  ? 1.13606   12.31079  4.92012   1.000 25.95682 ? 29  ILE A CG2 1 
ATOM   175  C CD1 . ILE A 1 29  ? 3.22529   14.34866  5.92826   1.000 27.66744 ? 29  ILE A CD1 1 
ATOM   176  N N   . VAL A 1 30  ? 1.94553   8.88499   5.58701   1.000 20.67949 ? 30  VAL A N   1 
ATOM   177  C CA  . VAL A 1 30  ? 1.44699   7.70881   4.87620   1.000 23.62854 ? 30  VAL A CA  1 
ATOM   178  C C   . VAL A 1 30  ? 0.75780   6.75082   5.83467   1.000 22.95881 ? 30  VAL A C   1 
ATOM   179  O O   . VAL A 1 30  ? -0.25049  6.12913   5.49511   1.000 22.35507 ? 30  VAL A O   1 
ATOM   180  C CB  . VAL A 1 30  ? 2.58535   7.00931   4.11335   1.000 22.07166 ? 30  VAL A CB  1 
ATOM   181  C CG1 . VAL A 1 30  ? 2.03661   5.81361   3.33599   1.000 25.84473 ? 30  VAL A CG1 1 
ATOM   182  C CG2 . VAL A 1 30  ? 3.27668   7.96451   3.16570   1.000 25.96278 ? 30  VAL A CG2 1 
ATOM   183  N N   . LYS A 1 31  ? 1.30257   6.59815   7.03739   1.000 21.86464 ? 31  LYS A N   1 
ATOM   184  C CA  . LYS A 1 31  ? 0.74937   5.63008   7.97526   1.000 23.19743 ? 31  LYS A CA  1 
ATOM   185  C C   . LYS A 1 31  ? -0.68636  5.96561   8.36544   1.000 23.46225 ? 31  LYS A C   1 
ATOM   186  O O   . LYS A 1 31  ? -1.48703  5.05822   8.61370   1.000 28.07915 ? 31  LYS A O   1 
ATOM   187  C CB  . LYS A 1 31  ? 1.67285   5.56731   9.19346   1.000 24.43358 ? 31  LYS A CB  1 
ATOM   188  C CG  . LYS A 1 31  ? 1.20638   4.75815   10.38261  1.000 30.12356 ? 31  LYS A CG  1 
ATOM   189  C CD  . LYS A 1 31  ? 2.23594   4.91961   11.50995  1.000 25.24818 ? 31  LYS A CD  1 
ATOM   190  C CE  . LYS A 1 31  ? 1.86366   4.13627   12.75730  1.000 40.17744 ? 31  LYS A CE  1 
ATOM   191  N NZ  . LYS A 1 31  ? 2.95588   4.26215   13.76871  1.000 33.92033 ? 31  LYS A NZ  1 
ATOM   192  N N   . HIS A 1 32  ? -1.04955  7.24717   8.40824   1.000 26.38506 ? 32  HIS A N   1 
ATOM   193  C CA  . HIS A 1 32  ? -2.34910  7.61884   8.95236   1.000 32.00010 ? 32  HIS A CA  1 
ATOM   194  C C   . HIS A 1 32  ? -3.28960  8.19149   7.90328   1.000 35.46357 ? 32  HIS A C   1 
ATOM   195  O O   . HIS A 1 32  ? -4.32641  8.76578   8.25022   1.000 39.70287 ? 32  HIS A O   1 
ATOM   196  C CB  . HIS A 1 32  ? -2.18851  8.56709   10.14242  1.000 27.97003 ? 32  HIS A CB  1 
ATOM   197  C CG  . HIS A 1 32  ? -1.48367  7.94809   11.30634  1.000 23.44908 ? 32  HIS A CG  1 
ATOM   198  N ND1 . HIS A 1 32  ? -2.08902  7.03968   12.14842  1.000 26.46549 ? 32  HIS A ND1 1 
ATOM   199  C CD2 . HIS A 1 32  ? -0.22307  8.11198   11.77412  1.000 27.38326 ? 32  HIS A CD2 1 
ATOM   200  C CE1 . HIS A 1 32  ? -1.22753  6.65996   13.07491  1.000 27.85615 ? 32  HIS A CE1 1 
ATOM   201  N NE2 . HIS A 1 32  ? -0.08889  7.29828   12.87247  1.000 24.94530 ? 32  HIS A NE2 1 
ATOM   202  N N   . HIS A 1 33  ? -2.96295  8.02996   6.62866   1.000 37.92532 ? 33  HIS A N   1 
ATOM   203  C CA  A HIS A 1 33  ? -3.76011  8.56182   5.53465   0.470 40.43018 ? 33  HIS A CA  1 
ATOM   204  C CA  B HIS A 1 33  ? -3.77568  8.55675   5.54756   0.530 40.42955 ? 33  HIS A CA  1 
ATOM   205  C C   . HIS A 1 33  ? -4.34248  7.41473   4.72115   1.000 49.44606 ? 33  HIS A C   1 
ATOM   206  O O   . HIS A 1 33  ? -3.66845  6.40797   4.48591   1.000 44.84277 ? 33  HIS A O   1 
ATOM   207  C CB  A HIS A 1 33  ? -2.89155  9.42724   4.62491   0.470 44.02747 ? 33  HIS A CB  1 
ATOM   208  C CB  B HIS A 1 33  ? -2.96219  9.49753   4.66664   0.530 44.13843 ? 33  HIS A CB  1 
ATOM   209  C CG  A HIS A 1 33  ? -3.66843  10.22297  3.62473   0.470 47.22739 ? 33  HIS A CG  1 
ATOM   210  C CG  B HIS A 1 33  ? -2.97739  10.91597  5.14093   0.530 44.92851 ? 33  HIS A CG  1 
ATOM   211  N ND1 A HIS A 1 33  ? -3.82674  9.82287   2.31543   0.470 45.44851 ? 33  HIS A ND1 1 
ATOM   212  N ND1 B HIS A 1 33  ? -2.78419  11.26126  6.46161   0.530 41.08136 ? 33  HIS A ND1 1 
ATOM   213  C CD2 A HIS A 1 33  ? -4.33067  11.39772  3.74243   0.470 50.85201 ? 33  HIS A CD2 1 
ATOM   214  C CD2 B HIS A 1 33  ? -3.18125  12.07580  4.47407   0.530 48.97646 ? 33  HIS A CD2 1 
ATOM   215  C CE1 A HIS A 1 33  ? -4.55237  10.71775  1.66947   0.470 45.66866 ? 33  HIS A CE1 1 
ATOM   216  C CE1 B HIS A 1 33  ? -2.86542  12.57385  6.58670   0.530 46.62015 ? 33  HIS A CE1 1 
ATOM   217  N NE2 A HIS A 1 33  ? -4.87078  11.68346  2.51242   0.470 51.81549 ? 33  HIS A NE2 1 
ATOM   218  N NE2 B HIS A 1 33  ? -3.10367  13.09173  5.39492   0.530 40.31508 ? 33  HIS A NE2 1 
ATOM   219  N N   . GLU A 1 34  ? -5.59387  7.57144   4.29654   1.000 55.49863 ? 34  GLU A N   1 
ATOM   220  C CA  . GLU A 1 34  ? -6.21486  6.58180   3.42822   1.000 62.94437 ? 34  GLU A CA  1 
ATOM   221  C C   . GLU A 1 34  ? -5.53727  6.64680   2.06815   1.000 56.84787 ? 34  GLU A C   1 
ATOM   222  O O   . GLU A 1 34  ? -5.55352  7.69240   1.40927   1.000 64.05118 ? 34  GLU A O   1 
ATOM   223  C CB  . GLU A 1 34  ? -7.70855  6.86729   3.29474   1.000 63.95968 ? 34  GLU A CB  1 
ATOM   224  C CG  . GLU A 1 34  ? -8.50427  5.75699   2.62086   1.000 63.12583 ? 34  GLU A CG  1 
ATOM   225  C CD  . GLU A 1 34  ? -10.00514 5.94277   2.77837   1.000 69.25190 ? 34  GLU A CD  1 
ATOM   226  O OE1 . GLU A 1 34  ? -10.47718 7.09649   2.67657   1.000 76.44166 ? 34  GLU A OE1 1 
ATOM   227  O OE2 . GLU A 1 34  ? -10.71274 4.93847   3.01584   1.000 65.21370 ? 34  GLU A OE2 1 
ATOM   228  N N   . GLU A 1 35  ? -4.92342  5.54249   1.66090   1.000 63.49328 ? 35  GLU A N   1 
ATOM   229  C CA  . GLU A 1 35  ? -4.17640  5.45642   0.40755   1.000 59.42848 ? 35  GLU A CA  1 
ATOM   230  C C   . GLU A 1 35  ? -5.05334  5.61809   -0.84880  1.000 64.60134 ? 35  GLU A C   1 
ATOM   231  O O   . GLU A 1 35  ? -4.50253  5.43265   -1.93844  1.000 66.02771 ? 35  GLU A O   1 
ATOM   232  C CB  . GLU A 1 35  ? -3.39632  4.13845   0.34179   1.000 61.85163 ? 35  GLU A CB  1 
ATOM   233  C CG  . GLU A 1 35  ? -2.21542  4.04257   1.30639   1.000 57.79132 ? 35  GLU A CG  1 
ATOM   234  C CD  . GLU A 1 35  ? -1.52078  2.68788   1.24369   1.000 61.65332 ? 35  GLU A CD  1 
ATOM   235  O OE1 . GLU A 1 35  ? -2.13348  1.73324   0.71727   1.000 60.44890 ? 35  GLU A OE1 1 
ATOM   236  O OE2 . GLU A 1 35  ? -0.36393  2.57349   1.71271   1.000 39.09499 ? 35  GLU A OE2 1 
ATOM   237  N N   . VAL A 1 36  ? -6.34543  5.94376   -0.76725  1.000 64.00889 ? 36  VAL A N   1 
ATOM   238  C CA  . VAL A 1 36  ? -7.20609  6.06405   -1.93800  1.000 49.17968 ? 36  VAL A CA  1 
ATOM   239  C C   . VAL A 1 36  ? -7.86660  7.43645   -1.91550  1.000 60.62956 ? 36  VAL A C   1 
ATOM   240  O O   . VAL A 1 36  ? -8.52507  7.79015   -0.93352  1.000 62.41292 ? 36  VAL A O   1 
ATOM   241  C CB  . VAL A 1 36  ? -8.27687  4.96032   -1.99160  1.000 56.06441 ? 36  VAL A CB  1 
ATOM   242  C CG1 . VAL A 1 36  ? -8.85618  4.83952   -3.39488  1.000 53.37876 ? 36  VAL A CG1 1 
ATOM   243  C CG2 . VAL A 1 36  ? -7.70610  3.62784   -1.52433  1.000 62.54737 ? 36  VAL A CG2 1 
ATOM   244  N N   . PRO A 1 37  ? -7.72295  8.25053   -2.96161  1.000 59.83594 ? 37  PRO A N   1 
ATOM   245  C CA  . PRO A 1 37  ? -8.41429  9.54505   -2.99271  1.000 56.97420 ? 37  PRO A CA  1 
ATOM   246  C C   . PRO A 1 37  ? -9.91998  9.36267   -3.09698  1.000 57.85136 ? 37  PRO A C   1 
ATOM   247  O O   . PRO A 1 37  ? -10.42267 8.33371   -3.55253  1.000 58.61418 ? 37  PRO A O   1 
ATOM   248  C CB  . PRO A 1 37  ? -7.86398  10.21637  -4.25684  1.000 60.58757 ? 37  PRO A CB  1 
ATOM   249  C CG  . PRO A 1 37  ? -6.59422  9.48284   -4.57131  1.000 57.42202 ? 37  PRO A CG  1 
ATOM   250  C CD  . PRO A 1 37  ? -6.81830  8.07548   -4.10946  1.000 55.96521 ? 37  PRO A CD  1 
ATOM   251  N N   . ASN A 1 38  ? -10.64599 10.40138  -2.67483  1.000 61.98678 ? 38  ASN A N   1 
ATOM   252  C CA  . ASN A 1 38  ? -12.10204 10.30317  -2.61617  1.000 60.29231 ? 38  ASN A CA  1 
ATOM   253  C C   . ASN A 1 38  ? -12.73300 10.20191  -3.99974  1.000 64.62719 ? 38  ASN A C   1 
ATOM   254  O O   . ASN A 1 38  ? -13.82583 9.64104   -4.13690  1.000 63.82280 ? 38  ASN A O   1 
ATOM   255  C CB  . ASN A 1 38  ? -12.68891 11.47866  -1.83673  1.000 64.96404 ? 38  ASN A CB  1 
ATOM   256  C CG  . ASN A 1 38  ? -12.43083 11.37298  -0.34839  1.000 77.36941 ? 38  ASN A CG  1 
ATOM   257  O OD1 . ASN A 1 38  ? -12.21759 10.28055  0.17898   1.000 82.54013 ? 38  ASN A OD1 1 
ATOM   258  N ND2 . ASN A 1 38  ? -12.45171 12.50880  0.33940   1.000 78.12410 ? 38  ASN A ND2 1 
ATOM   259  N N   . VAL A 1 39  ? -12.07035 10.72971  -5.03152  1.000 64.73599 ? 39  VAL A N   1 
ATOM   260  C CA  . VAL A 1 39  ? -12.63581 10.66244  -6.37608  1.000 62.97473 ? 39  VAL A CA  1 
ATOM   261  C C   . VAL A 1 39  ? -12.70537 9.22105   -6.86778  1.000 62.12162 ? 39  VAL A C   1 
ATOM   262  O O   . VAL A 1 39  ? -13.57972 8.87189   -7.67088  1.000 54.10443 ? 39  VAL A O   1 
ATOM   263  C CB  . VAL A 1 39  ? -11.86524 11.58590  -7.34006  1.000 74.03229 ? 39  VAL A CB  1 
ATOM   264  C CG1 . VAL A 1 39  ? -12.51967 11.59823  -8.71717  1.000 69.81358 ? 39  VAL A CG1 1 
ATOM   265  C CG2 . VAL A 1 39  ? -11.78972 12.99575  -6.77152  1.000 74.98836 ? 39  VAL A CG2 1 
ATOM   266  N N   . ILE A 1 40  ? -11.80778 8.36478   -6.39999  1.000 56.44357 ? 40  ILE A N   1 
ATOM   267  C CA  . ILE A 1 40  ? -11.87691 6.94350   -6.74492  1.000 49.38246 ? 40  ILE A CA  1 
ATOM   268  C C   . ILE A 1 40  ? -12.92402 6.27854   -5.85726  1.000 46.52558 ? 40  ILE A C   1 
ATOM   269  O O   . ILE A 1 40  ? -12.87352 6.44028   -4.62584  1.000 39.15353 ? 40  ILE A O   1 
ATOM   270  C CB  . ILE A 1 40  ? -10.51535 6.27808   -6.57331  1.000 52.76086 ? 40  ILE A CB  1 
ATOM   271  C CG1 . ILE A 1 40  ? -9.53617  6.74422   -7.65556  1.000 52.55740 ? 40  ILE A CG1 1 
ATOM   272  C CG2 . ILE A 1 40  ? -10.66699 4.76309   -6.60241  1.000 43.85261 ? 40  ILE A CG2 1 
ATOM   273  C CD1 . ILE A 1 40  ? -8.80231  8.03463   -7.32913  1.000 62.92736 ? 40  ILE A CD1 1 
ATOM   274  N N   . PRO A 1 41  ? -13.87590 5.53896   -6.42816  1.000 39.40617 ? 41  PRO A N   1 
ATOM   275  C CA  . PRO A 1 41  ? -14.91026 4.89421   -5.60649  1.000 34.13900 ? 41  PRO A CA  1 
ATOM   276  C C   . PRO A 1 41  ? -14.28623 3.82871   -4.71693  1.000 31.56330 ? 41  PRO A C   1 
ATOM   277  O O   . PRO A 1 41  ? -13.61635 2.91435   -5.20054  1.000 32.97347 ? 41  PRO A O   1 
ATOM   278  C CB  . PRO A 1 41  ? -15.85366 4.27835   -6.64956  1.000 27.56712 ? 41  PRO A CB  1 
ATOM   279  C CG  . PRO A 1 41  ? -15.57102 5.03823   -7.92255  1.000 39.23625 ? 41  PRO A CG  1 
ATOM   280  C CD  . PRO A 1 41  ? -14.09858 5.30712   -7.86595  1.000 39.52895 ? 41  PRO A CD  1 
ATOM   281  N N   . HIS A 1 42  ? -14.51940 3.94531   -3.41119  1.000 32.02298 ? 42  HIS A N   1 
ATOM   282  C CA  . HIS A 1 42  ? -13.96073 2.98056   -2.47713  1.000 26.53416 ? 42  HIS A CA  1 
ATOM   283  C C   . HIS A 1 42  ? -14.53771 3.23628   -1.09732  1.000 34.25559 ? 42  HIS A C   1 
ATOM   284  O O   . HIS A 1 42  ? -14.94576 4.35589   -0.77691  1.000 30.66796 ? 42  HIS A O   1 
ATOM   285  C CB  . HIS A 1 42  ? -12.43764 3.10707   -2.40193  1.000 28.66068 ? 42  HIS A CB  1 
ATOM   286  C CG  . HIS A 1 42  ? -11.97865 4.29898   -1.62003  1.000 44.28683 ? 42  HIS A CG  1 
ATOM   287  N ND1 . HIS A 1 42  ? -11.91944 5.56593   -2.16001  1.000 45.05723 ? 42  HIS A ND1 1 
ATOM   288  C CD2 . HIS A 1 42  ? -11.57207 4.41920   -0.33430  1.000 45.02459 ? 42  HIS A CD2 1 
ATOM   289  C CE1 . HIS A 1 42  ? -11.49318 6.41471   -1.24169  1.000 52.88662 ? 42  HIS A CE1 1 
ATOM   290  N NE2 . HIS A 1 42  ? -11.27542 5.74472   -0.12499  1.000 46.39736 ? 42  HIS A NE2 1 
ATOM   291  N N   . PHE A 1 43  ? -14.55707 2.17869   -0.28994  1.000 25.37299 ? 43  PHE A N   1 
ATOM   292  C CA  . PHE A 1 43  ? -14.76109 2.27609   1.14938   1.000 22.85213 ? 43  PHE A CA  1 
ATOM   293  C C   . PHE A 1 43  ? -14.26757 0.97246   1.75935   1.000 20.31315 ? 43  PHE A C   1 
ATOM   294  O O   . PHE A 1 43  ? -14.02191 -0.00797  1.05886   1.000 20.96743 ? 43  PHE A O   1 
ATOM   295  C CB  . PHE A 1 43  ? -16.22759 2.54792   1.52491   1.000 24.81539 ? 43  PHE A CB  1 
ATOM   296  C CG  . PHE A 1 43  ? -17.19338 1.47742   1.07787   1.000 21.12285 ? 43  PHE A CG  1 
ATOM   297  C CD1 . PHE A 1 43  ? -17.35953 0.30636   1.80903   1.000 20.29516 ? 43  PHE A CD1 1 
ATOM   298  C CD2 . PHE A 1 43  ? -17.95376 1.65077   -0.06679  1.000 26.47650 ? 43  PHE A CD2 1 
ATOM   299  C CE1 . PHE A 1 43  ? -18.23825 -0.68481  1.40351   1.000 22.45229 ? 43  PHE A CE1 1 
ATOM   300  C CE2 . PHE A 1 43  ? -18.85069 0.66629   -0.47378  1.000 24.91152 ? 43  PHE A CE2 1 
ATOM   301  C CZ  . PHE A 1 43  ? -19.00511 -0.49350  0.26103   1.000 23.12492 ? 43  PHE A CZ  1 
ATOM   302  N N   . PHE A 1 44  ? -14.12911 0.96390   3.08018   1.000 20.56023 ? 44  PHE A N   1 
ATOM   303  C CA  . PHE A 1 44  ? -13.78762 -0.27546  3.75769   1.000 19.48837 ? 44  PHE A CA  1 
ATOM   304  C C   . PHE A 1 44  ? -14.60142 -0.40788  5.03347   1.000 21.33135 ? 44  PHE A C   1 
ATOM   305  O O   . PHE A 1 44  ? -15.11382 0.57944   5.57857   1.000 25.40889 ? 44  PHE A O   1 
ATOM   306  C CB  . PHE A 1 44  ? -12.29007 -0.37458  4.11183   1.000 22.69827 ? 44  PHE A CB  1 
ATOM   307  C CG  . PHE A 1 44  ? -11.86298 0.57739   5.18522   1.000 28.58368 ? 44  PHE A CG  1 
ATOM   308  C CD1 . PHE A 1 44  ? -11.87603 0.19195   6.51531   1.000 28.03751 ? 44  PHE A CD1 1 
ATOM   309  C CD2 . PHE A 1 44  ? -11.45200 1.85979   4.86180   1.000 33.85982 ? 44  PHE A CD2 1 
ATOM   310  C CE1 . PHE A 1 44  ? -11.49971 1.07808   7.51094   1.000 33.09158 ? 44  PHE A CE1 1 
ATOM   311  C CE2 . PHE A 1 44  ? -11.06675 2.75300   5.85418   1.000 40.07669 ? 44  PHE A CE2 1 
ATOM   312  C CZ  . PHE A 1 44  ? -11.08689 2.35720   7.17594   1.000 39.78259 ? 44  PHE A CZ  1 
ATOM   313  N N   . THR A 1 45  ? -14.71031 -1.65861  5.48365   1.000 20.89079 ? 45  THR A N   1 
ATOM   314  C CA  . THR A 1 45  ? -15.14893 -2.01358  6.82967   1.000 20.86926 ? 45  THR A CA  1 
ATOM   315  C C   . THR A 1 45  ? -14.11737 -2.95637  7.43292   1.000 20.62714 ? 45  THR A C   1 
ATOM   316  O O   . THR A 1 45  ? -13.32435 -3.57796  6.72026   1.000 22.99731 ? 45  THR A O   1 
ATOM   317  C CB  . THR A 1 45  ? -16.54868 -2.67627  6.85188   1.000 20.70360 ? 45  THR A CB  1 
ATOM   318  O OG1 . THR A 1 45  ? -16.55303 -3.89003  6.09009   1.000 22.98794 ? 45  THR A OG1 1 
ATOM   319  C CG2 . THR A 1 45  ? -17.62207 -1.72511  6.31190   1.000 23.56241 ? 45  THR A CG2 1 
ATOM   320  N N   . GLY A 1 46  ? -14.10432 -3.05767  8.75075   1.000 20.86021 ? 46  GLY A N   1 
ATOM   321  C CA  . GLY A 1 46  ? -13.17702 -4.00002  9.36383   1.000 20.69078 ? 46  GLY A CA  1 
ATOM   322  C C   . GLY A 1 46  ? -12.92050 -3.65058  10.82369  1.000 23.54001 ? 46  GLY A C   1 
ATOM   323  O O   . GLY A 1 46  ? -13.81330 -3.16982  11.52486  1.000 26.84329 ? 46  GLY A O   1 
ATOM   324  N N   . VAL A 1 47  ? -11.68450 -3.91781  11.26050  1.000 18.95785 ? 47  VAL A N   1 
ATOM   325  C CA  . VAL A 1 47  ? -11.30986 -3.82395  12.67095  1.000 19.28150 ? 47  VAL A CA  1 
ATOM   326  C C   . VAL A 1 47  ? -9.89877  -3.28141  12.80311  1.000 21.52491 ? 47  VAL A C   1 
ATOM   327  O O   . VAL A 1 47  ? -9.09701  -3.30967  11.86551  1.000 18.41678 ? 47  VAL A O   1 
ATOM   328  C CB  . VAL A 1 47  ? -11.38525 -5.19212  13.39078  1.000 19.28264 ? 47  VAL A CB  1 
ATOM   329  C CG1 . VAL A 1 47  ? -12.81690 -5.76631  13.35309  1.000 22.21885 ? 47  VAL A CG1 1 
ATOM   330  C CG2 . VAL A 1 47  ? -10.38615 -6.17321  12.79643  1.000 18.81907 ? 47  VAL A CG2 1 
ATOM   331  N N   . GLN A 1 48  ? -9.57689  -2.83563  14.00414  1.000 18.60989 ? 48  GLN A N   1 
ATOM   332  C CA  . GLN A 1 48  ? -8.20398  -2.54252  14.35346  1.000 18.34424 ? 48  GLN A CA  1 
ATOM   333  C C   . GLN A 1 48  ? -7.61399  -3.68953  15.15986  1.000 19.52696 ? 48  GLN A C   1 
ATOM   334  O O   . GLN A 1 48  ? -8.33814  -4.45460  15.80145  1.000 23.06289 ? 48  GLN A O   1 
ATOM   335  C CB  . GLN A 1 48  ? -8.12371  -1.22313  15.10943  1.000 25.11052 ? 48  GLN A CB  1 
ATOM   336  C CG  . GLN A 1 48  ? -8.39400  -0.07166  14.16115  1.000 33.48494 ? 48  GLN A CG  1 
ATOM   337  C CD  . GLN A 1 48  ? -8.23958  1.27569   14.80341  1.000 35.87160 ? 48  GLN A CD  1 
ATOM   338  O OE1 . GLN A 1 48  ? -7.30475  2.01205   14.49922  1.000 41.28601 ? 48  GLN A OE1 1 
ATOM   339  N NE2 . GLN A 1 48  ? -9.16012  1.61480   15.69208  1.000 35.40222 ? 48  GLN A NE2 1 
ATOM   340  N N   . VAL A 1 49  ? -6.29888  -3.83781  15.05596  1.000 19.70749 ? 49  VAL A N   1 
ATOM   341  C CA  . VAL A 1 49  ? -5.54362  -4.88026  15.73859  1.000 21.51884 ? 49  VAL A CA  1 
ATOM   342  C C   . VAL A 1 49  ? -4.68799  -4.20123  16.79500  1.000 22.28874 ? 49  VAL A C   1 
ATOM   343  O O   . VAL A 1 49  ? -4.12949  -3.12844  16.54916  1.000 20.43523 ? 49  VAL A O   1 
ATOM   344  C CB  . VAL A 1 49  ? -4.64865  -5.64965  14.74280  1.000 26.03267 ? 49  VAL A CB  1 
ATOM   345  C CG1 . VAL A 1 49  ? -3.85448  -6.74340  15.46851  1.000 27.80007 ? 49  VAL A CG1 1 
ATOM   346  C CG2 . VAL A 1 49  ? -5.48388  -6.23948  13.60599  1.000 24.24837 ? 49  VAL A CG2 1 
ATOM   347  N N   . THR A 1 50  ? -4.59530  -4.81317  17.97599  1.000 24.94701 ? 50  THR A N   1 
ATOM   348  C CA  . THR A 1 50  ? -3.75005  -4.29139  19.04124  1.000 28.85586 ? 50  THR A CA  1 
ATOM   349  C C   . THR A 1 50  ? -2.66120  -5.29844  19.39265  1.000 35.10671 ? 50  THR A C   1 
ATOM   350  O O   . THR A 1 50  ? -2.74068  -6.48282  19.05518  1.000 32.29398 ? 50  THR A O   1 
ATOM   351  C CB  . THR A 1 50  ? -4.56053  -3.91288  20.29299  1.000 31.77811 ? 50  THR A CB  1 
ATOM   352  O OG1 . THR A 1 50  ? -5.19632  -5.07839  20.83343  1.000 33.28764 ? 50  THR A OG1 1 
ATOM   353  C CG2 . THR A 1 50  ? -5.62546  -2.86077  19.96555  1.000 32.38037 ? 50  THR A CG2 1 
ATOM   354  N N   . LYS A 1 51  ? -1.62619  -4.80961  20.07394  1.000 41.92313 ? 51  LYS A N   1 
ATOM   355  C CA  . LYS A 1 51  ? -0.44664  -5.62274  20.33969  1.000 53.84851 ? 51  LYS A CA  1 
ATOM   356  C C   . LYS A 1 51  ? -0.44286  -6.26095  21.72227  1.000 62.13232 ? 51  LYS A C   1 
ATOM   357  O O   . LYS A 1 51  ? 0.32530   -7.20256  21.94791  1.000 73.24050 ? 51  LYS A O   1 
ATOM   358  C CB  . LYS A 1 51  ? 0.82915   -4.79097  20.15296  1.000 53.61940 ? 51  LYS A CB  1 
ATOM   359  C CG  . LYS A 1 51  ? 2.06268   -5.61278  19.80900  1.000 74.75684 ? 51  LYS A CG  1 
ATOM   360  C CD  . LYS A 1 51  ? 3.27520   -4.71827  19.59766  1.000 90.54302 ? 51  LYS A CD  1 
ATOM   361  C CE  . LYS A 1 51  ? 4.52326   -5.52741  19.28078  1.000 80.85756 ? 51  LYS A CE  1 
ATOM   362  N NZ  . LYS A 1 51  ? 5.70692   -4.64570  19.07975  1.000 81.83551 ? 51  LYS A NZ  1 
ATOM   363  N N   . GLY A 1 52  ? -1.27889  -5.78851  22.64246  1.000 54.73864 ? 52  GLY A N   1 
ATOM   364  C CA  . GLY A 1 52  ? -1.30031  -6.34706  23.98072  1.000 69.29365 ? 52  GLY A CA  1 
ATOM   365  C C   . GLY A 1 52  ? -1.37141  -5.27851  25.05031  1.000 67.59827 ? 52  GLY A C   1 
ATOM   366  O O   . GLY A 1 52  ? -2.09334  -5.42281  26.04153  1.000 63.47993 ? 52  GLY A O   1 
ATOM   367  N N   . ASP A 1 53  ? -0.62163  -4.19572  24.85805  1.000 66.11220 ? 53  ASP A N   1 
ATOM   368  C CA  . ASP A 1 53  ? -0.71352  -3.03110  25.72709  1.000 61.06886 ? 53  ASP A CA  1 
ATOM   369  C C   . ASP A 1 53  ? -1.93314  -2.17126  25.42234  1.000 58.71277 ? 53  ASP A C   1 
ATOM   370  O O   . ASP A 1 53  ? -2.06288  -1.07667  25.98160  1.000 60.66722 ? 53  ASP A O   1 
ATOM   371  C CB  . ASP A 1 53  ? 0.57044   -2.19628  25.65004  1.000 57.75596 ? 53  ASP A CB  1 
ATOM   372  C CG  . ASP A 1 53  ? 0.84493   -1.66878  24.25346  1.000 64.91835 ? 53  ASP A CG  1 
ATOM   373  O OD1 . ASP A 1 53  ? 0.33969   -2.26512  23.27784  1.000 67.84176 ? 53  ASP A OD1 1 
ATOM   374  O OD2 . ASP A 1 53  ? 1.57217   -0.65770  24.13084  1.000 58.10143 ? 53  ASP A OD2 1 
ATOM   375  N N   . GLY A 1 54  ? -2.82086  -2.64092  24.54707  1.000 47.99541 ? 54  GLY A N   1 
ATOM   376  C CA  . GLY A 1 54  ? -4.03302  -1.93008  24.21951  1.000 51.87671 ? 54  GLY A CA  1 
ATOM   377  C C   . GLY A 1 54  ? -3.91569  -0.93245  23.08830  1.000 38.86774 ? 54  GLY A C   1 
ATOM   378  O O   . GLY A 1 54  ? -4.94719  -0.42045  22.63313  1.000 43.58400 ? 54  GLY A O   1 
ATOM   379  N N   . LEU A 1 55  ? -2.70395  -0.63659  22.61730  1.000 44.05528 ? 55  LEU A N   1 
ATOM   380  C CA  . LEU A 1 55  ? -2.53030  0.32775   21.53848  1.000 33.78743 ? 55  LEU A CA  1 
ATOM   381  C C   . LEU A 1 55  ? -2.69209  -0.34468  20.18293  1.000 28.50412 ? 55  LEU A C   1 
ATOM   382  O O   . LEU A 1 55  ? -2.26650  -1.48689  19.97815  1.000 31.53085 ? 55  LEU A O   1 
ATOM   383  C CB  . LEU A 1 55  ? -1.15952  1.00316   21.60935  1.000 39.19373 ? 55  LEU A CB  1 
ATOM   384  C CG  . LEU A 1 55  ? -1.09031  2.37134   22.30221  1.000 44.69575 ? 55  LEU A CG  1 
ATOM   385  C CD1 . LEU A 1 55  ? -1.45126  2.24524   23.76999  1.000 44.49374 ? 55  LEU A CD1 1 
ATOM   386  C CD2 . LEU A 1 55  ? 0.28899   3.00322   22.13762  1.000 50.16066 ? 55  LEU A CD2 1 
ATOM   387  N N   . VAL A 1 56  ? -3.31387  0.38380   19.25810  1.000 28.80546 ? 56  VAL A N   1 
ATOM   388  C CA  . VAL A 1 56  ? -3.52141  -0.11265  17.90337  1.000 26.33830 ? 56  VAL A CA  1 
ATOM   389  C C   . VAL A 1 56  ? -2.17930  -0.29430  17.20596  1.000 29.95193 ? 56  VAL A C   1 
ATOM   390  O O   . VAL A 1 56  ? -1.33936  0.61468   17.18943  1.000 33.59239 ? 56  VAL A O   1 
ATOM   391  C CB  . VAL A 1 56  ? -4.42991  0.85077   17.12629  1.000 25.85332 ? 56  VAL A CB  1 
ATOM   392  C CG1 . VAL A 1 56  ? -4.37017  0.54720   15.64027  1.000 28.52286 ? 56  VAL A CG1 1 
ATOM   393  C CG2 . VAL A 1 56  ? -5.86101  0.75880   17.63726  1.000 29.84359 ? 56  VAL A CG2 1 
ATOM   394  N N   . SER A 1 57  ? -1.97929  -1.47544  16.60741  1.000 25.55656 ? 57  SER A N   1 
ATOM   395  C CA  . SER A 1 57  ? -0.76963  -1.79318  15.86517  1.000 23.99182 ? 57  SER A CA  1 
ATOM   396  C C   . SER A 1 57  ? -1.02680  -2.07542  14.39329  1.000 26.99066 ? 57  SER A C   1 
ATOM   397  O O   . SER A 1 57  ? -0.06875  -2.24451  13.63007  1.000 29.41189 ? 57  SER A O   1 
ATOM   398  C CB  . SER A 1 57  ? -0.08343  -3.02319  16.47500  1.000 28.04050 ? 57  SER A CB  1 
ATOM   399  O OG  . SER A 1 57  ? -0.94875  -4.15125  16.43709  1.000 28.75799 ? 57  SER A OG  1 
ATOM   400  N N   . GLY A 1 58  ? -2.28067  -2.13858  13.98075  1.000 25.72026 ? 58  GLY A N   1 
ATOM   401  C CA  . GLY A 1 58  ? -2.58638  -2.49923  12.61669  1.000 26.71770 ? 58  GLY A CA  1 
ATOM   402  C C   . GLY A 1 58  ? -4.07929  -2.57213  12.42762  1.000 19.96953 ? 58  GLY A C   1 
ATOM   403  O O   . GLY A 1 58  ? -4.85392  -2.09426  13.25846  1.000 19.90555 ? 58  GLY A O   1 
ATOM   404  N N   . SER A 1 59  ? -4.48397  -3.16990  11.31325  1.000 20.41453 ? 59  SER A N   1 
ATOM   405  C CA  . SER A 1 59  ? -5.89740  -3.23861  10.99991  1.000 17.99976 ? 59  SER A CA  1 
ATOM   406  C C   . SER A 1 59  ? -6.13757  -4.44955  10.11921  1.000 18.66817 ? 59  SER A C   1 
ATOM   407  O O   . SER A 1 59  ? -5.22211  -4.95958  9.46100   1.000 19.07392 ? 59  SER A O   1 
ATOM   408  C CB  . SER A 1 59  ? -6.36545  -1.96945  10.28690  1.000 19.13349 ? 59  SER A CB  1 
ATOM   409  O OG  . SER A 1 59  ? -5.60852  -1.79626  9.09438   1.000 19.38610 ? 59  SER A OG  1 
ATOM   410  N N   . ILE A 1 60  ? -7.37874  -4.91671  10.11034  1.000 17.25806 ? 60  ILE A N   1 
ATOM   411  C CA  . ILE A 1 60  ? -7.82784  -5.90170  9.12675   1.000 19.05808 ? 60  ILE A CA  1 
ATOM   412  C C   . ILE A 1 60  ? -9.06376  -5.32201  8.46239   1.000 19.96913 ? 60  ILE A C   1 
ATOM   413  O O   . ILE A 1 60  ? -10.04845 -5.01033  9.13820   1.000 21.26140 ? 60  ILE A O   1 
ATOM   414  C CB  . ILE A 1 60  ? -8.09761  -7.28730  9.73216   1.000 17.91407 ? 60  ILE A CB  1 
ATOM   415  C CG1 . ILE A 1 60  ? -6.81074  -7.84279  10.36074  1.000 19.95278 ? 60  ILE A CG1 1 
ATOM   416  C CG2 . ILE A 1 60  ? -8.63766  -8.24574  8.65438   1.000 18.64641 ? 60  ILE A CG2 1 
ATOM   417  C CD1 . ILE A 1 60  ? -7.00394  -9.07003  11.24812  1.000 23.87440 ? 60  ILE A CD1 1 
ATOM   418  N N   . LYS A 1 61  ? -8.98405  -5.09343  7.15705   1.000 19.05317 ? 61  LYS A N   1 
ATOM   419  C CA  . LYS A 1 61  ? -9.99877  -4.34725  6.43358   1.000 17.59845 ? 61  LYS A CA  1 
ATOM   420  C C   . LYS A 1 61  ? -10.49832 -5.16026  5.25036   1.000 21.12281 ? 61  LYS A C   1 
ATOM   421  O O   . LYS A 1 61  ? -9.71842  -5.85900  4.58726   1.000 22.12894 ? 61  LYS A O   1 
ATOM   422  C CB  . LYS A 1 61  ? -9.43729  -3.03954  5.90601   1.000 22.82506 ? 61  LYS A CB  1 
ATOM   423  C CG  . LYS A 1 61  ? -9.10553  -2.05478  6.99725   1.000 22.80436 ? 61  LYS A CG  1 
ATOM   424  C CD  . LYS A 1 61  ? -8.50153  -0.79618  6.43459   1.000 24.66543 ? 61  LYS A CD  1 
ATOM   425  C CE  . LYS A 1 61  ? -8.09345  0.13888   7.55690   1.000 28.15876 ? 61  LYS A CE  1 
ATOM   426  N NZ  . LYS A 1 61  ? -7.23782  1.23573   7.03494   1.000 37.03344 ? 61  LYS A NZ  1 
ATOM   427  N N   . GLU A 1 62  ? -11.79689 -5.05285  4.98009   1.000 19.37985 ? 62  GLU A N   1 
ATOM   428  C CA  . GLU A 1 62  ? -12.36298 -5.49097  3.71096   1.000 19.57645 ? 62  GLU A CA  1 
ATOM   429  C C   . GLU A 1 62  ? -12.63026 -4.24300  2.88066   1.000 17.09586 ? 62  GLU A C   1 
ATOM   430  O O   . GLU A 1 62  ? -13.49527 -3.43255  3.22323   1.000 19.81875 ? 62  GLU A O   1 
ATOM   431  C CB  . GLU A 1 62  ? -13.64758 -6.28369  3.92617   1.000 22.35677 ? 62  GLU A CB  1 
ATOM   432  C CG  . GLU A 1 62  ? -14.29429 -6.71630  2.60382   1.000 25.58782 ? 62  GLU A CG  1 
ATOM   433  C CD  . GLU A 1 62  ? -15.73791 -7.16801  2.77743   1.000 39.65334 ? 62  GLU A CD  1 
ATOM   434  O OE1 . GLU A 1 62  ? -16.62305 -6.31057  2.99414   1.000 41.48192 ? 62  GLU A OE1 1 
ATOM   435  O OE2 . GLU A 1 62  ? -15.98528 -8.38584  2.70723   1.000 37.79093 ? 62  GLU A OE2 1 
ATOM   436  N N   . TRP A 1 63  ? -11.88147 -4.09534  1.78774   1.000 17.88443 ? 63  TRP A N   1 
ATOM   437  C CA  . TRP A 1 63  ? -12.02279 -2.96113  0.89747   1.000 19.59368 ? 63  TRP A CA  1 
ATOM   438  C C   . TRP A 1 63  ? -12.98073 -3.30867  -0.22805  1.000 17.27956 ? 63  TRP A C   1 
ATOM   439  O O   . TRP A 1 63  ? -12.97979 -4.43147  -0.73766  1.000 20.54471 ? 63  TRP A O   1 
ATOM   440  C CB  . TRP A 1 63  ? -10.67840 -2.63042  0.25077   1.000 19.88721 ? 63  TRP A CB  1 
ATOM   441  C CG  . TRP A 1 63  ? -9.68413  -2.04069  1.18336   1.000 17.63507 ? 63  TRP A CG  1 
ATOM   442  C CD1 . TRP A 1 63  ? -8.75556  -2.71826  1.92583   1.000 19.90686 ? 63  TRP A CD1 1 
ATOM   443  C CD2 . TRP A 1 63  ? -9.49297  -0.66029  1.46225   1.000 20.06828 ? 63  TRP A CD2 1 
ATOM   444  N NE1 . TRP A 1 63  ? -8.00105  -1.83859  2.64588   1.000 22.57759 ? 63  TRP A NE1 1 
ATOM   445  C CE2 . TRP A 1 63  ? -8.42088  -0.56422  2.36962   1.000 20.71853 ? 63  TRP A CE2 1 
ATOM   446  C CE3 . TRP A 1 63  ? -10.10996 0.51368   1.01564   1.000 25.64471 ? 63  TRP A CE3 1 
ATOM   447  C CZ2 . TRP A 1 63  ? -7.96525  0.65815   2.85956   1.000 31.89818 ? 63  TRP A CZ2 1 
ATOM   448  C CZ3 . TRP A 1 63  ? -9.64945  1.72686   1.49500   1.000 29.25969 ? 63  TRP A CZ3 1 
ATOM   449  C CH2 . TRP A 1 63  ? -8.58916  1.78919   2.40916   1.000 40.14001 ? 63  TRP A CH2 1 
ATOM   450  N N   . ASN A 1 64  ? -13.79975 -2.33306  -0.59406  1.000 18.97999 ? 64  ASN A N   1 
ATOM   451  C CA  . ASN A 1 64  ? -14.57857 -2.36018  -1.82309  1.000 22.89942 ? 64  ASN A CA  1 
ATOM   452  C C   . ASN A 1 64  ? -14.10608 -1.18427  -2.65441  1.000 19.57263 ? 64  ASN A C   1 
ATOM   453  O O   . ASN A 1 64  ? -14.07090 -0.05136  -2.17083  1.000 20.75537 ? 64  ASN A O   1 
ATOM   454  C CB  . ASN A 1 64  ? -16.07248 -2.27413  -1.50889  1.000 20.80352 ? 64  ASN A CB  1 
ATOM   455  C CG  . ASN A 1 64  ? -16.60957 -3.57965  -0.96858  1.000 29.87758 ? 64  ASN A CG  1 
ATOM   456  O OD1 . ASN A 1 64  ? -17.07183 -4.42786  -1.72843  1.000 35.92511 ? 64  ASN A OD1 1 
ATOM   457  N ND2 . ASN A 1 64  ? -16.49997 -3.77404  0.34039   1.000 26.32630 ? 64  ASN A ND2 1 
ATOM   458  N N   . TYR A 1 65  ? -13.69003 -1.45473  -3.88987  1.000 20.10125 ? 65  TYR A N   1 
ATOM   459  C CA  . TYR A 1 65  ? -13.05050 -0.41279  -4.67481  1.000 21.84918 ? 65  TYR A CA  1 
ATOM   460  C C   . TYR A 1 65  ? -13.27313 -0.71530  -6.14439  1.000 19.82291 ? 65  TYR A C   1 
ATOM   461  O O   . TYR A 1 65  ? -13.60085 -1.83870  -6.52252  1.000 21.93482 ? 65  TYR A O   1 
ATOM   462  C CB  . TYR A 1 65  ? -11.53931 -0.32027  -4.39684  1.000 21.51612 ? 65  TYR A CB  1 
ATOM   463  C CG  . TYR A 1 65  ? -10.78853 -1.60789  -4.65623  1.000 22.05792 ? 65  TYR A CG  1 
ATOM   464  C CD1 . TYR A 1 65  ? -10.03391 -1.78282  -5.81675  1.000 19.81145 ? 65  TYR A CD1 1 
ATOM   465  C CD2 . TYR A 1 65  ? -10.83062 -2.66182  -3.73763  1.000 22.42058 ? 65  TYR A CD2 1 
ATOM   466  C CE1 . TYR A 1 65  ? -9.35498  -2.96707  -6.05259  1.000 20.14678 ? 65  TYR A CE1 1 
ATOM   467  C CE2 . TYR A 1 65  ? -10.16348 -3.84059  -3.96300  1.000 20.91620 ? 65  TYR A CE2 1 
ATOM   468  C CZ  . TYR A 1 65  ? -9.41105  -3.99067  -5.12214  1.000 21.15304 ? 65  TYR A CZ  1 
ATOM   469  O OH  . TYR A 1 65  ? -8.73222  -5.16554  -5.35102  1.000 22.67578 ? 65  TYR A OH  1 
ATOM   470  N N   . VAL A 1 66  ? -13.04511 0.29974   -6.96773  1.000 22.85784 ? 66  VAL A N   1 
ATOM   471  C CA  . VAL A 1 66  ? -13.15647 0.18572   -8.42028  1.000 20.55936 ? 66  VAL A CA  1 
ATOM   472  C C   . VAL A 1 66  ? -11.78178 0.43978   -9.03153  1.000 21.29951 ? 66  VAL A C   1 
ATOM   473  O O   . VAL A 1 66  ? -11.18115 1.50233   -8.81621  1.000 27.27051 ? 66  VAL A O   1 
ATOM   474  C CB  . VAL A 1 66  ? -14.21818 1.15099   -8.96486  1.000 22.83512 ? 66  VAL A CB  1 
ATOM   475  C CG1 . VAL A 1 66  ? -14.20000 1.14399   -10.48432 1.000 31.75784 ? 66  VAL A CG1 1 
ATOM   476  C CG2 . VAL A 1 66  ? -15.60520 0.75106   -8.44580  1.000 23.25629 ? 66  VAL A CG2 1 
ATOM   477  N N   . LEU A 1 67  ? -11.26344 -0.55127  -9.74623  1.000 20.72330 ? 67  LEU A N   1 
ATOM   478  C CA  . LEU A 1 67  ? -9.94536  -0.46551  -10.36945 1.000 19.68293 ? 67  LEU A CA  1 
ATOM   479  C C   . LEU A 1 67  ? -10.12509 -0.62483  -11.86666 1.000 21.30944 ? 67  LEU A C   1 
ATOM   480  O O   . LEU A 1 67  ? -10.63971 -1.65269  -12.32239 1.000 22.26048 ? 67  LEU A O   1 
ATOM   481  C CB  . LEU A 1 67  ? -9.03724  -1.57408  -9.83944  1.000 19.24181 ? 67  LEU A CB  1 
ATOM   482  C CG  . LEU A 1 67  ? -7.66695  -1.73282  -10.51235 1.000 21.74684 ? 67  LEU A CG  1 
ATOM   483  C CD1 . LEU A 1 67  ? -6.83814  -0.45955  -10.31106 1.000 24.46973 ? 67  LEU A CD1 1 
ATOM   484  C CD2 . LEU A 1 67  ? -6.92666  -2.94252  -9.95366  1.000 24.10752 ? 67  LEU A CD2 1 
ATOM   485  N N   . GLU A 1 68  ? -9.66854  0.37759   -12.62565 1.000 22.67568 ? 68  GLU A N   1 
ATOM   486  C CA  . GLU A 1 68  ? -9.82362  0.37137   -14.09001 1.000 21.98967 ? 68  GLU A CA  1 
ATOM   487  C C   . GLU A 1 68  ? -11.26160 0.02827   -14.47850 1.000 24.89488 ? 68  GLU A C   1 
ATOM   488  O O   . GLU A 1 68  ? -11.52325 -0.77904  -15.37643 1.000 24.76257 ? 68  GLU A O   1 
ATOM   489  C CB  . GLU A 1 68  ? -8.77260  -0.51491  -14.78560 1.000 24.44053 ? 68  GLU A CB  1 
ATOM   490  C CG  . GLU A 1 68  ? -7.33568  -0.01124  -14.50499 1.000 25.66185 ? 68  GLU A CG  1 
ATOM   491  C CD  . GLU A 1 68  ? -6.22206  -0.81185  -15.17018 1.000 28.85991 ? 68  GLU A CD  1 
ATOM   492  O OE1 . GLU A 1 68  ? -6.49012  -1.87846  -15.76327 1.000 31.51423 ? 68  GLU A OE1 1 
ATOM   493  O OE2 . GLU A 1 68  ? -5.05709  -0.35958  -15.09345 1.000 32.36296 ? 68  GLU A OE2 1 
ATOM   494  N N   . GLY A 1 69  ? -12.21284 0.62230   -13.74222 1.000 24.41232 ? 69  GLY A N   1 
ATOM   495  C CA  . GLY A 1 69  ? -13.62773 0.52632   -14.04449 1.000 21.69037 ? 69  GLY A CA  1 
ATOM   496  C C   . GLY A 1 69  ? -14.35540 -0.65969  -13.44630 1.000 25.12353 ? 69  GLY A C   1 
ATOM   497  O O   . GLY A 1 69  ? -15.59281 -0.69983  -13.50844 1.000 28.60923 ? 69  GLY A O   1 
ATOM   498  N N   . LYS A 1 70  ? -13.64578 -1.62131  -12.86874 1.000 22.55358 ? 70  LYS A N   1 
ATOM   499  C CA  . LYS A 1 70  ? -14.25057 -2.85471  -12.37957 1.000 23.34730 ? 70  LYS A CA  1 
ATOM   500  C C   . LYS A 1 70  ? -14.30527 -2.83606  -10.85848 1.000 25.30035 ? 70  LYS A C   1 
ATOM   501  O O   . LYS A 1 70  ? -13.29502 -2.58485  -10.19535 1.000 22.31818 ? 70  LYS A O   1 
ATOM   502  C CB  . LYS A 1 70  ? -13.47809 -4.08302  -12.85019 1.000 23.25112 ? 70  LYS A CB  1 
ATOM   503  C CG  . LYS A 1 70  ? -14.13592 -5.39882  -12.45668 1.000 27.72111 ? 70  LYS A CG  1 
ATOM   504  C CD  . LYS A 1 70  ? -13.37678 -6.59072  -13.02324 1.000 36.55446 ? 70  LYS A CD  1 
ATOM   505  C CE  . LYS A 1 70  ? -14.03584 -7.90910  -12.63608 1.000 35.70265 ? 70  LYS A CE  1 
ATOM   506  N NZ  . LYS A 1 70  ? -15.51590 -7.88827  -12.86064 1.000 38.92857 ? 70  LYS A NZ  1 
ATOM   507  N N   . ALA A 1 71  ? -15.48569 -3.09977  -10.31212 1.000 22.18069 ? 71  ALA A N   1 
ATOM   508  C CA  . ALA A 1 71  ? -15.61990 -3.20387  -8.86577  1.000 21.53084 ? 71  ALA A CA  1 
ATOM   509  C C   . ALA A 1 71  ? -14.99142 -4.49449  -8.35883  1.000 21.00052 ? 71  ALA A C   1 
ATOM   510  O O   . ALA A 1 71  ? -15.19791 -5.57590  -8.92155  1.000 22.18594 ? 71  ALA A O   1 
ATOM   511  C CB  . ALA A 1 71  ? -17.09540 -3.15683  -8.47859  1.000 24.04752 ? 71  ALA A CB  1 
ATOM   512  N N   . MET A 1 72  ? -14.23690 -4.37926  -7.26067  1.000 20.84601 ? 72  MET A N   1 
ATOM   513  C CA  . MET A 1 72  ? -13.49475 -5.49117  -6.69805  1.000 21.60646 ? 72  MET A CA  1 
ATOM   514  C C   . MET A 1 72  ? -13.54099 -5.40132  -5.18035  1.000 20.24561 ? 72  MET A C   1 
ATOM   515  O O   . MET A 1 72  ? -13.91970 -4.37588  -4.61179  1.000 21.60190 ? 72  MET A O   1 
ATOM   516  C CB  . MET A 1 72  ? -12.02859 -5.44896  -7.13546  1.000 21.55637 ? 72  MET A CB  1 
ATOM   517  C CG  . MET A 1 72  ? -11.81272 -5.52635  -8.64424  1.000 22.69403 ? 72  MET A CG  1 
ATOM   518  S SD  . MET A 1 72  ? -10.06009 -5.50043  -8.97757  1.000 27.47489 ? 72  MET A SD  1 
ATOM   519  C CE  . MET A 1 72  ? -10.10129 -5.33449  -10.77176 1.000 26.76684 ? 72  MET A CE  1 
ATOM   520  N N   . THR A 1 73  ? -13.13427 -6.49081  -4.53038  1.000 22.18388 ? 73  THR A N   1 
ATOM   521  C CA  . THR A 1 73  ? -13.00879 -6.53016  -3.07775  1.000 21.19781 ? 73  THR A CA  1 
ATOM   522  C C   . THR A 1 73  ? -11.65051 -7.11150  -2.69923  1.000 24.89600 ? 73  THR A C   1 
ATOM   523  O O   . THR A 1 73  ? -11.08501 -7.91836  -3.43583  1.000 21.90478 ? 73  THR A O   1 
ATOM   524  C CB  . THR A 1 73  ? -14.16181 -7.33641  -2.41928  1.000 28.62413 ? 73  THR A CB  1 
ATOM   525  O OG1 . THR A 1 73  ? -13.96151 -8.73645  -2.62927  1.000 36.69929 ? 73  THR A OG1 1 
ATOM   526  C CG2 . THR A 1 73  ? -15.50621 -6.93892  -3.01838  1.000 26.56223 ? 73  THR A CG2 1 
ATOM   527  N N   . ALA A 1 74  ? -11.11087 -6.66392  -1.56083  1.000 22.58367 ? 74  ALA A N   1 
ATOM   528  C CA  . ALA A 1 74  ? -9.89711  -7.26361  -1.01343  1.000 21.21364 ? 74  ALA A CA  1 
ATOM   529  C C   . ALA A 1 74  ? -10.01098 -7.29144  0.49991   1.000 20.18164 ? 74  ALA A C   1 
ATOM   530  O O   . ALA A 1 74  ? -10.50262 -6.33989  1.10246   1.000 25.02556 ? 74  ALA A O   1 
ATOM   531  C CB  . ALA A 1 74  ? -8.64605  -6.45102  -1.36918  1.000 23.68165 ? 74  ALA A CB  1 
ATOM   532  N N   . VAL A 1 75  ? -9.52211  -8.36162  1.10599   1.000 16.93925 ? 75  VAL A N   1 
ATOM   533  C CA  . VAL A 1 75  ? -9.31640  -8.41085  2.55518   1.000 19.71821 ? 75  VAL A CA  1 
ATOM   534  C C   . VAL A 1 75  ? -7.82165  -8.30343  2.79837   1.000 19.08009 ? 75  VAL A C   1 
ATOM   535  O O   . VAL A 1 75  ? -7.03974  -9.07839  2.23916   1.000 19.41362 ? 75  VAL A O   1 
ATOM   536  C CB  . VAL A 1 75  ? -9.85987  -9.71224  3.16343   1.000 21.36540 ? 75  VAL A CB  1 
ATOM   537  C CG1 . VAL A 1 75  ? -9.55565  -9.75660  4.65845   1.000 25.32233 ? 75  VAL A CG1 1 
ATOM   538  C CG2 . VAL A 1 75  ? -11.35530 -9.83138  2.90561   1.000 25.98966 ? 75  VAL A CG2 1 
ATOM   539  N N   . GLU A 1 76  ? -7.41886  -7.35818  3.63483   1.000 19.39119 ? 76  GLU A N   1 
ATOM   540  C CA  . GLU A 1 76  ? -5.99183  -7.15192  3.84441   1.000 22.43687 ? 76  GLU A CA  1 
ATOM   541  C C   . GLU A 1 76  ? -5.69227  -6.82020  5.29582   1.000 21.85332 ? 76  GLU A C   1 
ATOM   542  O O   . GLU A 1 76  ? -6.45089  -6.09752  5.95208   1.000 21.48244 ? 76  GLU A O   1 
ATOM   543  C CB  . GLU A 1 76  ? -5.44530  -6.04289  2.94372   1.000 23.40158 ? 76  GLU A CB  1 
ATOM   544  C CG  . GLU A 1 76  ? -6.23160  -4.75814  3.01125   1.000 30.86427 ? 76  GLU A CG  1 
ATOM   545  C CD  . GLU A 1 76  ? -5.39196  -3.55605  3.37784   1.000 46.24959 ? 76  GLU A CD  1 
ATOM   546  O OE1 . GLU A 1 76  ? -4.34693  -3.33563  2.73206   1.000 61.68040 ? 76  GLU A OE1 1 
ATOM   547  O OE2 . GLU A 1 76  ? -5.79610  -2.81114  4.29270   1.000 32.12427 ? 76  GLU A OE2 1 
ATOM   548  N N   . GLU A 1 77  ? -4.58112  -7.35438  5.78991   1.000 18.70002 ? 77  GLU A N   1 
ATOM   549  C CA  . GLU A 1 77  ? -4.08774  -7.02539  7.12220   1.000 17.47571 ? 77  GLU A CA  1 
ATOM   550  C C   . GLU A 1 77  ? -2.88415  -6.10736  6.98659   1.000 18.25890 ? 77  GLU A C   1 
ATOM   551  O O   . GLU A 1 77  ? -1.90991  -6.44516  6.29963   1.000 19.92768 ? 77  GLU A O   1 
ATOM   552  C CB  . GLU A 1 77  ? -3.68338  -8.25524  7.92586   1.000 22.41666 ? 77  GLU A CB  1 
ATOM   553  C CG  . GLU A 1 77  ? -3.15237  -7.79767  9.29899   1.000 23.02836 ? 77  GLU A CG  1 
ATOM   554  C CD  . GLU A 1 77  ? -3.03783  -8.89345  10.33038  1.000 34.60809 ? 77  GLU A CD  1 
ATOM   555  O OE1 . GLU A 1 77  ? -3.33477  -10.06042 9.99525   1.000 30.96686 ? 77  GLU A OE1 1 
ATOM   556  O OE2 . GLU A 1 77  ? -2.66013  -8.57018  11.48635  1.000 28.48113 ? 77  GLU A OE2 1 
ATOM   557  N N   . THR A 1 78  ? -2.95869  -4.95137  7.62315   1.000 16.64256 ? 78  THR A N   1 
ATOM   558  C CA  . THR A 1 78  ? -1.88559  -3.97555  7.61944   1.000 18.16797 ? 78  THR A CA  1 
ATOM   559  C C   . THR A 1 78  ? -1.12130  -4.03315  8.93749   1.000 18.62226 ? 78  THR A C   1 
ATOM   560  O O   . THR A 1 78  ? -1.73090  -4.10250  10.01680  1.000 20.49382 ? 78  THR A O   1 
ATOM   561  C CB  . THR A 1 78  ? -2.47262  -2.58739  7.37547   1.000 22.46483 ? 78  THR A CB  1 
ATOM   562  O OG1 . THR A 1 78  ? -3.02501  -2.54667  6.05036   1.000 22.54682 ? 78  THR A OG1 1 
ATOM   563  C CG2 . THR A 1 78  ? -1.42986  -1.51629  7.51650   1.000 20.25779 ? 78  THR A CG2 1 
ATOM   564  N N   . THR A 1 79  ? 0.20977   -4.01307  8.83636   1.000 19.35632 ? 79  THR A N   1 
ATOM   565  C CA  . THR A 1 79  ? 1.12343   -3.93402  9.96553   1.000 20.23333 ? 79  THR A CA  1 
ATOM   566  C C   . THR A 1 79  ? 2.13164   -2.83327  9.68863   1.000 22.20910 ? 79  THR A C   1 
ATOM   567  O O   . THR A 1 79  ? 2.29878   -2.38256  8.55045   1.000 18.87577 ? 79  THR A O   1 
ATOM   568  C CB  . THR A 1 79  ? 1.85917   -5.27185  10.16517  1.000 21.04644 ? 79  THR A CB  1 
ATOM   569  O OG1 . THR A 1 79  ? 2.54106   -5.62714  8.95346   1.000 28.07312 ? 79  THR A OG1 1 
ATOM   570  C CG2 . THR A 1 79  ? 0.87817   -6.38022  10.53228  1.000 26.90414 ? 79  THR A CG2 1 
ATOM   571  N N   . HIS A 1 80  ? 2.82984   -2.39450  10.73012  1.000 24.47333 ? 80  HIS A N   1 
ATOM   572  C CA  . HIS A 1 80  ? 3.84554   -1.37682  10.52134  1.000 25.00463 ? 80  HIS A CA  1 
ATOM   573  C C   . HIS A 1 80  ? 5.05951   -1.64967  11.39209  1.000 24.91380 ? 80  HIS A C   1 
ATOM   574  O O   . HIS A 1 80  ? 4.98567   -2.34383  12.41133  1.000 28.65302 ? 80  HIS A O   1 
ATOM   575  C CB  . HIS A 1 80  ? 3.32380   0.04667   10.73798  1.000 32.87526 ? 80  HIS A CB  1 
ATOM   576  C CG  . HIS A 1 80  ? 2.85784   0.31140   12.13210  1.000 30.95168 ? 80  HIS A CG  1 
ATOM   577  N ND1 . HIS A 1 80  ? 1.53292   0.22678   12.50109  1.000 40.24757 ? 80  HIS A ND1 1 
ATOM   578  C CD2 . HIS A 1 80  ? 3.53929   0.66409   13.24808  1.000 40.22099 ? 80  HIS A CD2 1 
ATOM   579  C CE1 . HIS A 1 80  ? 1.41855   0.50754   13.78810  1.000 46.96463 ? 80  HIS A CE1 1 
ATOM   580  N NE2 . HIS A 1 80  ? 2.62128   0.77626   14.26468  1.000 40.06086 ? 80  HIS A NE2 1 
ATOM   581  N N   . ALA A 1 81  ? 6.18009   -1.08140  10.96239  1.000 27.43288 ? 81  ALA A N   1 
ATOM   582  C CA  . ALA A 1 81  ? 7.44750   -1.12900  11.68458  1.000 24.96269 ? 81  ALA A CA  1 
ATOM   583  C C   . ALA A 1 81  ? 7.99172   0.29826   11.68811  1.000 25.72730 ? 81  ALA A C   1 
ATOM   584  O O   . ALA A 1 81  ? 8.59751   0.74150   10.70668  1.000 25.76856 ? 81  ALA A O   1 
ATOM   585  C CB  . ALA A 1 81  ? 8.41602   -2.09894  11.01239  1.000 27.27654 ? 81  ALA A CB  1 
ATOM   586  N N   . ASP A 1 82  ? 7.76203   1.02147   12.79188  1.000 27.15075 ? 82  ASP A N   1 
ATOM   587  C CA  . ASP A 1 82  ? 8.19344   2.41555   12.88697  1.000 26.24628 ? 82  ASP A CA  1 
ATOM   588  C C   . ASP A 1 82  ? 9.69879   2.54844   12.73709  1.000 37.43517 ? 82  ASP A C   1 
ATOM   589  O O   . ASP A 1 82  ? 10.18492  3.51221   12.13526  1.000 33.62068 ? 82  ASP A O   1 
ATOM   590  C CB  . ASP A 1 82  ? 7.79180   2.99474   14.24450  1.000 36.68415 ? 82  ASP A CB  1 
ATOM   591  C CG  . ASP A 1 82  ? 6.32565   3.33246   14.32890  1.000 41.83682 ? 82  ASP A CG  1 
ATOM   592  O OD1 . ASP A 1 82  ? 5.60587   3.16856   13.32463  1.000 38.47693 ? 82  ASP A OD1 1 
ATOM   593  O OD2 . ASP A 1 82  ? 5.88902   3.76866   15.41459  1.000 48.74751 ? 82  ASP A OD2 1 
ATOM   594  N N   . GLU A 1 83  ? 10.45338  1.60305   13.30473  1.000 34.29547 ? 83  GLU A N   1 
ATOM   595  C CA  . GLU A 1 83  ? 11.90966  1.70201   13.29970  1.000 44.77349 ? 83  GLU A CA  1 
ATOM   596  C C   . GLU A 1 83  ? 12.46835  1.76305   11.88708  1.000 39.54799 ? 83  GLU A C   1 
ATOM   597  O O   . GLU A 1 83  ? 13.47022  2.44632   11.64565  1.000 40.83461 ? 83  GLU A O   1 
ATOM   598  C CB  . GLU A 1 83  ? 12.51576  0.51832   14.05762  1.000 45.69587 ? 83  GLU A CB  1 
ATOM   599  C CG  . GLU A 1 83  ? 12.18317  0.48552   15.54209  1.000 55.34209 ? 83  GLU A CG  1 
ATOM   600  C CD  . GLU A 1 83  ? 13.13091  1.32789   16.37642  1.000 76.91339 ? 83  GLU A CD  1 
ATOM   601  O OE1 . GLU A 1 83  ? 14.04439  0.75071   17.00675  1.000 88.03185 ? 83  GLU A OE1 1 
ATOM   602  O OE2 . GLU A 1 83  ? 12.96657  2.56702   16.39660  1.000 72.30071 ? 83  GLU A OE2 1 
ATOM   603  N N   . THR A 1 84  ? 11.84333  1.05936   10.94299  1.000 33.72290 ? 84  THR A N   1 
ATOM   604  C CA  . THR A 1 84  ? 12.29578  1.02816   9.56040   1.000 33.56923 ? 84  THR A CA  1 
ATOM   605  C C   . THR A 1 84  ? 11.36868  1.79672   8.63187   1.000 23.46373 ? 84  THR A C   1 
ATOM   606  O O   . THR A 1 84  ? 11.54255  1.73353   7.41193   1.000 27.27860 ? 84  THR A O   1 
ATOM   607  C CB  . THR A 1 84  ? 12.43046  -0.41844  9.08569   1.000 37.08972 ? 84  THR A CB  1 
ATOM   608  O OG1 . THR A 1 84  ? 11.14968  -1.05398  9.15287   1.000 33.03479 ? 84  THR A OG1 1 
ATOM   609  C CG2 . THR A 1 84  ? 13.40951  -1.17855  9.97394   1.000 38.49970 ? 84  THR A CG2 1 
ATOM   610  N N   . ARG A 1 85  ? 10.37883  2.50240   9.18486   1.000 23.22427 ? 85  ARG A N   1 
ATOM   611  C CA  . ARG A 1 85  ? 9.42436   3.28882   8.39782   1.000 19.84345 ? 85  ARG A CA  1 
ATOM   612  C C   . ARG A 1 85  ? 8.77729   2.44933   7.29467   1.000 20.44203 ? 85  ARG A C   1 
ATOM   613  O O   . ARG A 1 85  ? 8.70916   2.86150   6.13549   1.000 19.92774 ? 85  ARG A O   1 
ATOM   614  C CB  . ARG A 1 85  ? 10.07068  4.54899   7.82065   1.000 22.53248 ? 85  ARG A CB  1 
ATOM   615  C CG  . ARG A 1 85  ? 10.68937  5.47813   8.86386   1.000 24.31001 ? 85  ARG A CG  1 
ATOM   616  C CD  . ARG A 1 85  ? 11.50537  6.59118   8.22624   1.000 23.45112 ? 85  ARG A CD  1 
ATOM   617  N NE  . ARG A 1 85  ? 12.68424  6.03961   7.57608   1.000 26.44325 ? 85  ARG A NE  1 
ATOM   618  C CZ  . ARG A 1 85  ? 13.81690  5.75944   8.20652   1.000 35.69073 ? 85  ARG A CZ  1 
ATOM   619  N NH1 . ARG A 1 85  ? 13.93005  5.99720   9.50522   1.000 30.31828 ? 85  ARG A NH1 1 
ATOM   620  N NH2 . ARG A 1 85  ? 14.83554  5.24596   7.54033   1.000 32.02891 ? 85  ARG A NH2 1 
ATOM   621  N N   . THR A 1 86  ? 8.29647   1.26394   7.66485   1.000 19.99562 ? 86  THR A N   1 
ATOM   622  C CA  . THR A 1 86  ? 7.75496   0.30683   6.70773   1.000 19.95963 ? 86  THR A CA  1 
ATOM   623  C C   . THR A 1 86  ? 6.31972   -0.04325  7.06960   1.000 19.31574 ? 86  THR A C   1 
ATOM   624  O O   . THR A 1 86  ? 6.02137   -0.35176  8.23274   1.000 22.03165 ? 86  THR A O   1 
ATOM   625  C CB  . THR A 1 86  ? 8.61410   -0.95356  6.65375   1.000 23.11174 ? 86  THR A CB  1 
ATOM   626  O OG1 . THR A 1 86  ? 9.92913   -0.59894  6.21735   1.000 27.69509 ? 86  THR A OG1 1 
ATOM   627  C CG2 . THR A 1 86  ? 8.02462   -1.93427  5.64991   1.000 23.65464 ? 86  THR A CG2 1 
ATOM   628  N N   . LEU A 1 87  ? 5.43215   0.03241   6.08084   1.000 18.97367 ? 87  LEU A N   1 
ATOM   629  C CA  . LEU A 1 87  ? 4.04785   -0.41081  6.19743   1.000 20.21763 ? 87  LEU A CA  1 
ATOM   630  C C   . LEU A 1 87  ? 3.85531   -1.61901  5.29492   1.000 18.32012 ? 87  LEU A C   1 
ATOM   631  O O   . LEU A 1 87  ? 4.37127   -1.64329  4.17758   1.000 18.58722 ? 87  LEU A O   1 
ATOM   632  C CB  . LEU A 1 87  ? 3.08212   0.67407   5.71055   1.000 23.28231 ? 87  LEU A CB  1 
ATOM   633  C CG  . LEU A 1 87  ? 3.10234   2.05632   6.34902   1.000 29.43128 ? 87  LEU A CG  1 
ATOM   634  C CD1 . LEU A 1 87  ? 2.16540   2.96845   5.59126   1.000 39.46589 ? 87  LEU A CD1 1 
ATOM   635  C CD2 . LEU A 1 87  ? 2.65366   1.94508   7.78671   1.000 30.41576 ? 87  LEU A CD2 1 
ATOM   636  N N   . THR A 1 88  ? 3.12560   -2.62395  5.76105   1.000 18.85420 ? 88  THR A N   1 
ATOM   637  C CA  . THR A 1 88  ? 2.90031   -3.83106  4.98428   1.000 16.99034 ? 88  THR A CA  1 
ATOM   638  C C   . THR A 1 88  ? 1.41634   -4.14602  4.91800   1.000 18.83293 ? 88  THR A C   1 
ATOM   639  O O   . THR A 1 88  ? 0.74277   -4.18294  5.95414   1.000 19.66176 ? 88  THR A O   1 
ATOM   640  C CB  . THR A 1 88  ? 3.63345   -5.01913  5.59332   1.000 21.54597 ? 88  THR A CB  1 
ATOM   641  O OG1 . THR A 1 88  ? 5.04105   -4.75247  5.60018   1.000 24.58916 ? 88  THR A OG1 1 
ATOM   642  C CG2 . THR A 1 88  ? 3.35971   -6.27936  4.78626   1.000 25.96802 ? 88  THR A CG2 1 
ATOM   643  N N   . HIS A 1 89  ? 0.90996   -4.38658  3.70865   1.000 17.93816 ? 89  HIS A N   1 
ATOM   644  C CA  . HIS A 1 89  ? -0.47287  -4.79773  3.49804   1.000 16.76501 ? 89  HIS A CA  1 
ATOM   645  C C   . HIS A 1 89  ? -0.44743  -6.21225  2.95942   1.000 18.17434 ? 89  HIS A C   1 
ATOM   646  O O   . HIS A 1 89  ? 0.07102   -6.44487  1.86956   1.000 17.55465 ? 89  HIS A O   1 
ATOM   647  C CB  . HIS A 1 89  ? -1.18836  -3.91075  2.47996   1.000 16.75169 ? 89  HIS A CB  1 
ATOM   648  C CG  . HIS A 1 89  ? -1.05241  -2.44812  2.74060   1.000 18.91023 ? 89  HIS A CG  1 
ATOM   649  N ND1 . HIS A 1 89  ? -1.63540  -1.82214  3.81998   1.000 20.92361 ? 89  HIS A ND1 1 
ATOM   650  C CD2 . HIS A 1 89  ? -0.41774  -1.47699  2.04035   1.000 25.54104 ? 89  HIS A CD2 1 
ATOM   651  C CE1 . HIS A 1 89  ? -1.35508  -0.53016  3.78546   1.000 20.64158 ? 89  HIS A CE1 1 
ATOM   652  N NE2 . HIS A 1 89  ? -0.61919  -0.29191  2.71125   1.000 22.66414 ? 89  HIS A NE2 1 
ATOM   653  N N   . HIS A 1 90  ? -1.01316  -7.14508  3.70216   1.000 16.91801 ? 90  HIS A N   1 
ATOM   654  C CA  . HIS A 1 90  ? -1.00657  -8.56005  3.35598   1.000 15.38234 ? 90  HIS A CA  1 
ATOM   655  C C   . HIS A 1 90  ? -2.41483  -8.92970  2.90514   1.000 17.61757 ? 90  HIS A C   1 
ATOM   656  O O   . HIS A 1 90  ? -3.34174  -8.94607  3.71875   1.000 17.01804 ? 90  HIS A O   1 
ATOM   657  C CB  . HIS A 1 90  ? -0.56513  -9.38235  4.56742   1.000 18.95807 ? 90  HIS A CB  1 
ATOM   658  C CG  . HIS A 1 90  ? -0.74081  -10.85779 4.41345   1.000 20.92226 ? 90  HIS A CG  1 
ATOM   659  N ND1 . HIS A 1 90  ? -0.05247  -11.60676 3.48397   1.000 25.15256 ? 90  HIS A ND1 1 
ATOM   660  C CD2 . HIS A 1 90  ? -1.50010  -11.73431 5.11586   1.000 22.19445 ? 90  HIS A CD2 1 
ATOM   661  C CE1 . HIS A 1 90  ? -0.40409  -12.87804 3.59912   1.000 22.08424 ? 90  HIS A CE1 1 
ATOM   662  N NE2 . HIS A 1 90  ? -1.26734  -12.98272 4.59575   1.000 24.42159 ? 90  HIS A NE2 1 
ATOM   663  N N   . ILE A 1 91  ? -2.60305  -9.18469  1.61519   1.000 15.74826 ? 91  ILE A N   1 
ATOM   664  C CA  . ILE A 1 91  ? -3.93387  -9.48547  1.09190   1.000 17.21505 ? 91  ILE A CA  1 
ATOM   665  C C   . ILE A 1 91  ? -4.20715  -10.98314 1.26591   1.000 19.66723 ? 91  ILE A C   1 
ATOM   666  O O   . ILE A 1 91  ? -3.40710  -11.82500 0.85475   1.000 19.58351 ? 91  ILE A O   1 
ATOM   667  C CB  . ILE A 1 91  ? -4.07196  -9.04989  -0.38367  1.000 17.44248 ? 91  ILE A CB  1 
ATOM   668  C CG1 . ILE A 1 91  ? -4.13188  -7.51636  -0.55001  1.000 20.73070 ? 91  ILE A CG1 1 
ATOM   669  C CG2 . ILE A 1 91  ? -5.35392  -9.67276  -0.97711  1.000 18.93088 ? 91  ILE A CG2 1 
ATOM   670  C CD1 . ILE A 1 91  ? -2.92649  -6.70791  -0.04721  1.000 23.23262 ? 91  ILE A CD1 1 
ATOM   671  N N   . THR A 1 92  ? -5.34785  -11.32318 1.87667   1.000 20.20479 ? 92  THR A N   1 
ATOM   672  C CA  . THR A 1 92  ? -5.69946  -12.72706 2.08316   1.000 18.50014 ? 92  THR A CA  1 
ATOM   673  C C   . THR A 1 92  ? -6.84288  -13.20877 1.20821   1.000 18.56737 ? 92  THR A C   1 
ATOM   674  O O   . THR A 1 92  ? -6.95019  -14.41954 0.97588   1.000 26.03280 ? 92  THR A O   1 
ATOM   675  C CB  . THR A 1 92  ? -6.08081  -12.99076 3.55453   1.000 17.96433 ? 92  THR A CB  1 
ATOM   676  O OG1 . THR A 1 92  ? -7.13418  -12.11082 3.93038   1.000 20.49590 ? 92  THR A OG1 1 
ATOM   677  C CG2 . THR A 1 92  ? -4.88547  -12.74682 4.46469   1.000 26.62166 ? 92  THR A CG2 1 
ATOM   678  N N   . GLU A 1 93  ? -7.68767  -12.30478 0.72567   1.000 19.90539 ? 93  GLU A N   1 
ATOM   679  C CA  . GLU A 1 93  ? -8.89116  -12.69163 0.00837   1.000 23.12936 ? 93  GLU A CA  1 
ATOM   680  C C   . GLU A 1 93  ? -9.27422  -11.61180 -0.98503  1.000 22.74700 ? 93  GLU A C   1 
ATOM   681  O O   . GLU A 1 93  ? -8.96539  -10.43151 -0.80210  1.000 21.91782 ? 93  GLU A O   1 
ATOM   682  C CB  . GLU A 1 93  ? -10.06547 -12.87201 0.96510   1.000 27.84372 ? 93  GLU A CB  1 
ATOM   683  C CG  . GLU A 1 93  ? -9.95597  -14.12439 1.77168   1.000 30.15421 ? 93  GLU A CG  1 
ATOM   684  C CD  . GLU A 1 93  ? -11.25708 -14.52479 2.38257   1.000 30.96795 ? 93  GLU A CD  1 
ATOM   685  O OE1 . GLU A 1 93  ? -12.28518 -13.89187 2.05829   1.000 30.45342 ? 93  GLU A OE1 1 
ATOM   686  O OE2 . GLU A 1 93  ? -11.23666 -15.47022 3.19056   1.000 39.82488 ? 93  GLU A OE2 1 
ATOM   687  N N   . GLY A 1 94  ? -9.99751  -12.02924 -2.02787  1.000 22.17186 ? 94  GLY A N   1 
ATOM   688  C CA  . GLY A 1 94  ? -10.65078 -11.09101 -2.90916  1.000 21.43021 ? 94  GLY A CA  1 
ATOM   689  C C   . GLY A 1 94  ? -10.24170 -11.30659 -4.34683  1.000 19.89514 ? 94  GLY A C   1 
ATOM   690  O O   . GLY A 1 94  ? -9.65245  -12.32835 -4.70654  1.000 22.65049 ? 94  GLY A O   1 
ATOM   691  N N   . ASP A 1 95  ? -10.56703 -10.31627 -5.18151  1.000 22.51252 ? 95  ASP A N   1 
ATOM   692  C CA  . ASP A 1 95  ? -10.37201 -10.47066 -6.62429  1.000 22.06736 ? 95  ASP A CA  1 
ATOM   693  C C   . ASP A 1 95  ? -8.91971  -10.75820 -6.98140  1.000 21.67852 ? 95  ASP A C   1 
ATOM   694  O O   . ASP A 1 95  ? -8.64771  -11.56935 -7.87613  1.000 22.73617 ? 95  ASP A O   1 
ATOM   695  C CB  . ASP A 1 95  ? -10.87700 -9.22585  -7.34490  1.000 23.16048 ? 95  ASP A CB  1 
ATOM   696  C CG  . ASP A 1 95  ? -12.38419 -9.14675  -7.36466  1.000 30.87436 ? 95  ASP A CG  1 
ATOM   697  O OD1 . ASP A 1 95  ? -12.97964 -9.60662  -8.35825  1.000 35.35469 ? 95  ASP A OD1 1 
ATOM   698  O OD2 . ASP A 1 95  ? -12.98234 -8.66878  -6.37453  1.000 26.68718 ? 95  ASP A OD2 1 
ATOM   699  N N   . ALA A 1 96  ? -7.96977  -10.10010 -6.30988  1.000 20.00958 ? 96  ALA A N   1 
ATOM   700  C CA  . ALA A 1 96  ? -6.56358  -10.33863 -6.62865  1.000 20.55776 ? 96  ALA A CA  1 
ATOM   701  C C   . ALA A 1 96  ? -6.18357  -11.79685 -6.40211  1.000 21.09256 ? 96  ALA A C   1 
ATOM   702  O O   . ALA A 1 96  ? -5.29279  -12.32075 -7.07894  1.000 20.54805 ? 96  ALA A O   1 
ATOM   703  C CB  . ALA A 1 96  ? -5.66995  -9.40130  -5.81732  1.000 22.94428 ? 96  ALA A CB  1 
ATOM   704  N N   . MET A 1 97  ? -6.85966  -12.47378 -5.47216  1.000 19.68702 ? 97  MET A N   1 
ATOM   705  C CA  . MET A 1 97  ? -6.54934  -13.86990 -5.19981  1.000 20.89000 ? 97  MET A CA  1 
ATOM   706  C C   . MET A 1 97  ? -7.06796  -14.81858 -6.26558  1.000 25.82301 ? 97  MET A C   1 
ATOM   707  O O   . MET A 1 97  ? -6.78494  -16.01569 -6.18193  1.000 28.01113 ? 97  MET A O   1 
ATOM   708  C CB  . MET A 1 97  ? -7.14803  -14.30769 -3.86865  1.000 21.40580 ? 97  MET A CB  1 
ATOM   709  C CG  . MET A 1 97  ? -6.78521  -13.46545 -2.68913  1.000 29.54004 ? 97  MET A CG  1 
ATOM   710  S SD  . MET A 1 97  ? -5.14002  -13.82160 -2.10112  1.000 47.71906 ? 97  MET A SD  1 
ATOM   711  C CE  . MET A 1 97  ? -4.33211  -12.57807 -3.02759  1.000 13.13995 ? 97  MET A CE  1 
ATOM   712  N N   . LYS A 1 98  ? -7.84468  -14.33532 -7.23460  1.000 21.30029 ? 98  LYS A N   1 
ATOM   713  C CA  . LYS A 1 98  ? -8.11509  -15.16173 -8.40073  1.000 22.22986 ? 98  LYS A CA  1 
ATOM   714  C C   . LYS A 1 98  ? -6.90161  -15.25070 -9.31420  1.000 25.68557 ? 98  LYS A C   1 
ATOM   715  O O   . LYS A 1 98  ? -6.79704  -16.19254 -10.10672 1.000 25.97051 ? 98  LYS A O   1 
ATOM   716  C CB  . LYS A 1 98  ? -9.30852  -14.60974 -9.18135  1.000 26.89845 ? 98  LYS A CB  1 
ATOM   717  C CG  . LYS A 1 98  ? -10.60024 -14.54935 -8.37583  1.000 32.43641 ? 98  LYS A CG  1 
ATOM   718  C CD  . LYS A 1 98  ? -11.71958 -13.88973 -9.16654  1.000 41.20638 ? 98  LYS A CD  1 
ATOM   719  C CE  . LYS A 1 98  ? -13.02949 -13.93780 -8.40298  1.000 51.66820 ? 98  LYS A CE  1 
ATOM   720  N NZ  . LYS A 1 98  ? -14.14772 -13.29628 -9.14865  1.000 59.68954 ? 98  LYS A NZ  1 
ATOM   721  N N   . ASP A 1 99  ? -5.97300  -14.29513 -9.22092  1.000 20.04804 ? 99  ASP A N   1 
ATOM   722  C CA  . ASP A 1 99  ? -4.78587  -14.31645 -10.05373 1.000 21.49421 ? 99  ASP A CA  1 
ATOM   723  C C   . ASP A 1 99  ? -3.51370  -14.68016 -9.31095  1.000 19.43891 ? 99  ASP A C   1 
ATOM   724  O O   . ASP A 1 99  ? -2.56342  -15.14874 -9.95067  1.000 21.28457 ? 99  ASP A O   1 
ATOM   725  C CB  . ASP A 1 99  ? -4.56861  -12.93708 -10.68745 1.000 20.89673 ? 99  ASP A CB  1 
ATOM   726  C CG  . ASP A 1 99  ? -5.61574  -12.60054 -11.72464 1.000 27.92322 ? 99  ASP A CG  1 
ATOM   727  O OD1 . ASP A 1 99  ? -5.98201  -13.49397 -12.51509 1.000 30.21787 ? 99  ASP A OD1 1 
ATOM   728  O OD2 . ASP A 1 99  ? -6.08262  -11.44568 -11.74815 1.000 29.36008 ? 99  ASP A OD2 1 
ATOM   729  N N   . TYR A 1 100 ? -3.45556  -14.45561 -7.99560  1.000 18.33996 ? 100 TYR A N   1 
ATOM   730  C CA  . TYR A 1 100 ? -2.22078  -14.58454 -7.23308  1.000 18.83959 ? 100 TYR A CA  1 
ATOM   731  C C   . TYR A 1 100 ? -2.43012  -15.50876 -6.04652  1.000 16.78087 ? 100 TYR A C   1 
ATOM   732  O O   . TYR A 1 100 ? -3.42690  -15.38463 -5.32585  1.000 21.49252 ? 100 TYR A O   1 
ATOM   733  C CB  . TYR A 1 100 ? -1.71401  -13.21781 -6.74177  1.000 17.50765 ? 100 TYR A CB  1 
ATOM   734  C CG  . TYR A 1 100 ? -1.61677  -12.24477 -7.88114  1.000 16.54973 ? 100 TYR A CG  1 
ATOM   735  C CD1 . TYR A 1 100 ? -0.69164  -12.43798 -8.87590  1.000 17.98849 ? 100 TYR A CD1 1 
ATOM   736  C CD2 . TYR A 1 100 ? -2.47219  -11.16370 -7.97728  1.000 17.50167 ? 100 TYR A CD2 1 
ATOM   737  C CE1 . TYR A 1 100 ? -0.61730  -11.59127 -9.94225  1.000 16.95630 ? 100 TYR A CE1 1 
ATOM   738  C CE2 . TYR A 1 100 ? -2.40759  -10.30884 -9.04314  1.000 19.51080 ? 100 TYR A CE2 1 
ATOM   739  C CZ  . TYR A 1 100 ? -1.47178  -10.53093 -10.02351 1.000 17.38064 ? 100 TYR A CZ  1 
ATOM   740  O OH  . TYR A 1 100 ? -1.39989  -9.67477  -11.09883 1.000 19.13383 ? 100 TYR A OH  1 
ATOM   741  N N   . LYS A 1 101 ? -1.48021  -16.42610 -5.85219  1.000 19.91053 ? 101 LYS A N   1 
ATOM   742  C CA  . LYS A 1 101 ? -1.42643  -17.21052 -4.61739  1.000 19.62746 ? 101 LYS A CA  1 
ATOM   743  C C   . LYS A 1 101 ? -1.03572  -16.33014 -3.43038  1.000 18.64060 ? 101 LYS A C   1 
ATOM   744  O O   . LYS A 1 101 ? -1.48915  -16.54397 -2.29735  1.000 22.07781 ? 101 LYS A O   1 
ATOM   745  C CB  . LYS A 1 101 ? -0.38826  -18.32422 -4.77119  1.000 23.80759 ? 101 LYS A CB  1 
ATOM   746  C CG  . LYS A 1 101 ? -0.61315  -19.32129 -5.88474  1.000 34.22006 ? 101 LYS A CG  1 
ATOM   747  C CD  . LYS A 1 101 ? 0.46394   -20.40104 -5.80653  1.000 39.55577 ? 101 LYS A CD  1 
ATOM   748  C CE  . LYS A 1 101 ? 0.41649   -21.35071 -6.99767  1.000 50.12242 ? 101 LYS A CE  1 
ATOM   749  N NZ  . LYS A 1 101 ? -0.80880  -22.18924 -6.98081  1.000 47.54203 ? 101 LYS A NZ  1 
ATOM   750  N N   . LYS A 1 102 ? -0.17782  -15.34453 -3.67109  1.000 19.51649 ? 102 LYS A N   1 
ATOM   751  C CA  . LYS A 1 102 ? 0.31844   -14.44338 -2.64086  1.000 19.00474 ? 102 LYS A CA  1 
ATOM   752  C C   . LYS A 1 102 ? 0.38054   -13.04289 -3.23221  1.000 15.52092 ? 102 LYS A C   1 
ATOM   753  O O   . LYS A 1 102 ? 0.77400   -12.86905 -4.38851  1.000 16.72284 ? 102 LYS A O   1 
ATOM   754  C CB  . LYS A 1 102 ? 1.73015   -14.84891 -2.18712  1.000 23.40279 ? 102 LYS A CB  1 
ATOM   755  C CG  . LYS A 1 102 ? 1.78063   -16.13643 -1.36814  1.000 33.45659 ? 102 LYS A CG  1 
ATOM   756  C CD  . LYS A 1 102 ? 3.21116   -16.43402 -0.94385  1.000 40.60877 ? 102 LYS A CD  1 
ATOM   757  C CE  . LYS A 1 102 ? 3.29741   -17.66985 -0.06809  1.000 54.01184 ? 102 LYS A CE  1 
ATOM   758  N NZ  . LYS A 1 102 ? 4.71952   -18.01806 0.22287   1.000 61.78737 ? 102 LYS A NZ  1 
ATOM   759  N N   . PHE A 1 103 ? -0.00877  -12.05028 -2.43944  1.000 17.12058 ? 103 PHE A N   1 
ATOM   760  C CA  . PHE A 1 103 ? -0.02430  -10.65620 -2.88838  1.000 15.21754 ? 103 PHE A CA  1 
ATOM   761  C C   . PHE A 1 103 ? 0.20110   -9.80665  -1.64920  1.000 16.47590 ? 103 PHE A C   1 
ATOM   762  O O   . PHE A 1 103 ? -0.66526  -9.74783  -0.77534  1.000 18.36613 ? 103 PHE A O   1 
ATOM   763  C CB  . PHE A 1 103 ? -1.36760  -10.34179 -3.55307  1.000 15.88078 ? 103 PHE A CB  1 
ATOM   764  C CG  . PHE A 1 103 ? -1.45754  -8.98038  -4.19501  1.000 17.82696 ? 103 PHE A CG  1 
ATOM   765  C CD1 . PHE A 1 103 ? -1.28146  -8.81718  -5.55955  1.000 18.38885 ? 103 PHE A CD1 1 
ATOM   766  C CD2 . PHE A 1 103 ? -1.73829  -7.86125  -3.43834  1.000 21.42267 ? 103 PHE A CD2 1 
ATOM   767  C CE1 . PHE A 1 103 ? -1.40286  -7.55571  -6.15307  1.000 18.21449 ? 103 PHE A CE1 1 
ATOM   768  C CE2 . PHE A 1 103 ? -1.83240  -6.61036  -4.02643  1.000 21.60792 ? 103 PHE A CE2 1 
ATOM   769  C CZ  . PHE A 1 103 ? -1.65726  -6.46488  -5.38441  1.000 17.47345 ? 103 PHE A CZ  1 
ATOM   770  N N   . ASP A 1 104 ? 1.36199   -9.16947  -1.55407  1.000 15.20605 ? 104 ASP A N   1 
ATOM   771  C CA  . ASP A 1 104 ? 1.72768   -8.33493  -0.41332  1.000 16.24823 ? 104 ASP A CA  1 
ATOM   772  C C   . ASP A 1 104 ? 2.23960   -7.00663  -0.93858  1.000 17.21724 ? 104 ASP A C   1 
ATOM   773  O O   . ASP A 1 104 ? 2.96209   -6.97176  -1.94093  1.000 17.63248 ? 104 ASP A O   1 
ATOM   774  C CB  . ASP A 1 104 ? 2.85169   -8.95541  0.42221   1.000 18.19072 ? 104 ASP A CB  1 
ATOM   775  C CG  . ASP A 1 104 ? 2.42911   -10.20667 1.13173   1.000 27.50817 ? 104 ASP A CG  1 
ATOM   776  O OD1 . ASP A 1 104 ? 1.50265   -10.12058 1.93822   1.000 25.25217 ? 104 ASP A OD1 1 
ATOM   777  O OD2 . ASP A 1 104 ? 3.02461   -11.27163 0.89492   1.000 31.50102 ? 104 ASP A OD2 1 
ATOM   778  N N   . VAL A 1 105 ? 1.86078   -5.91334  -0.28870  1.000 16.20542 ? 105 VAL A N   1 
ATOM   779  C CA  . VAL A 1 105 ? 2.26658   -4.56729  -0.69201  1.000 16.71866 ? 105 VAL A CA  1 
ATOM   780  C C   . VAL A 1 105 ? 3.10248   -3.97209  0.43132   1.000 19.37440 ? 105 VAL A C   1 
ATOM   781  O O   . VAL A 1 105 ? 2.62351   -3.85392  1.56453   1.000 19.11667 ? 105 VAL A O   1 
ATOM   782  C CB  . VAL A 1 105 ? 1.05858   -3.67912  -1.02773  1.000 19.09602 ? 105 VAL A CB  1 
ATOM   783  C CG1 . VAL A 1 105 ? 1.49961   -2.29525  -1.55555  1.000 21.32288 ? 105 VAL A CG1 1 
ATOM   784  C CG2 . VAL A 1 105 ? 0.18280   -4.35848  -2.05178  1.000 18.80414 ? 105 VAL A CG2 1 
ATOM   785  N N   . ILE A 1 106 ? 4.35288   -3.61437  0.13610   1.000 20.91941 ? 106 ILE A N   1 
ATOM   786  C CA  . ILE A 1 106 ? 5.28315   -3.09885  1.13896   1.000 17.76838 ? 106 ILE A CA  1 
ATOM   787  C C   . ILE A 1 106 ? 5.64063   -1.66095  0.79407   1.000 17.48629 ? 106 ILE A C   1 
ATOM   788  O O   . ILE A 1 106 ? 6.10873   -1.37984  -0.31468  1.000 17.36885 ? 106 ILE A O   1 
ATOM   789  C CB  . ILE A 1 106 ? 6.54063   -3.97384  1.26500   1.000 19.75884 ? 106 ILE A CB  1 
ATOM   790  C CG1 . ILE A 1 106 ? 6.14668   -5.43411  1.54071   1.000 25.65926 ? 106 ILE A CG1 1 
ATOM   791  C CG2 . ILE A 1 106 ? 7.46401   -3.41351  2.33576   1.000 20.98653 ? 106 ILE A CG2 1 
ATOM   792  C CD1 . ILE A 1 106 ? 7.28007   -6.41253  1.48383   1.000 36.35521 ? 106 ILE A CD1 1 
ATOM   793  N N   . VAL A 1 107 ? 5.44098   -0.74437  1.74143   1.000 17.36394 ? 107 VAL A N   1 
ATOM   794  C CA  . VAL A 1 107 ? 5.69874   0.67233   1.52828   1.000 15.51023 ? 107 VAL A CA  1 
ATOM   795  C C   . VAL A 1 107 ? 6.80086   1.09408   2.48307   1.000 18.16929 ? 107 VAL A C   1 
ATOM   796  O O   . VAL A 1 107 ? 6.62456   1.01255   3.70683   1.000 19.98860 ? 107 VAL A O   1 
ATOM   797  C CB  . VAL A 1 107 ? 4.43781   1.50951   1.77923   1.000 22.70600 ? 107 VAL A CB  1 
ATOM   798  C CG1 . VAL A 1 107 ? 4.67137   2.94862   1.36341   1.000 22.80098 ? 107 VAL A CG1 1 
ATOM   799  C CG2 . VAL A 1 107 ? 3.24982   0.89018   1.06014   1.000 22.42568 ? 107 VAL A CG2 1 
ATOM   800  N N   . GLU A 1 108 ? 7.92576   1.55257   1.93368   1.000 18.75318 ? 108 GLU A N   1 
ATOM   801  C CA  . GLU A 1 108 ? 9.07359   1.96981   2.72235   1.000 19.14637 ? 108 GLU A CA  1 
ATOM   802  C C   . GLU A 1 108 ? 9.39014   3.42091   2.40381   1.000 21.54726 ? 108 GLU A C   1 
ATOM   803  O O   . GLU A 1 108 ? 9.26330   3.85633   1.25575   1.000 21.06272 ? 108 GLU A O   1 
ATOM   804  C CB  . GLU A 1 108 ? 10.30597  1.13965   2.34566   1.000 21.88665 ? 108 GLU A CB  1 
ATOM   805  C CG  . GLU A 1 108 ? 10.17022  -0.35196  2.51838   1.000 28.17604 ? 108 GLU A CG  1 
ATOM   806  C CD  . GLU A 1 108 ? 11.33863  -1.07165  1.89325   1.000 37.68399 ? 108 GLU A CD  1 
ATOM   807  O OE1 . GLU A 1 108 ? 11.34603  -1.24435  0.64938   1.000 36.51125 ? 108 GLU A OE1 1 
ATOM   808  O OE2 . GLU A 1 108 ? 12.27692  -1.41933  2.63954   1.000 42.07093 ? 108 GLU A OE2 1 
ATOM   809  N N   . THR A 1 109 ? 9.84132   4.16102   3.41190   1.000 19.12129 ? 109 THR A N   1 
ATOM   810  C CA  . THR A 1 109 ? 10.26374  5.54119   3.24084   1.000 18.98692 ? 109 THR A CA  1 
ATOM   811  C C   . THR A 1 109 ? 11.63081  5.66695   3.88828   1.000 19.09971 ? 109 THR A C   1 
ATOM   812  O O   . THR A 1 109 ? 11.80825  5.23652   5.03217   1.000 24.45161 ? 109 THR A O   1 
ATOM   813  C CB  . THR A 1 109 ? 9.28017   6.49985   3.91519   1.000 22.06490 ? 109 THR A CB  1 
ATOM   814  O OG1 . THR A 1 109 ? 7.97408   6.30996   3.36355   1.000 21.68102 ? 109 THR A OG1 1 
ATOM   815  C CG2 . THR A 1 109 ? 9.69804   7.94849   3.69438   1.000 28.42310 ? 109 THR A CG2 1 
ATOM   816  N N   . ASN A 1 110 ? 12.59059  6.22794   3.15807   1.000 21.29647 ? 110 ASN A N   1 
ATOM   817  C CA  . ASN A 1 110 ? 13.94543  6.39953   3.65736   1.000 23.95623 ? 110 ASN A CA  1 
ATOM   818  C C   . ASN A 1 110 ? 14.49885  7.75121   3.24003   1.000 24.06979 ? 110 ASN A C   1 
ATOM   819  O O   . ASN A 1 110 ? 14.13948  8.28028   2.18122   1.000 24.32648 ? 110 ASN A O   1 
ATOM   820  C CB  . ASN A 1 110 ? 14.88063  5.29603   3.14190   1.000 25.85808 ? 110 ASN A CB  1 
ATOM   821  C CG  . ASN A 1 110 ? 14.55700  3.95460   3.73889   1.000 25.62600 ? 110 ASN A CG  1 
ATOM   822  O OD1 . ASN A 1 110 ? 14.66133  3.76184   4.94999   1.000 32.24208 ? 110 ASN A OD1 1 
ATOM   823  N ND2 . ASN A 1 110 ? 14.14521  3.01869   2.89947   1.000 32.28597 ? 110 ASN A ND2 1 
ATOM   824  N N   . PRO A 1 111 ? 15.37995  8.33084   4.04934   1.000 25.80567 ? 111 PRO A N   1 
ATOM   825  C CA  . PRO A 1 111 ? 16.03083  9.57083   3.63006   1.000 27.00096 ? 111 PRO A CA  1 
ATOM   826  C C   . PRO A 1 111 ? 16.89258  9.32073   2.40020   1.000 26.45645 ? 111 PRO A C   1 
ATOM   827  O O   . PRO A 1 111 ? 17.46754  8.24336   2.22570   1.000 33.23288 ? 111 PRO A O   1 
ATOM   828  C CB  . PRO A 1 111 ? 16.87789  9.96073   4.84756   1.000 30.48121 ? 111 PRO A CB  1 
ATOM   829  C CG  . PRO A 1 111 ? 17.06494  8.71895   5.61981   1.000 31.75729 ? 111 PRO A CG  1 
ATOM   830  C CD  . PRO A 1 111 ? 15.86504  7.84975   5.35679   1.000 30.93439 ? 111 PRO A CD  1 
ATOM   831  N N   . LYS A 1 112 ? 16.92806  10.30998  1.52101   1.000 33.86401 ? 112 LYS A N   1 
ATOM   832  C CA  . LYS A 1 112 ? 17.83075  10.24766  0.38582   1.000 39.82746 ? 112 LYS A CA  1 
ATOM   833  C C   . LYS A 1 112 ? 19.26533  10.22774  0.90308   1.000 50.88831 ? 112 LYS A C   1 
ATOM   834  O O   . LYS A 1 112 ? 19.56901  10.89230  1.90180   1.000 53.62423 ? 112 LYS A O   1 
ATOM   835  C CB  . LYS A 1 112 ? 17.64055  11.48727  -0.48818  1.000 35.27907 ? 112 LYS A CB  1 
ATOM   836  C CG  . LYS A 1 112 ? 16.25846  11.62948  -1.10501  1.000 43.77421 ? 112 LYS A CG  1 
ATOM   837  C CD  . LYS A 1 112 ? 16.11421  12.96038  -1.83402  1.000 47.32654 ? 112 LYS A CD  1 
ATOM   838  C CE  . LYS A 1 112 ? 14.69658  13.17084  -2.35887  1.000 33.43442 ? 112 LYS A CE  1 
ATOM   839  N NZ  . LYS A 1 112 ? 14.47573  14.58647  -2.79286  1.000 49.88888 ? 112 LYS A NZ  1 
ATOM   840  N N   . PRO A 1 113 ? 20.16343  9.46487   0.27561   1.000 52.80970 ? 113 PRO A N   1 
ATOM   841  C CA  . PRO A 1 113 ? 21.58808  9.59215   0.62260   1.000 56.16639 ? 113 PRO A CA  1 
ATOM   842  C C   . PRO A 1 113 ? 22.08240  11.02713  0.56265   1.000 63.01648 ? 113 PRO A C   1 
ATOM   843  O O   . PRO A 1 113 ? 22.99761  11.39517  1.30974   1.000 71.82405 ? 113 PRO A O   1 
ATOM   844  C CB  . PRO A 1 113 ? 22.27954  8.68657   -0.40522  1.000 52.22458 ? 113 PRO A CB  1 
ATOM   845  C CG  . PRO A 1 113 ? 21.24836  7.65612   -0.73430  1.000 54.25870 ? 113 PRO A CG  1 
ATOM   846  C CD  . PRO A 1 113 ? 19.92550  8.38649   -0.69985  1.000 56.92314 ? 113 PRO A CD  1 
ATOM   847  N N   . ASN A 1 114 ? 21.48847  11.85256  -0.29440  1.000 67.54221 ? 114 ASN A N   1 
ATOM   848  C CA  . ASN A 1 114 ? 21.72107  13.28894  -0.28305  1.000 64.85407 ? 114 ASN A CA  1 
ATOM   849  C C   . ASN A 1 114 ? 21.29175  13.88284  1.05530   1.000 60.48088 ? 114 ASN A C   1 
ATOM   850  O O   . ASN A 1 114 ? 22.12417  14.30510  1.85381   1.000 62.18021 ? 114 ASN A O   1 
ATOM   851  C CB  . ASN A 1 114 ? 20.93893  13.95459  -1.41544  1.000 68.80669 ? 114 ASN A CB  1 
ATOM   852  C CG  . ASN A 1 114 ? 20.83902  15.45664  -1.24848  1.000 87.46277 ? 114 ASN A CG  1 
ATOM   853  O OD1 . ASN A 1 114 ? 19.90139  15.96429  -0.63033  1.000 89.85490 ? 114 ASN A OD1 1 
ATOM   854  N ND2 . ASN A 1 114 ? 21.80810  16.17850  -1.80024  1.000 96.25952 ? 114 ASN A ND2 1 
ATOM   855  N N   . GLY A 1 117 ? 15.59041  15.29861  1.28353   1.000 44.37888 ? 117 GLY A N   1 
ATOM   856  C CA  . GLY A 1 117 ? 14.27176  14.69931  1.15327   1.000 34.04162 ? 117 GLY A CA  1 
ATOM   857  C C   . GLY A 1 117 ? 14.26542  13.20117  1.38303   1.000 35.07554 ? 117 GLY A C   1 
ATOM   858  O O   . GLY A 1 117 ? 15.09957  12.67298  2.12835   1.000 32.94348 ? 117 GLY A O   1 
ATOM   859  N N   . SER A 1 118 ? 13.34235  12.49499  0.72678   1.000 26.49733 ? 118 SER A N   1 
ATOM   860  C CA  . SER A 1 118 ? 13.18738  11.07047  0.96652   1.000 22.89005 ? 118 SER A CA  1 
ATOM   861  C C   . SER A 1 118 ? 12.90546  10.31023  -0.32537  1.000 19.51771 ? 118 SER A C   1 
ATOM   862  O O   . SER A 1 118 ? 12.56137  10.87643  -1.36009  1.000 23.80960 ? 118 SER A O   1 
ATOM   863  C CB  . SER A 1 118 ? 12.03622  10.80113  1.93535   1.000 25.12775 ? 118 SER A CB  1 
ATOM   864  O OG  . SER A 1 118 ? 12.15490  11.61498  3.07356   1.000 38.39930 ? 118 SER A OG  1 
ATOM   865  N N   . VAL A 1 119 ? 12.99027  8.99216   -0.20905  1.000 22.41599 ? 119 VAL A N   1 
ATOM   866  C CA  . VAL A 1 119 ? 12.66361  8.05831   -1.26999  1.000 21.24679 ? 119 VAL A CA  1 
ATOM   867  C C   . VAL A 1 119 ? 11.56827  7.15130   -0.72050  1.000 17.37108 ? 119 VAL A C   1 
ATOM   868  O O   . VAL A 1 119 ? 11.73486  6.56089   0.35471   1.000 22.89016 ? 119 VAL A O   1 
ATOM   869  C CB  . VAL A 1 119 ? 13.91253  7.24792   -1.65289  1.000 26.66731 ? 119 VAL A CB  1 
ATOM   870  C CG1 . VAL A 1 119 ? 13.59268  6.26631   -2.71111  1.000 24.91269 ? 119 VAL A CG1 1 
ATOM   871  C CG2 . VAL A 1 119 ? 15.02700  8.18749   -2.12081  1.000 31.90199 ? 119 VAL A CG2 1 
ATOM   872  N N   . VAL A 1 120 ? 10.43615  7.08481   -1.41899  1.000 18.45381 ? 120 VAL A N   1 
ATOM   873  C CA  . VAL A 1 120 ? 9.32512   6.20625   -1.04792  1.000 18.16445 ? 120 VAL A CA  1 
ATOM   874  C C   . VAL A 1 120 ? 9.27221   5.06428   -2.05645  1.000 18.49184 ? 120 VAL A C   1 
ATOM   875  O O   . VAL A 1 120 ? 9.35265   5.29380   -3.26857  1.000 19.62252 ? 120 VAL A O   1 
ATOM   876  C CB  . VAL A 1 120 ? 7.97959   6.95117   -0.95477  1.000 23.84940 ? 120 VAL A CB  1 
ATOM   877  C CG1 . VAL A 1 120 ? 7.63105   7.65892   -2.24472  1.000 34.43519 ? 120 VAL A CG1 1 
ATOM   878  C CG2 . VAL A 1 120 ? 6.87201   5.97588   -0.56483  1.000 25.06506 ? 120 VAL A CG2 1 
ATOM   879  N N   . THR A 1 121 ? 9.17941   3.83604   -1.55759  1.000 19.73572 ? 121 THR A N   1 
ATOM   880  C CA  . THR A 1 121 ? 9.19227   2.63741   -2.38428  1.000 22.88659 ? 121 THR A CA  1 
ATOM   881  C C   . THR A 1 121 ? 7.93013   1.84147   -2.10474  1.000 21.28205 ? 121 THR A C   1 
ATOM   882  O O   . THR A 1 121 ? 7.63499   1.52457   -0.94396  1.000 23.47654 ? 121 THR A O   1 
ATOM   883  C CB  . THR A 1 121 ? 10.42994  1.80606   -2.06308  1.000 25.92097 ? 121 THR A CB  1 
ATOM   884  O OG1 . THR A 1 121 ? 11.59310  2.62310   -2.26277  1.000 26.67752 ? 121 THR A OG1 1 
ATOM   885  C CG2 . THR A 1 121 ? 10.51149  0.60255   -2.97688  1.000 27.38263 ? 121 THR A CG2 1 
ATOM   886  N N   . TYR A 1 122 ? 7.15539   1.56603   -3.14930  1.000 18.76129 ? 122 TYR A N   1 
ATOM   887  C CA  . TYR A 1 122 ? 5.97821   0.70846   -3.06089  1.000 16.98360 ? 122 TYR A CA  1 
ATOM   888  C C   . TYR A 1 122 ? 6.33204   -0.55763  -3.80679  1.000 15.38607 ? 122 TYR A C   1 
ATOM   889  O O   . TYR A 1 122 ? 6.61322   -0.49513  -5.00869  1.000 17.88115 ? 122 TYR A O   1 
ATOM   890  C CB  . TYR A 1 122 ? 4.77702   1.33648   -3.77062  1.000 23.81710 ? 122 TYR A CB  1 
ATOM   891  C CG  . TYR A 1 122 ? 3.73917   1.98703   -2.89473  1.000 20.64789 ? 122 TYR A CG  1 
ATOM   892  C CD1 . TYR A 1 122 ? 2.58394   1.31170   -2.52688  1.000 25.56173 ? 122 TYR A CD1 1 
ATOM   893  C CD2 . TYR A 1 122 ? 3.91075   3.28547   -2.46023  1.000 26.68678 ? 122 TYR A CD2 1 
ATOM   894  C CE1 . TYR A 1 122 ? 1.62672   1.92843   -1.73765  1.000 25.68134 ? 122 TYR A CE1 1 
ATOM   895  C CE2 . TYR A 1 122 ? 2.97482   3.89692   -1.66097  1.000 29.15541 ? 122 TYR A CE2 1 
ATOM   896  C CZ  . TYR A 1 122 ? 1.83422   3.22089   -1.31354  1.000 29.03140 ? 122 TYR A CZ  1 
ATOM   897  O OH  . TYR A 1 122 ? 0.90321   3.85127   -0.51912  1.000 48.78500 ? 122 TYR A OH  1 
ATOM   898  N N   . SER A 1 123 ? 6.33158   -1.68937  -3.11655  1.000 15.68836 ? 123 SER A N   1 
ATOM   899  C CA  . SER A 1 123 ? 6.65127   -2.97049  -3.74273  1.000 15.82150 ? 123 SER A CA  1 
ATOM   900  C C   . SER A 1 123 ? 5.43659   -3.87218  -3.67446  1.000 17.31700 ? 123 SER A C   1 
ATOM   901  O O   . SER A 1 123 ? 4.78160   -3.95666  -2.63149  1.000 19.50624 ? 123 SER A O   1 
ATOM   902  C CB  . SER A 1 123 ? 7.83415   -3.66582  -3.06477  1.000 17.69179 ? 123 SER A CB  1 
ATOM   903  O OG  . SER A 1 123 ? 8.95500   -2.80266  -3.04065  1.000 19.97084 ? 123 SER A OG  1 
ATOM   904  N N   . ILE A 1 124 ? 5.13977   -4.55165  -4.77144  1.000 15.02650 ? 124 ILE A N   1 
ATOM   905  C CA  . ILE A 1 124 ? 4.11602   -5.58675  -4.81453  1.000 13.87736 ? 124 ILE A CA  1 
ATOM   906  C C   . ILE A 1 124 ? 4.84847   -6.90171  -4.99764  1.000 15.59395 ? 124 ILE A C   1 
ATOM   907  O O   . ILE A 1 124 ? 5.43225   -7.15522  -6.06374  1.000 16.04616 ? 124 ILE A O   1 
ATOM   908  C CB  . ILE A 1 124 ? 3.09178   -5.36842  -5.93394  1.000 15.12998 ? 124 ILE A CB  1 
ATOM   909  C CG1 . ILE A 1 124 ? 2.50148   -3.96771  -5.88920  1.000 18.64152 ? 124 ILE A CG1 1 
ATOM   910  C CG2 . ILE A 1 124 ? 1.98393   -6.44329  -5.88391  1.000 16.51647 ? 124 ILE A CG2 1 
ATOM   911  C CD1 . ILE A 1 124 ? 1.52692   -3.70272  -7.01388  1.000 20.29628 ? 124 ILE A CD1 1 
ATOM   912  N N   . VAL A 1 125 ? 4.85932   -7.72312  -3.95248  1.000 16.37322 ? 125 VAL A N   1 
ATOM   913  C CA  . VAL A 1 125 ? 5.48323   -9.04085  -3.96728  1.000 16.21307 ? 125 VAL A CA  1 
ATOM   914  C C   . VAL A 1 125 ? 4.38728   -10.04545 -4.27170  1.000 16.15727 ? 125 VAL A C   1 
ATOM   915  O O   . VAL A 1 125 ? 3.39641   -10.12048 -3.53311  1.000 17.35281 ? 125 VAL A O   1 
ATOM   916  C CB  . VAL A 1 125 ? 6.15766   -9.34025  -2.61839  1.000 18.61307 ? 125 VAL A CB  1 
ATOM   917  C CG1 . VAL A 1 125 ? 6.79362   -10.69809 -2.63202  1.000 22.21376 ? 125 VAL A CG1 1 
ATOM   918  C CG2 . VAL A 1 125 ? 7.18241   -8.24501  -2.27971  1.000 21.71165 ? 125 VAL A CG2 1 
ATOM   919  N N   . TYR A 1 126 ? 4.53710   -10.80025 -5.36110  1.000 16.93908 ? 126 TYR A N   1 
ATOM   920  C CA  . TYR A 1 126 ? 3.43213   -11.62078 -5.83488  1.000 17.86807 ? 126 TYR A CA  1 
ATOM   921  C C   . TYR A 1 126 ? 3.91950   -12.99312 -6.26414  1.000 18.59829 ? 126 TYR A C   1 
ATOM   922  O O   . TYR A 1 126 ? 5.08593   -13.19127 -6.63021  1.000 19.24149 ? 126 TYR A O   1 
ATOM   923  C CB  . TYR A 1 126 ? 2.67576   -10.93743 -6.98509  1.000 15.98661 ? 126 TYR A CB  1 
ATOM   924  C CG  . TYR A 1 126 ? 3.48421   -10.80888 -8.24723  1.000 15.46185 ? 126 TYR A CG  1 
ATOM   925  C CD1 . TYR A 1 126 ? 3.41587   -11.78918 -9.22529  1.000 15.13146 ? 126 TYR A CD1 1 
ATOM   926  C CD2 . TYR A 1 126 ? 4.32984   -9.71767  -8.45229  1.000 15.24692 ? 126 TYR A CD2 1 
ATOM   927  C CE1 . TYR A 1 126 ? 4.17005   -11.68861 -10.37510 1.000 16.44327 ? 126 TYR A CE1 1 
ATOM   928  C CE2 . TYR A 1 126 ? 5.09297   -9.60649  -9.61716  1.000 15.27405 ? 126 TYR A CE2 1 
ATOM   929  C CZ  . TYR A 1 126 ? 4.98737   -10.59794 -10.57520 1.000 15.06019 ? 126 TYR A CZ  1 
ATOM   930  O OH  . TYR A 1 126 ? 5.72227   -10.57259 -11.74446 1.000 17.50053 ? 126 TYR A OH  1 
ATOM   931  N N   . GLU A 1 127 ? 2.98693   -13.94095 -6.20825  1.000 15.74279 ? 127 GLU A N   1 
ATOM   932  C CA  . GLU A 1 127 ? 3.13416   -15.25377 -6.81771  1.000 18.21457 ? 127 GLU A CA  1 
ATOM   933  C C   . GLU A 1 127 ? 1.86204   -15.54690 -7.59609  1.000 17.77250 ? 127 GLU A C   1 
ATOM   934  O O   . GLU A 1 127 ? 0.76600   -15.50913 -7.02597  1.000 20.02797 ? 127 GLU A O   1 
ATOM   935  C CB  . GLU A 1 127 ? 3.37762   -16.33866 -5.76673  1.000 20.34271 ? 127 GLU A CB  1 
ATOM   936  C CG  . GLU A 1 127 ? 3.70389   -17.68295 -6.41078  1.000 23.97185 ? 127 GLU A CG  1 
ATOM   937  C CD  . GLU A 1 127 ? 3.87511   -18.79433 -5.40079  1.000 34.32986 ? 127 GLU A CD  1 
ATOM   938  O OE1 . GLU A 1 127 ? 3.96294   -18.49930 -4.18760  1.000 37.26156 ? 127 GLU A OE1 1 
ATOM   939  O OE2 . GLU A 1 127 ? 3.90189   -19.97099 -5.82440  1.000 35.11377 ? 127 GLU A OE2 1 
ATOM   940  N N   . LYS A 1 128 ? 2.00988   -15.82420 -8.89172  1.000 21.48238 ? 128 LYS A N   1 
ATOM   941  C CA  . LYS A 1 128 ? 0.87178   -16.08993 -9.75682  1.000 19.93808 ? 128 LYS A CA  1 
ATOM   942  C C   . LYS A 1 128 ? 0.31014   -17.47353 -9.48209  1.000 21.70878 ? 128 LYS A C   1 
ATOM   943  O O   . LYS A 1 128 ? 1.02929   -18.38545 -9.06794  1.000 26.52084 ? 128 LYS A O   1 
ATOM   944  C CB  . LYS A 1 128 ? 1.31281   -16.08986 -11.21788 1.000 23.42313 ? 128 LYS A CB  1 
ATOM   945  C CG  . LYS A 1 128 ? 1.87155   -14.77821 -11.72104 1.000 23.52082 ? 128 LYS A CG  1 
ATOM   946  C CD  . LYS A 1 128 ? 2.21270   -14.89863 -13.20185 1.000 26.55698 ? 128 LYS A CD  1 
ATOM   947  C CE  . LYS A 1 128 ? 2.55219   -13.54467 -13.81466 1.000 26.40450 ? 128 LYS A CE  1 
ATOM   948  N NZ  . LYS A 1 128 ? 2.80758   -13.66658 -15.29706 1.000 28.01584 ? 128 LYS A NZ  1 
ATOM   949  N N   . ILE A 1 129 ? -0.99307  -17.62241 -9.73100  1.000 22.10611 ? 129 ILE A N   1 
ATOM   950  C CA  . ILE A 1 129 ? -1.61126  -18.94620 -9.67994  1.000 26.45054 ? 129 ILE A CA  1 
ATOM   951  C C   . ILE A 1 129 ? -1.02293  -19.83462 -10.76653 1.000 33.52938 ? 129 ILE A C   1 
ATOM   952  O O   . ILE A 1 129 ? -0.66003  -20.99132 -10.52219 1.000 34.28319 ? 129 ILE A O   1 
ATOM   953  C CB  . ILE A 1 129 ? -3.14044  -18.82082 -9.82011  1.000 25.43510 ? 129 ILE A CB  1 
ATOM   954  C CG1 . ILE A 1 129 ? -3.74373  -18.11165 -8.60678  1.000 30.00127 ? 129 ILE A CG1 1 
ATOM   955  C CG2 . ILE A 1 129 ? -3.77777  -20.19540 -10.03531 1.000 30.03101 ? 129 ILE A CG2 1 
ATOM   956  C CD1 . ILE A 1 129 ? -3.77217  -18.93832 -7.36319  1.000 40.71849 ? 129 ILE A CD1 1 
ATOM   957  N N   . ASN A 1 130 ? -0.91320  -19.30252 -11.98047 1.000 26.04261 ? 130 ASN A N   1 
ATOM   958  C CA  . ASN A 1 130 ? -0.34180  -20.03260 -13.10397 1.000 32.51893 ? 130 ASN A CA  1 
ATOM   959  C C   . ASN A 1 130 ? 0.23805   -19.02854 -14.09369 1.000 37.64144 ? 130 ASN A C   1 
ATOM   960  O O   . ASN A 1 130 ? 0.19276   -17.81409 -13.87510 1.000 31.69413 ? 130 ASN A O   1 
ATOM   961  C CB  . ASN A 1 130 ? -1.38403  -20.94867 -13.75293 1.000 33.94958 ? 130 ASN A CB  1 
ATOM   962  C CG  . ASN A 1 130 ? -2.60107  -20.19278 -14.22495 1.000 35.30750 ? 130 ASN A CG  1 
ATOM   963  O OD1 . ASN A 1 130 ? -2.50700  -19.32081 -15.08304 1.000 37.20854 ? 130 ASN A OD1 1 
ATOM   964  N ND2 . ASN A 1 130 ? -3.75681  -20.52258 -13.66658 1.000 42.64401 ? 130 ASN A ND2 1 
ATOM   965  N N   . GLU A 1 131 ? 0.76693   -19.54548 -15.20765 1.000 36.88237 ? 131 GLU A N   1 
ATOM   966  C CA  . GLU A 1 131 ? 1.42777   -18.69524 -16.19522 1.000 35.89488 ? 131 GLU A CA  1 
ATOM   967  C C   . GLU A 1 131 ? 0.45908   -17.79908 -16.95131 1.000 33.61065 ? 131 GLU A C   1 
ATOM   968  O O   . GLU A 1 131 ? 0.88885   -16.79614 -17.53052 1.000 41.35932 ? 131 GLU A O   1 
ATOM   969  C CB  . GLU A 1 131 ? 2.22459   -19.53984 -17.19169 1.000 51.02140 ? 131 GLU A CB  1 
ATOM   970  C CG  . GLU A 1 131 ? 3.52299   -20.10724 -16.64360 1.000 63.07539 ? 131 GLU A CG  1 
ATOM   971  C CD  . GLU A 1 131 ? 4.46016   -20.59279 -17.74294 1.000 89.41014 ? 131 GLU A CD  1 
ATOM   972  O OE1 . GLU A 1 131 ? 3.99716   -20.77408 -18.89143 1.000 81.96422 ? 131 GLU A OE1 1 
ATOM   973  O OE2 . GLU A 1 131 ? 5.66306   -20.78486 -17.45898 1.000 97.38371 ? 131 GLU A OE2 1 
ATOM   974  N N   . ASP A 1 132 ? -0.82654  -18.13941 -16.97831 1.000 34.57968 ? 132 ASP A N   1 
ATOM   975  C CA  . ASP A 1 132 ? -1.81954  -17.29218 -17.62400 1.000 42.97633 ? 132 ASP A CA  1 
ATOM   976  C C   . ASP A 1 132 ? -2.16006  -16.05517 -16.80112 1.000 34.68739 ? 132 ASP A C   1 
ATOM   977  O O   . ASP A 1 132 ? -2.81268  -15.13992 -17.31681 1.000 32.05840 ? 132 ASP A O   1 
ATOM   978  C CB  . ASP A 1 132 ? -3.08921  -18.09802 -17.91425 1.000 47.73520 ? 132 ASP A CB  1 
ATOM   979  C CG  . ASP A 1 132 ? -2.81199  -19.34388 -18.73823 1.000 67.17753 ? 132 ASP A CG  1 
ATOM   980  O OD1 . ASP A 1 132 ? -1.85544  -19.32470 -19.54402 1.000 69.54733 ? 132 ASP A OD1 1 
ATOM   981  O OD2 . ASP A 1 132 ? -3.54624  -20.34280 -18.57764 1.000 77.89096 ? 132 ASP A OD2 1 
ATOM   982  N N   . SER A 1 133 ? -1.72903  -15.99973 -15.54911 1.000 29.92680 ? 133 SER A N   1 
ATOM   983  C CA  . SER A 1 133 ? -2.04969  -14.85369 -14.71688 1.000 28.96744 ? 133 SER A CA  1 
ATOM   984  C C   . SER A 1 133 ? -1.21696  -13.64830 -15.14556 1.000 22.99252 ? 133 SER A C   1 
ATOM   985  O O   . SER A 1 133 ? -0.05007  -13.79786 -15.51624 1.000 26.23281 ? 133 SER A O   1 
ATOM   986  C CB  . SER A 1 133 ? -1.74801  -15.18368 -13.25758 1.000 31.70597 ? 133 SER A CB  1 
ATOM   987  O OG  . SER A 1 133 ? -2.53007  -16.28362 -12.80349 1.000 31.18788 ? 133 SER A OG  1 
ATOM   988  N N   . PRO A 1 134 ? -1.77381  -12.44272 -15.09649 1.000 26.70817 ? 134 PRO A N   1 
ATOM   989  C CA  . PRO A 1 134 ? -0.96431  -11.25153 -15.37082 1.000 26.06240 ? 134 PRO A CA  1 
ATOM   990  C C   . PRO A 1 134 ? -0.11096  -10.90283 -14.16021 1.000 22.65668 ? 134 PRO A C   1 
ATOM   991  O O   . PRO A 1 134 ? -0.38799  -11.32873 -13.03984 1.000 26.07758 ? 134 PRO A O   1 
ATOM   992  C CB  . PRO A 1 134 ? -2.02310  -10.16977 -15.59140 1.000 30.73399 ? 134 PRO A CB  1 
ATOM   993  C CG  . PRO A 1 134 ? -3.12984  -10.57761 -14.68652 1.000 34.29972 ? 134 PRO A CG  1 
ATOM   994  C CD  . PRO A 1 134 ? -3.15709  -12.09516 -14.72377 1.000 33.63024 ? 134 PRO A CD  1 
ATOM   995  N N   . ALA A 1 135 ? 0.96320   -10.14645 -14.41218 1.000 21.02652 ? 135 ALA A N   1 
ATOM   996  C CA  . ALA A 1 135 ? 1.65063   -9.47066  -13.32128 1.000 18.11826 ? 135 ALA A CA  1 
ATOM   997  C C   . ALA A 1 135 ? 0.86394   -8.20615  -12.98194 1.000 17.24131 ? 135 ALA A C   1 
ATOM   998  O O   . ALA A 1 135 ? 0.13013   -7.68953  -13.82408 1.000 17.42167 ? 135 ALA A O   1 
ATOM   999  C CB  . ALA A 1 135 ? 3.07752   -9.12014  -13.73281 1.000 18.75039 ? 135 ALA A CB  1 
ATOM   1000 N N   . PRO A 1 136 ? 0.93390   -7.73774  -11.72021 1.000 16.04627 ? 136 PRO A N   1 
ATOM   1001 C CA  . PRO A 1 136 ? -0.02067  -6.71712  -11.22987 1.000 14.34398 ? 136 PRO A CA  1 
ATOM   1002 C C   . PRO A 1 136 ? 0.34760   -5.28006  -11.58653 1.000 17.23869 ? 136 PRO A C   1 
ATOM   1003 O O   . PRO A 1 136 ? 0.43954   -4.40734  -10.72940 1.000 16.10151 ? 136 PRO A O   1 
ATOM   1004 C CB  . PRO A 1 136 ? -0.04173  -6.97992  -9.71632  1.000 14.97975 ? 136 PRO A CB  1 
ATOM   1005 C CG  . PRO A 1 136 ? 1.30646   -7.56677  -9.40688  1.000 14.90813 ? 136 PRO A CG  1 
ATOM   1006 C CD  . PRO A 1 136 ? 1.68325   -8.39302  -10.63450 1.000 15.58689 ? 136 PRO A CD  1 
ATOM   1007 N N   . PHE A 1 137 ? 0.50818   -5.02695  -12.88732 1.000 14.95312 ? 137 PHE A N   1 
ATOM   1008 C CA  . PHE A 1 137 ? 0.77096   -3.67601  -13.37588 1.000 14.70984 ? 137 PHE A CA  1 
ATOM   1009 C C   . PHE A 1 137 ? -0.39567  -2.74342  -13.11601 1.000 13.95073 ? 137 PHE A C   1 
ATOM   1010 O O   . PHE A 1 137 ? -0.17661  -1.54850  -12.91393 1.000 16.93489 ? 137 PHE A O   1 
ATOM   1011 C CB  . PHE A 1 137 ? 1.09594   -3.70929  -14.88038 1.000 16.75112 ? 137 PHE A CB  1 
ATOM   1012 C CG  . PHE A 1 137 ? 2.40814   -4.36517  -15.18551 1.000 18.00982 ? 137 PHE A CG  1 
ATOM   1013 C CD1 . PHE A 1 137 ? 3.60562   -3.73205  -14.88268 1.000 18.89721 ? 137 PHE A CD1 1 
ATOM   1014 C CD2 . PHE A 1 137 ? 2.45207   -5.62697  -15.75264 1.000 18.89891 ? 137 PHE A CD2 1 
ATOM   1015 C CE1 . PHE A 1 137 ? 4.81349   -4.34817  -15.13067 1.000 25.57262 ? 137 PHE A CE1 1 
ATOM   1016 C CE2 . PHE A 1 137 ? 3.66575   -6.25629  -16.00729 1.000 17.63828 ? 137 PHE A CE2 1 
ATOM   1017 C CZ  . PHE A 1 137 ? 4.84590   -5.62595  -15.69636 1.000 18.38017 ? 137 PHE A CZ  1 
ATOM   1018 N N   . ASP A 1 138 ? -1.63283  -3.25590  -13.14409 1.000 17.31435 ? 138 ASP A N   1 
ATOM   1019 C CA  . ASP A 1 138 ? -2.77579  -2.39962  -12.83735 1.000 18.07981 ? 138 ASP A CA  1 
ATOM   1020 C C   . ASP A 1 138 ? -2.71235  -1.89071  -11.39589 1.000 18.60022 ? 138 ASP A C   1 
ATOM   1021 O O   . ASP A 1 138 ? -2.92095  -0.69232  -11.14225 1.000 16.42090 ? 138 ASP A O   1 
ATOM   1022 C CB  . ASP A 1 138 ? -4.10041  -3.11217  -13.16889 1.000 18.04300 ? 138 ASP A CB  1 
ATOM   1023 C CG  . ASP A 1 138 ? -4.23168  -4.52061  -12.55753 1.000 23.13802 ? 138 ASP A CG  1 
ATOM   1024 O OD1 . ASP A 1 138 ? -3.29262  -5.06542  -11.92512 1.000 19.72524 ? 138 ASP A OD1 1 
ATOM   1025 O OD2 . ASP A 1 138 ? -5.32583  -5.10850  -12.72088 1.000 23.38187 ? 138 ASP A OD2 1 
ATOM   1026 N N   . TYR A 1 139 ? -2.33671  -2.76018  -10.45991 1.000 17.29825 ? 139 TYR A N   1 
ATOM   1027 C CA  . TYR A 1 139 ? -2.19047  -2.32866  -9.07205  1.000 16.06965 ? 139 TYR A CA  1 
ATOM   1028 C C   . TYR A 1 139 ? -1.00214  -1.39511  -8.89816  1.000 17.95693 ? 139 TYR A C   1 
ATOM   1029 O O   . TYR A 1 139 ? -1.08608  -0.42046  -8.14668  1.000 15.94158 ? 139 TYR A O   1 
ATOM   1030 C CB  . TYR A 1 139 ? -2.09019  -3.53048  -8.12141  1.000 14.78385 ? 139 TYR A CB  1 
ATOM   1031 C CG  . TYR A 1 139 ? -3.41698  -4.22793  -7.89602  1.000 16.42707 ? 139 TYR A CG  1 
ATOM   1032 C CD1 . TYR A 1 139 ? -4.34051  -3.71696  -7.00132  1.000 17.90317 ? 139 TYR A CD1 1 
ATOM   1033 C CD2 . TYR A 1 139 ? -3.74585  -5.38191  -8.57695  1.000 17.16259 ? 139 TYR A CD2 1 
ATOM   1034 C CE1 . TYR A 1 139 ? -5.54723  -4.34547  -6.79179  1.000 18.19260 ? 139 TYR A CE1 1 
ATOM   1035 C CE2 . TYR A 1 139 ? -4.95278  -6.01777  -8.37214  1.000 19.30795 ? 139 TYR A CE2 1 
ATOM   1036 C CZ  . TYR A 1 139 ? -5.84688  -5.49154  -7.47812  1.000 18.94561 ? 139 TYR A CZ  1 
ATOM   1037 O OH  . TYR A 1 139 ? -7.06340  -6.10385  -7.26029  1.000 23.04074 ? 139 TYR A OH  1 
ATOM   1038 N N   . LEU A 1 140 ? 0.11388   -1.66606  -9.58970  1.000 15.88738 ? 140 LEU A N   1 
ATOM   1039 C CA  . LEU A 1 140 ? 1.26990   -0.79770  -9.43482  1.000 15.97564 ? 140 LEU A CA  1 
ATOM   1040 C C   . LEU A 1 140 ? 0.92653   0.61995   -9.85976  1.000 16.26294 ? 140 LEU A C   1 
ATOM   1041 O O   . LEU A 1 140 ? 1.26970   1.57750   -9.16450  1.000 16.44654 ? 140 LEU A O   1 
ATOM   1042 C CB  . LEU A 1 140 ? 2.46664   -1.33815  -10.23449 1.000 15.38250 ? 140 LEU A CB  1 
ATOM   1043 C CG  . LEU A 1 140 ? 3.81168   -0.66080  -9.91301  1.000 15.10532 ? 140 LEU A CG  1 
ATOM   1044 C CD1 . LEU A 1 140 ? 4.30619   -1.06520  -8.53191  1.000 18.53848 ? 140 LEU A CD1 1 
ATOM   1045 C CD2 . LEU A 1 140 ? 4.88362   -0.96279  -10.97422 1.000 18.33699 ? 140 LEU A CD2 1 
ATOM   1046 N N   . LYS A 1 141 ? 0.22917   0.77170   -10.98991 1.000 15.33097 ? 141 LYS A N   1 
ATOM   1047 C CA  . LYS A 1 141 ? -0.12375  2.11854   -11.44282 1.000 17.41704 ? 141 LYS A CA  1 
ATOM   1048 C C   . LYS A 1 141 ? -1.08648  2.77897   -10.46787 1.000 19.09588 ? 141 LYS A C   1 
ATOM   1049 O O   . LYS A 1 141 ? -0.96612  3.97352   -10.17258 1.000 18.44596 ? 141 LYS A O   1 
ATOM   1050 C CB  . LYS A 1 141 ? -0.72938  2.05904   -12.85180 1.000 20.38491 ? 141 LYS A CB  1 
ATOM   1051 C CG  . LYS A 1 141 ? -1.19757  3.41752   -13.34730 1.000 21.07066 ? 141 LYS A CG  1 
ATOM   1052 C CD  . LYS A 1 141 ? -1.75512  3.32007   -14.75508 1.000 28.74947 ? 141 LYS A CD  1 
ATOM   1053 C CE  . LYS A 1 141 ? -0.65966  3.07709   -15.76535 1.000 33.83703 ? 141 LYS A CE  1 
ATOM   1054 N NZ  . LYS A 1 141 ? -1.25449  2.99424   -17.13857 1.000 42.44355 ? 141 LYS A NZ  1 
ATOM   1055 N N   . PHE A 1 142 ? -2.03181  2.00497   -9.94251  1.000 16.26780 ? 142 PHE A N   1 
ATOM   1056 C CA  . PHE A 1 142 ? -2.99569  2.54320   -8.98845  1.000 16.84768 ? 142 PHE A CA  1 
ATOM   1057 C C   . PHE A 1 142 ? -2.29594  3.05646   -7.73587  1.000 21.37341 ? 142 PHE A C   1 
ATOM   1058 O O   . PHE A 1 142 ? -2.52421  4.19234   -7.30902  1.000 19.27218 ? 142 PHE A O   1 
ATOM   1059 C CB  . PHE A 1 142 ? -4.00066  1.44015   -8.65491  1.000 19.02273 ? 142 PHE A CB  1 
ATOM   1060 C CG  . PHE A 1 142 ? -5.05419  1.81408   -7.66184  1.000 26.76139 ? 142 PHE A CG  1 
ATOM   1061 C CD1 . PHE A 1 142 ? -6.13089  2.59736   -8.03541  1.000 34.85122 ? 142 PHE A CD1 1 
ATOM   1062 C CD2 . PHE A 1 142 ? -5.01286  1.29867   -6.38537  1.000 28.34851 ? 142 PHE A CD2 1 
ATOM   1063 C CE1 . PHE A 1 142 ? -7.13296  2.90964   -7.12685  1.000 41.00375 ? 142 PHE A CE1 1 
ATOM   1064 C CE2 . PHE A 1 142 ? -6.01489  1.60126   -5.46518  1.000 37.20943 ? 142 PHE A CE2 1 
ATOM   1065 C CZ  . PHE A 1 142 ? -7.07099  2.40872   -5.84378  1.000 38.76764 ? 142 PHE A CZ  1 
ATOM   1066 N N   . PHE A 1 143 ? -1.43140  2.23443   -7.13047  1.000 17.26182 ? 143 PHE A N   1 
ATOM   1067 C CA  . PHE A 1 143 ? -0.71031  2.68671   -5.94302  1.000 17.88426 ? 143 PHE A CA  1 
ATOM   1068 C C   . PHE A 1 143 ? 0.17535   3.87915   -6.26119  1.000 19.56680 ? 143 PHE A C   1 
ATOM   1069 O O   . PHE A 1 143 ? 0.29242   4.80351   -5.45162  1.000 19.60075 ? 143 PHE A O   1 
ATOM   1070 C CB  . PHE A 1 143 ? 0.12617   1.55238   -5.33882  1.000 17.54961 ? 143 PHE A CB  1 
ATOM   1071 C CG  . PHE A 1 143 ? -0.68094  0.35270   -4.89940  1.000 22.75473 ? 143 PHE A CG  1 
ATOM   1072 C CD1 . PHE A 1 143 ? -1.92624  0.49610   -4.32315  1.000 27.84483 ? 143 PHE A CD1 1 
ATOM   1073 C CD2 . PHE A 1 143 ? -0.18516  -0.92095  -5.07238  1.000 22.37630 ? 143 PHE A CD2 1 
ATOM   1074 C CE1 . PHE A 1 143 ? -2.64928  -0.61887  -3.92162  1.000 27.29418 ? 143 PHE A CE1 1 
ATOM   1075 C CE2 . PHE A 1 143 ? -0.90567  -2.02703  -4.67428  1.000 24.55647 ? 143 PHE A CE2 1 
ATOM   1076 C CZ  . PHE A 1 143 ? -2.13252  -1.87069  -4.10188  1.000 24.59536 ? 143 PHE A CZ  1 
ATOM   1077 N N   . HIS A 1 144 ? 0.81369   3.87355   -7.43608  1.000 15.56954 ? 144 HIS A N   1 
ATOM   1078 C CA  . HIS A 1 144 ? 1.66237   4.98630   -7.81959  1.000 15.92017 ? 144 HIS A CA  1 
ATOM   1079 C C   . HIS A 1 144 ? 0.86478   6.27459   -7.88993  1.000 19.32223 ? 144 HIS A C   1 
ATOM   1080 O O   . HIS A 1 144 ? 1.25789   7.30033   -7.31661  1.000 17.66778 ? 144 HIS A O   1 
ATOM   1081 C CB  . HIS A 1 144 ? 2.27375   4.70135   -9.18686  1.000 16.24054 ? 144 HIS A CB  1 
ATOM   1082 C CG  . HIS A 1 144 ? 3.19293   5.77749   -9.66159  1.000 17.69698 ? 144 HIS A CG  1 
ATOM   1083 N ND1 . HIS A 1 144 ? 4.53621   5.78254   -9.36376  1.000 16.70689 ? 144 HIS A ND1 1 
ATOM   1084 C CD2 . HIS A 1 144 ? 2.96096   6.89430   -10.38976 1.000 18.00181 ? 144 HIS A CD2 1 
ATOM   1085 C CE1 . HIS A 1 144 ? 5.10088   6.85088   -9.90132  1.000 17.59545 ? 144 HIS A CE1 1 
ATOM   1086 N NE2 . HIS A 1 144 ? 4.16443   7.54403   -10.52406 1.000 18.45748 ? 144 HIS A NE2 1 
ATOM   1087 N N   . GLN A 1 145 ? -0.24639  6.25040   -8.61962  1.000 19.29154 ? 145 GLN A N   1 
ATOM   1088 C CA  . GLN A 1 145 ? -1.00391  7.48289   -8.78198  1.000 22.79090 ? 145 GLN A CA  1 
ATOM   1089 C C   . GLN A 1 145 ? -1.58711  7.93448   -7.45385  1.000 21.97239 ? 145 GLN A C   1 
ATOM   1090 O O   . GLN A 1 145 ? -1.64633  9.14158   -7.18350  1.000 25.25763 ? 145 GLN A O   1 
ATOM   1091 C CB  . GLN A 1 145 ? -2.02894  7.33245   -9.91215  1.000 27.01072 ? 145 GLN A CB  1 
ATOM   1092 C CG  . GLN A 1 145 ? -1.30894  7.16002   -11.27571 1.000 30.14853 ? 145 GLN A CG  1 
ATOM   1093 C CD  . GLN A 1 145 ? -2.21401  6.97930   -12.47813 1.000 38.93818 ? 145 GLN A CD  1 
ATOM   1094 O OE1 . GLN A 1 145 ? -3.40302  6.70545   -12.34482 1.000 36.29464 ? 145 GLN A OE1 1 
ATOM   1095 N NE2 . GLN A 1 145 ? -1.63499  7.11240   -13.67443 1.000 35.96543 ? 145 GLN A NE2 1 
ATOM   1096 N N   . ASN A 1 146 ? -1.92350  6.99124   -6.57861  1.000 21.64256 ? 146 ASN A N   1 
ATOM   1097 C CA  . ASN A 1 146 ? -2.44354  7.36886   -5.26977  1.000 25.51909 ? 146 ASN A CA  1 
ATOM   1098 C C   . ASN A 1 146 ? -1.38037  8.05788   -4.41371  1.000 24.85732 ? 146 ASN A C   1 
ATOM   1099 O O   . ASN A 1 146 ? -1.68069  9.04514   -3.73043  1.000 25.79471 ? 146 ASN A O   1 
ATOM   1100 C CB  . ASN A 1 146 ? -3.06975  6.15818   -4.57833  1.000 28.17861 ? 146 ASN A CB  1 
ATOM   1101 C CG  . ASN A 1 146 ? -4.31490  5.65929   -5.30367  1.000 30.61553 ? 146 ASN A CG  1 
ATOM   1102 O OD1 . ASN A 1 146 ? -4.84696  6.34089   -6.18052  1.000 33.32410 ? 146 ASN A OD1 1 
ATOM   1103 N ND2 . ASN A 1 146 ? -4.77919  4.47250   -4.94432  1.000 35.81069 ? 146 ASN A ND2 1 
ATOM   1104 N N   . ILE A 1 147 ? -0.13268  7.57362   -4.44018  1.000 18.22259 ? 147 ILE A N   1 
ATOM   1105 C CA  . ILE A 1 147 ? 0.90363   8.21333   -3.62601  1.000 21.43252 ? 147 ILE A CA  1 
ATOM   1106 C C   . ILE A 1 147 ? 1.34393   9.54412   -4.23027  1.000 24.68908 ? 147 ILE A C   1 
ATOM   1107 O O   . ILE A 1 147 ? 1.67902   10.49167  -3.49890  1.000 25.36410 ? 147 ILE A O   1 
ATOM   1108 C CB  . ILE A 1 147 ? 2.06885   7.25668   -3.30523  1.000 25.00984 ? 147 ILE A CB  1 
ATOM   1109 C CG1 . ILE A 1 147 ? 2.93364   7.82177   -2.17952  1.000 31.52547 ? 147 ILE A CG1 1 
ATOM   1110 C CG2 . ILE A 1 147 ? 2.92753   6.98199   -4.53411  1.000 20.56415 ? 147 ILE A CG2 1 
ATOM   1111 C CD1 . ILE A 1 147 ? 2.22667   7.89267   -0.86080  1.000 32.04735 ? 147 ILE A CD1 1 
ATOM   1112 N N   . VAL A 1 148 ? 1.34975   9.65292   -5.56378  1.000 20.69758 ? 148 VAL A N   1 
ATOM   1113 C CA  . VAL A 1 148 ? 1.56923   10.94278  -6.20903  1.000 21.36451 ? 148 VAL A CA  1 
ATOM   1114 C C   . VAL A 1 148 ? 0.46890   11.92865  -5.82093  1.000 25.31527 ? 148 VAL A C   1 
ATOM   1115 O O   . VAL A 1 148 ? 0.73860   13.10739  -5.55398  1.000 27.75260 ? 148 VAL A O   1 
ATOM   1116 C CB  . VAL A 1 148 ? 1.67806   10.77599  -7.73951  1.000 22.44398 ? 148 VAL A CB  1 
ATOM   1117 C CG1 . VAL A 1 148 ? 1.69060   12.14301  -8.43172  1.000 24.08741 ? 148 VAL A CG1 1 
ATOM   1118 C CG2 . VAL A 1 148 ? 2.93269   10.00468  -8.12089  1.000 23.36941 ? 148 VAL A CG2 1 
ATOM   1119 N N   . ASP A 1 149 ? -0.78471  11.47406  -5.78685  1.000 23.95872 ? 149 ASP A N   1 
ATOM   1120 C CA  . ASP A 1 149 ? -1.86040  12.38714  -5.40425  1.000 22.77159 ? 149 ASP A CA  1 
ATOM   1121 C C   . ASP A 1 149 ? -1.70214  12.83878  -3.96051  1.000 28.19664 ? 149 ASP A C   1 
ATOM   1122 O O   . ASP A 1 149 ? -1.86932  14.02687  -3.65652  1.000 35.15185 ? 149 ASP A O   1 
ATOM   1123 C CB  . ASP A 1 149 ? -3.23268  11.75421  -5.62043  1.000 31.31237 ? 149 ASP A CB  1 
ATOM   1124 C CG  . ASP A 1 149 ? -4.36626  12.71008  -5.28992  1.000 43.58863 ? 149 ASP A CG  1 
ATOM   1125 O OD1 . ASP A 1 149 ? -4.65351  13.60008  -6.11748  1.000 52.09337 ? 149 ASP A OD1 1 
ATOM   1126 O OD2 . ASP A 1 149 ? -4.95442  12.58599  -4.19795  1.000 42.34349 ? 149 ASP A OD2 1 
ATOM   1127 N N   . MET A 1 150 ? -1.36972  11.91057  -3.06027  1.000 26.85546 ? 150 MET A N   1 
ATOM   1128 C CA  . MET A 1 150 ? -1.16349  12.28396  -1.66312  1.000 27.12047 ? 150 MET A CA  1 
ATOM   1129 C C   . MET A 1 150 ? -0.03231  13.29847  -1.53353  1.000 31.29366 ? 150 MET A C   1 
ATOM   1130 O O   . MET A 1 150 ? -0.17850  14.32646  -0.85917  1.000 30.46146 ? 150 MET A O   1 
ATOM   1131 C CB  . MET A 1 150 ? -0.86879  11.03313  -0.82986  1.000 25.60874 ? 150 MET A CB  1 
ATOM   1132 C CG  . MET A 1 150 ? -1.01786  11.20788  0.69705   1.000 30.47439 ? 150 MET A CG  1 
ATOM   1133 S SD  . MET A 1 150 ? 0.00435   10.05641  1.64784   1.000 37.83680 ? 150 MET A SD  1 
ATOM   1134 C CE  . MET A 1 150 ? 1.61395   10.77281  1.35239   1.000 40.00948 ? 150 MET A CE  1 
ATOM   1135 N N   . SER A 1 151 ? 1.09433   13.03902  -2.19377  1.000 24.89359 ? 151 SER A N   1 
ATOM   1136 C CA  . SER A 1 151 ? 2.25395   13.91673  -2.09205  1.000 24.71318 ? 151 SER A CA  1 
ATOM   1137 C C   . SER A 1 151 ? 1.98651   15.28093  -2.70531  1.000 37.70534 ? 151 SER A C   1 
ATOM   1138 O O   . SER A 1 151 ? 2.57148   16.27480  -2.26680  1.000 33.27576 ? 151 SER A O   1 
ATOM   1139 C CB  . SER A 1 151 ? 3.45414   13.27181  -2.78470  1.000 33.39457 ? 151 SER A CB  1 
ATOM   1140 O OG  . SER A 1 151 ? 3.67403   11.97217  -2.28361  1.000 37.30807 ? 151 SER A OG  1 
ATOM   1141 N N   . ALA A 1 152 ? 1.11601   15.35451  -3.71596  1.000 33.65608 ? 152 ALA A N   1 
ATOM   1142 C CA  . ALA A 1 152 ? 0.81839   16.64111  -4.33432  1.000 35.47551 ? 152 ALA A CA  1 
ATOM   1143 C C   . ALA A 1 152 ? 0.08420   17.58596  -3.39082  1.000 33.45457 ? 152 ALA A C   1 
ATOM   1144 O O   . ALA A 1 152 ? 0.06097   18.79560  -3.64271  1.000 45.87294 ? 152 ALA A O   1 
ATOM   1145 C CB  . ALA A 1 152 ? 0.01337   16.44462  -5.62089  1.000 41.54867 ? 152 ALA A CB  1 
ATOM   1146 N N   . HIS A 1 153 ? -0.51286  17.06734  -2.31719  1.000 33.84553 ? 153 HIS A N   1 
ATOM   1147 C CA  . HIS A 1 153 ? -1.23453  17.88013  -1.34886  1.000 30.27754 ? 153 HIS A CA  1 
ATOM   1148 C C   . HIS A 1 153 ? -0.40483  18.18748  -0.10520  1.000 27.24237 ? 153 HIS A C   1 
ATOM   1149 O O   . HIS A 1 153 ? -0.96194  18.62519  0.90540   1.000 32.80445 ? 153 HIS A O   1 
ATOM   1150 C CB  . HIS A 1 153 ? -2.54793  17.20511  -0.96479  1.000 31.17609 ? 153 HIS A CB  1 
ATOM   1151 C CG  . HIS A 1 153 ? -3.43383  16.91368  -2.13444  1.000 46.94617 ? 153 HIS A CG  1 
ATOM   1152 N ND1 . HIS A 1 153 ? -3.32610  17.58792  -3.33180  1.000 64.11568 ? 153 HIS A ND1 1 
ATOM   1153 C CD2 . HIS A 1 153 ? -4.43064  16.01191  -2.29781  1.000 51.13417 ? 153 HIS A CD2 1 
ATOM   1154 C CE1 . HIS A 1 153 ? -4.22518  17.12052  -4.17960  1.000 68.67606 ? 153 HIS A CE1 1 
ATOM   1155 N NE2 . HIS A 1 153 ? -4.90936  16.16465  -3.57612  1.000 63.43550 ? 153 HIS A NE2 1 
ATOM   1156 N N   . ILE A 1 154 ? 0.90592   17.96889  -0.16190  1.000 24.51844 ? 154 ILE A N   1 
ATOM   1157 C CA  . ILE A 1 154 ? 1.82408   18.27018  0.93246   1.000 27.91729 ? 154 ILE A CA  1 
ATOM   1158 C C   . ILE A 1 154 ? 2.82544   19.30517  0.43570   1.000 32.78067 ? 154 ILE A C   1 
ATOM   1159 O O   . ILE A 1 154 ? 3.28707   19.22061  -0.70684  1.000 33.24905 ? 154 ILE A O   1 
ATOM   1160 C CB  . ILE A 1 154 ? 2.56544   16.99410  1.39037   1.000 27.67679 ? 154 ILE A CB  1 
ATOM   1161 C CG1 . ILE A 1 154 ? 1.57491   15.90455  1.79988   1.000 34.66668 ? 154 ILE A CG1 1 
ATOM   1162 C CG2 . ILE A 1 154 ? 3.52209   17.30031  2.53745   1.000 36.31393 ? 154 ILE A CG2 1 
ATOM   1163 C CD1 . ILE A 1 154 ? 0.61435   16.35979  2.85899   1.000 33.58786 ? 154 ILE A CD1 1 
ATOM   1164 N N   . CYS A 1 155 ? 3.17460   20.27516  1.28590   1.000 25.08663 ? 155 CYS A N   1 
ATOM   1165 C CA  . CYS A 1 155 ? 4.20595   21.24215  0.91686   1.000 28.05271 ? 155 CYS A CA  1 
ATOM   1166 C C   . CYS A 1 155 ? 5.00194   21.67803  2.14540   1.000 42.26722 ? 155 CYS A C   1 
ATOM   1167 O O   . CYS A 1 155 ? 4.64903   21.37654  3.28857   1.000 26.09341 ? 155 CYS A O   1 
ATOM   1168 C CB  . CYS A 1 155 ? 3.61890   22.43128  0.14557   1.000 40.17233 ? 155 CYS A CB  1 
ATOM   1169 S SG  . CYS A 1 155 ? 2.50577   23.49211  1.10384   1.000 36.68915 ? 155 CYS A SG  1 
ATOM   1170 N N   . SER A 1 156 ? 6.08014   22.41883  1.89455   1.000 41.42680 ? 156 SER A N   1 
ATOM   1171 C CA  . SER A 1 156 ? 7.04387   22.74883  2.93694   1.000 51.59223 ? 156 SER A CA  1 
ATOM   1172 C C   . SER A 1 156 ? 6.42707   23.64598  4.01510   1.000 54.25106 ? 156 SER A C   1 
ATOM   1173 O O   . SER A 1 156 ? 5.31925   24.17879  3.87908   1.000 45.19118 ? 156 SER A O   1 
ATOM   1174 C CB  . SER A 1 156 ? 8.27419   23.43108  2.33663   1.000 50.70496 ? 156 SER A CB  1 
ATOM   1175 O OG  . SER A 1 156 ? 9.16961   23.85293  3.35380   1.000 63.64227 ? 156 SER A OG  1 
ATOM   1176 N N   . SER A 1 157 ? 7.18321   23.80834  5.09948   1.000 59.58221 ? 157 SER A N   1 
ATOM   1177 C CA  . SER A 1 157 ? 6.81475   24.66308  6.22630   1.000 58.31984 ? 157 SER A CA  1 
ATOM   1178 C C   . SER A 1 157 ? 5.57982   24.15242  6.95422   1.000 47.28552 ? 157 SER A C   1 
ATOM   1179 O O   . SER A 1 157 ? 5.66977   23.70431  8.10101   1.000 50.88131 ? 157 SER A O   1 
ATOM   1180 C CB  . SER A 1 157 ? 6.62939   26.12136  5.78723   1.000 57.79993 ? 157 SER A CB  1 
ATOM   1181 O OG  . SER A 1 157 ? 6.16603   26.92051  6.86343   1.000 59.28148 ? 157 SER A OG  1 
HETATM 1182 O O   . HOH B 2 .   ? -3.68834  15.21494  4.65977   1.000 46.75073 ? 201 HOH A O   1 
HETATM 1183 O O   . HOH B 2 .   ? -6.58795  0.84296   21.55576  1.000 41.18630 ? 202 HOH A O   1 
HETATM 1184 O O   . HOH B 2 .   ? -15.03305 -11.36400 -8.02838  1.000 51.85539 ? 203 HOH A O   1 
HETATM 1185 O O   . HOH B 2 .   ? 13.18800  0.30706   4.10546   1.000 47.23537 ? 204 HOH A O   1 
HETATM 1186 O O   . HOH B 2 .   ? 7.92632   27.75983  8.33718   1.000 52.25422 ? 205 HOH A O   1 
HETATM 1187 O O   . HOH B 2 .   ? -3.66306  3.32661   -3.07811  1.000 42.10083 ? 206 HOH A O   1 
HETATM 1188 O O   . HOH B 2 .   ? -12.15772 -9.60952  -10.77285 1.000 44.69244 ? 207 HOH A O   1 
HETATM 1189 O O   . HOH B 2 .   ? -16.25306 -3.80208  3.38896   1.000 25.98134 ? 208 HOH A O   1 
HETATM 1190 O O   . HOH B 2 .   ? 11.72540  -2.18116  5.23211   1.000 36.03921 ? 209 HOH A O   1 
HETATM 1191 O O   . HOH B 2 .   ? -3.83682  -11.39821 7.83655   1.000 33.65904 ? 210 HOH A O   1 
HETATM 1192 O O   . HOH B 2 .   ? -0.24200  -0.17383  10.65401  1.000 36.04175 ? 211 HOH A O   1 
HETATM 1193 O O   . HOH B 2 .   ? -7.73702  -7.87093  -9.03452  1.000 30.06562 ? 212 HOH A O   1 
HETATM 1194 O O   . HOH B 2 .   ? -5.96762  -3.20407  6.85017   1.000 25.72919 ? 213 HOH A O   1 
HETATM 1195 O O   . HOH B 2 .   ? 0.40601   2.90303   -19.13345 1.000 37.26510 ? 214 HOH A O   1 
HETATM 1196 O O   . HOH B 2 .   ? -14.99868 -2.30112  13.68844  1.000 38.75395 ? 215 HOH A O   1 
HETATM 1197 O O   . HOH B 2 .   ? 12.80461  -2.67249  -1.00294  1.000 36.94732 ? 216 HOH A O   1 
HETATM 1198 O O   . HOH B 2 .   ? -5.12194  -16.11708 -13.24429 1.000 41.11309 ? 217 HOH A O   1 
HETATM 1199 O O   . HOH B 2 .   ? -7.08085  -6.90149  -11.91319 1.000 37.31913 ? 218 HOH A O   1 
HETATM 1200 O O   . HOH B 2 .   ? 3.75126   22.62204  9.55584   1.000 35.35232 ? 219 HOH A O   1 
HETATM 1201 O O   . HOH B 2 .   ? -7.21328  -3.95424  -14.17666 1.000 29.08513 ? 220 HOH A O   1 
HETATM 1202 O O   . HOH B 2 .   ? -15.30794 -8.23426  -8.97698  1.000 41.04156 ? 221 HOH A O   1 
HETATM 1203 O O   . HOH B 2 .   ? -4.24155  1.01516   -12.95110 1.000 25.70893 ? 222 HOH A O   1 
HETATM 1204 O O   . HOH B 2 .   ? 14.12203  1.50708   6.74471   1.000 43.49661 ? 223 HOH A O   1 
HETATM 1205 O O   . HOH B 2 .   ? -1.15969  2.42543   8.26739   1.000 38.94773 ? 224 HOH A O   1 
HETATM 1206 O O   . HOH B 2 .   ? 7.81910   -8.90936  -11.81244 1.000 18.11461 ? 225 HOH A O   1 
HETATM 1207 O O   . HOH B 2 .   ? 8.90034   -1.41401  -0.74859  1.000 19.39771 ? 226 HOH A O   1 
HETATM 1208 O O   . HOH B 2 .   ? 15.43845  15.47545  7.34472   1.000 34.93292 ? 227 HOH A O   1 
HETATM 1209 O O   . HOH B 2 .   ? -0.57628  -5.61002  14.20874  1.000 32.57332 ? 228 HOH A O   1 
HETATM 1210 O O   . HOH B 2 .   ? 6.88516   -6.63885  5.04787   1.000 33.58969 ? 229 HOH A O   1 
HETATM 1211 O O   . HOH B 2 .   ? -2.13575  -6.00179  12.11907  1.000 26.65801 ? 230 HOH A O   1 
HETATM 1212 O O   . HOH B 2 .   ? -1.02298  -12.89143 0.15725   1.000 20.75133 ? 231 HOH A O   1 
HETATM 1213 O O   . HOH B 2 .   ? 4.17379   -15.80702 -16.23138 1.000 39.86857 ? 232 HOH A O   1 
HETATM 1214 O O   . HOH B 2 .   ? -8.76230  -18.00055 -10.59657 1.000 46.48943 ? 233 HOH A O   1 
HETATM 1215 O O   . HOH B 2 .   ? 5.47868   -12.17400 -13.92479 1.000 26.69073 ? 234 HOH A O   1 
HETATM 1216 O O   . HOH B 2 .   ? -18.84782 -5.20845  6.71924   1.000 24.62671 ? 235 HOH A O   1 
HETATM 1217 O O   . HOH B 2 .   ? -17.86009 -6.71078  -12.13619 1.000 38.05836 ? 236 HOH A O   1 
HETATM 1218 O O   . HOH B 2 .   ? 3.69044   -12.12701 -1.60171  1.000 32.60538 ? 237 HOH A O   1 
HETATM 1219 O O   . HOH B 2 .   ? -5.21257  -17.24924 -4.32696  1.000 28.29433 ? 238 HOH A O   1 
HETATM 1220 O O   . HOH B 2 .   ? 1.41578   -13.44646 1.24692   1.000 35.99822 ? 239 HOH A O   1 
HETATM 1221 O O   . HOH B 2 .   ? 2.35082   -3.50078  13.44016  1.000 30.41111 ? 240 HOH A O   1 
HETATM 1222 O O   . HOH B 2 .   ? 3.52519   -11.58302 -16.91990 1.000 26.45689 ? 241 HOH A O   1 
HETATM 1223 O O   . HOH B 2 .   ? -3.49495  -7.76581  -11.37378 1.000 25.09222 ? 242 HOH A O   1 
HETATM 1224 O O   . HOH B 2 .   ? -17.43156 2.10675   5.37457   1.000 32.33605 ? 243 HOH A O   1 
HETATM 1225 O O   . HOH B 2 .   ? -4.71786  -16.05639 1.32719   1.000 30.04728 ? 244 HOH A O   1 
HETATM 1226 O O   . HOH B 2 .   ? 6.69683   4.00404   4.57306   1.000 20.66694 ? 245 HOH A O   1 
HETATM 1227 O O   . HOH B 2 .   ? 0.79965   -7.08377  7.31949   1.000 25.61233 ? 246 HOH A O   1 
HETATM 1228 O O   . HOH B 2 .   ? 15.11337  8.54926   12.49530  1.000 51.52153 ? 247 HOH A O   1 
HETATM 1229 O O   . HOH B 2 .   ? -2.34396  -15.38163 5.55688   1.000 39.59274 ? 248 HOH A O   1 
HETATM 1230 O O   . HOH B 2 .   ? 11.69412  -3.27026  -3.38303  1.000 24.59595 ? 249 HOH A O   1 
HETATM 1231 O O   . HOH B 2 .   ? -15.71536 -8.62454  -5.75308  1.000 39.96695 ? 250 HOH A O   1 
HETATM 1232 O O   . HOH B 2 .   ? -8.52168  -7.91909  -4.63368  1.000 22.40795 ? 251 HOH A O   1 
HETATM 1233 O O   . HOH B 2 .   ? 5.91845   -3.55386  7.98161   1.000 33.88951 ? 252 HOH A O   1 
HETATM 1234 O O   . HOH B 2 .   ? -17.29630 1.50710   -13.88515 1.000 31.47176 ? 253 HOH A O   1 
HETATM 1235 O O   . HOH B 2 .   ? -12.98905 -9.97090  -0.28698  1.000 34.55773 ? 254 HOH A O   1 
HETATM 1236 O O   . HOH B 2 .   ? -7.80225  -12.33183 6.66498   1.000 37.26102 ? 255 HOH A O   1 
HETATM 1237 O O   . HOH B 2 .   ? -5.61597  -9.16198  -10.14560 1.000 28.60839 ? 256 HOH A O   1 
HETATM 1238 O O   . HOH B 2 .   ? -8.92763  -11.02582 -10.63821 1.000 34.19537 ? 257 HOH A O   1 
HETATM 1239 O O   . HOH B 2 .   ? -5.29177  10.91684  9.81516   1.000 37.96348 ? 258 HOH A O   1 
HETATM 1240 O O   . HOH B 2 .   ? -1.38209  3.56039   5.10661   1.000 38.01211 ? 259 HOH A O   1 
HETATM 1241 O O   . HOH B 2 .   ? 12.96364  14.43313  -7.28994  1.000 35.16801 ? 260 HOH A O   1 
HETATM 1242 O O   . HOH B 2 .   ? -3.01082  -18.84731 -1.60641  1.000 30.17573 ? 261 HOH A O   1 
HETATM 1243 O O   . HOH B 2 .   ? -1.73773  11.01911  -9.32525  1.000 35.34226 ? 262 HOH A O   1 
HETATM 1244 O O   . HOH B 2 .   ? -16.75440 -4.08248  -4.73298  1.000 26.53024 ? 263 HOH A O   1 
HETATM 1245 O O   . HOH B 2 .   ? 6.49164   -0.09565  15.09383  1.000 33.95002 ? 264 HOH A O   1 
HETATM 1246 O O   . HOH B 2 .   ? -10.63490 -15.01885 -4.88988  1.000 39.44601 ? 265 HOH A O   1 
HETATM 1247 O O   . HOH B 2 .   ? 12.67666  3.85563   0.15332   1.000 32.28035 ? 266 HOH A O   1 
HETATM 1248 O O   . HOH B 2 .   ? -8.27629  2.74030   -11.76833 1.000 29.63101 ? 267 HOH A O   1 
HETATM 1249 O O   . HOH B 2 .   ? 14.67414  12.37897  5.17954   1.000 30.53295 ? 268 HOH A O   1 
HETATM 1250 O O   . HOH B 2 .   ? 18.94183  6.25375   3.68562   1.000 47.35853 ? 269 HOH A O   1 
HETATM 1251 O O   . HOH B 2 .   ? -1.35964  -8.46679  17.48993  1.000 46.10972 ? 270 HOH A O   1 
HETATM 1252 O O   . HOH B 2 .   ? -9.85499  -4.04958  -13.72441 1.000 27.74684 ? 271 HOH A O   1 
HETATM 1253 O O   . HOH B 2 .   ? -8.67227  4.19536   16.88913  1.000 42.01149 ? 272 HOH A O   1 
HETATM 1254 O O   . HOH B 2 .   ? -3.55758  0.03071   9.98760   1.000 36.08844 ? 273 HOH A O   1 
HETATM 1255 O O   . HOH B 2 .   ? 6.14442   -16.90054 -3.15406  1.000 40.21842 ? 274 HOH A O   1 
HETATM 1256 O O   . HOH B 2 .   ? -0.82114  4.47745   -2.77011  1.000 28.19314 ? 275 HOH A O   1 
HETATM 1257 O O   . HOH B 2 .   ? -8.45370  -16.21945 -0.73880  1.000 35.73413 ? 276 HOH A O   1 
HETATM 1258 O O   . HOH B 2 .   ? -2.01140  -15.50960 0.38041   1.000 27.22282 ? 277 HOH A O   1 
HETATM 1259 O O   . HOH B 2 .   ? -17.43673 -2.64752  -14.68057 1.000 30.79408 ? 278 HOH A O   1 
HETATM 1260 O O   . HOH B 2 .   ? -4.75111  2.78905   20.16692  1.000 30.82799 ? 279 HOH A O   1 
HETATM 1261 O O   . HOH B 2 .   ? -11.81175 3.25650   -12.48475 1.000 39.21972 ? 280 HOH A O   1 
HETATM 1262 O O   . HOH B 2 .   ? -16.08599 -1.37860  10.14944  1.000 28.47191 ? 281 HOH A O   1 
HETATM 1263 O O   . HOH B 2 .   ? 0.00252   -0.20312  -15.53525 1.000 29.44243 ? 282 HOH A O   1 
HETATM 1264 O O   . HOH B 2 .   ? 14.36126  7.05248   -7.15907  1.000 28.73457 ? 283 HOH A O   1 
HETATM 1265 O O   . HOH B 2 .   ? -18.96475 -8.11805  3.02684   1.000 49.13456 ? 284 HOH A O   1 
HETATM 1266 O O   . HOH B 2 .   ? 9.31636   -11.59694 -4.95953  1.000 29.48790 ? 285 HOH A O   1 
HETATM 1267 O O   . HOH B 2 .   ? -10.32239 -14.97276 -2.32315  1.000 31.66630 ? 286 HOH A O   1 
HETATM 1268 O O   . HOH B 2 .   ? -4.99321  -0.12597  5.30430   1.000 35.38258 ? 287 HOH A O   1 
HETATM 1269 O O   . HOH B 2 .   ? -14.72593 2.59024   7.76145   1.000 45.52253 ? 288 HOH A O   1 
HETATM 1270 O O   . HOH B 2 .   ? -5.00049  7.22068   12.86704  1.000 47.49041 ? 289 HOH A O   1 
HETATM 1271 O O   . HOH B 2 .   ? -2.08182  -5.96346  -14.94226 1.000 26.43387 ? 290 HOH A O   1 
HETATM 1272 O O   . HOH B 2 .   ? 9.52177   -0.98355  14.58797  1.000 49.02126 ? 291 HOH A O   1 
HETATM 1273 O O   . HOH B 2 .   ? -4.39835  -7.51281  -14.32227 1.000 35.22968 ? 292 HOH A O   1 
HETATM 1274 O O   . HOH B 2 .   ? -4.58976  2.14570   -16.75011 1.000 45.06949 ? 293 HOH A O   1 
HETATM 1275 O O   . HOH B 2 .   ? 9.95714   17.88393  5.80515   1.000 35.57243 ? 294 HOH A O   1 
HETATM 1276 O O   . HOH B 2 .   ? -13.60317 -12.36331 -0.22086  1.000 44.70562 ? 295 HOH A O   1 
HETATM 1277 O O   . HOH B 2 .   ? -2.35893  -1.18267  -16.25388 1.000 33.21002 ? 296 HOH A O   1 
HETATM 1278 O O   . HOH B 2 .   ? 3.12806   -9.93523  4.51741   1.000 34.55360 ? 297 HOH A O   1 
HETATM 1279 O O   . HOH B 2 .   ? 3.58357   -2.10686  15.14916  1.000 42.42423 ? 298 HOH A O   1 
HETATM 1280 O O   . HOH B 2 .   ? -14.24433 3.84125   4.19511   1.000 33.68720 ? 299 HOH A O   1 
HETATM 1281 O O   . HOH B 2 .   ? -16.89380 5.87887   -2.81724  1.000 41.54845 ? 300 HOH A O   1 
HETATM 1282 O O   . HOH B 2 .   ? -1.63848  6.61155   -1.40049  1.000 44.98746 ? 301 HOH A O   1 
HETATM 1283 O O   . HOH B 2 .   ? -5.11482  0.94171   12.47486  1.000 41.20411 ? 302 HOH A O   1 
HETATM 1284 O O   . HOH B 2 .   ? 7.47157   16.03888  -3.30149  1.000 33.62565 ? 303 HOH A O   1 
HETATM 1285 O O   . HOH B 2 .   ? -16.69201 -4.33665  10.89020  1.000 34.70896 ? 304 HOH A O   1 
HETATM 1286 O O   . HOH B 2 .   ? 0.02341   -13.61525 -18.70821 1.000 45.07229 ? 305 HOH A O   1 
HETATM 1287 O O   . HOH B 2 .   ? -6.02867  6.23397   -9.19618  1.000 37.86912 ? 306 HOH A O   1 
HETATM 1288 O O   . HOH B 2 .   ? 1.70198   -9.07735  -17.45623 1.000 17.22452 ? 307 HOH A O   1 
HETATM 1289 O O   . HOH B 2 .   ? 15.07659  15.92082  4.50085   1.000 46.41387 ? 308 HOH A O   1 
HETATM 1290 O O   . HOH B 2 .   ? 8.93385   19.40128  3.77446   1.000 35.94821 ? 309 HOH A O   1 
HETATM 1291 O O   . HOH B 2 .   ? 11.62821  15.27830  -4.60338  1.000 38.72252 ? 310 HOH A O   1 
HETATM 1292 O O   . HOH B 2 .   ? 15.68034  3.67807   -0.10553  1.000 46.16242 ? 311 HOH A O   1 
HETATM 1293 O O   . HOH B 2 .   ? 5.96651   16.51992  -1.11613  1.000 44.44495 ? 312 HOH A O   1 
HETATM 1294 O O   . HOH B 2 .   ? -19.16059 -6.54621  0.31831   1.000 40.53446 ? 313 HOH A O   1 
HETATM 1295 O O   . HOH B 2 .   ? -2.04132  13.43591  -8.66615  1.000 43.83103 ? 314 HOH A O   1 
HETATM 1296 O O   . HOH B 2 .   ? 6.39338   -9.82903  1.23032   1.000 43.12976 ? 315 HOH A O   1 
HETATM 1297 O O   . HOH B 2 .   ? 0.87190   6.00223   -17.17836 1.000 33.29015 ? 316 HOH A O   1 
HETATM 1298 O O   . HOH B 2 .   ? 10.74928  21.92393  6.09633   1.000 46.23756 ? 317 HOH A O   1 
HETATM 1299 O O   . HOH B 2 .   ? -5.37131  3.36859   -12.38779 1.000 34.49075 ? 318 HOH A O   1 
HETATM 1300 O O   . HOH B 2 .   ? -0.55504  -17.33096 1.56381   1.000 41.18332 ? 319 HOH A O   1 
HETATM 1301 O O   . HOH B 2 .   ? 14.72863  -3.50994  -7.03153  1.000 31.75221 ? 320 HOH A O   1 
HETATM 1302 O O   . HOH B 2 .   ? -2.97472  -10.11185 16.86623  1.000 53.84610 ? 321 HOH A O   1 
HETATM 1303 O O   . HOH B 2 .   ? 2.25861   -9.44816  6.98422   1.000 46.83955 ? 322 HOH A O   1 
HETATM 1304 O O   . HOH B 2 .   ? -6.62231  -17.53284 -1.99636  1.000 45.21395 ? 323 HOH A O   1 
HETATM 1305 O O   . HOH B 2 .   ? 1.59025   -15.57013 2.53233   1.000 47.01904 ? 324 HOH A O   1 
HETATM 1306 O O   . HOH B 2 .   ? 9.20462   -5.86922  4.82334   1.000 44.22547 ? 325 HOH A O   1 
HETATM 1307 O O   . HOH B 2 .   ? -18.66871 1.79390   7.85631   1.000 33.14652 ? 326 HOH A O   1 
HETATM 1308 O O   . HOH B 2 .   ? 17.77659  5.28090   -8.93599  1.000 37.09900 ? 327 HOH A O   1 
HETATM 1309 O O   . HOH B 2 .   ? -14.35268 4.15394   -12.14493 1.000 41.26152 ? 328 HOH A O   1 
HETATM 1310 O O   . HOH B 2 .   ? 17.85555  7.01116   -4.34721  1.000 45.01799 ? 329 HOH A O   1 
HETATM 1311 O O   . HOH B 2 .   ? -4.10772  4.64480   16.09172  1.000 40.33827 ? 330 HOH A O   1 
HETATM 1312 O O   . HOH B 2 .   ? 17.14718  3.85377   17.86425  1.000 50.68816 ? 331 HOH A O   1 
HETATM 1313 O O   . HOH B 2 .   ? 5.97673   -9.04125  3.50752   1.000 43.09537 ? 332 HOH A O   1 
HETATM 1314 O O   . HOH B 2 .   ? -6.30464  -8.62727  -15.48832 1.000 46.73651 ? 333 HOH A O   1 
HETATM 1315 O O   . HOH B 2 .   ? -9.32475  -7.28736  -13.40247 1.000 47.49778 ? 334 HOH A O   1 
HETATM 1316 O O   . HOH B 2 .   ? -6.34676  4.17004   -14.91844 1.000 46.71976 ? 335 HOH A O   1 
HETATM 1317 O O   . HOH B 2 .   ? 17.69288  8.65964   -10.21373 1.000 37.47957 ? 336 HOH A O   1 
HETATM 1318 O O   . HOH B 2 .   ? 9.21349   -9.06884  0.68396   1.000 49.43534 ? 337 HOH A O   1 
# 
